data_8A2V
# 
_entry.id   8A2V 
# 
_audit_conform.dict_name       mmcif_pdbx.dic 
_audit_conform.dict_version    5.385 
_audit_conform.dict_location   http://mmcif.pdb.org/dictionaries/ascii/mmcif_pdbx.dic 
# 
loop_
_database_2.database_id 
_database_2.database_code 
_database_2.pdbx_database_accession 
_database_2.pdbx_DOI 
PDB   8A2V         pdb_00008a2v 10.2210/pdb8a2v/pdb 
WWPDB D_1292123515 ?            ?                   
# 
loop_
_pdbx_audit_revision_history.ordinal 
_pdbx_audit_revision_history.data_content_type 
_pdbx_audit_revision_history.major_revision 
_pdbx_audit_revision_history.minor_revision 
_pdbx_audit_revision_history.revision_date 
1 'Structure model' 1 0 2023-03-29 
2 'Structure model' 1 1 2024-02-07 
# 
_pdbx_audit_revision_details.ordinal             1 
_pdbx_audit_revision_details.revision_ordinal    1 
_pdbx_audit_revision_details.data_content_type   'Structure model' 
_pdbx_audit_revision_details.provider            repository 
_pdbx_audit_revision_details.type                'Initial release' 
_pdbx_audit_revision_details.description         ? 
_pdbx_audit_revision_details.details             ? 
# 
loop_
_pdbx_audit_revision_group.ordinal 
_pdbx_audit_revision_group.revision_ordinal 
_pdbx_audit_revision_group.data_content_type 
_pdbx_audit_revision_group.group 
1 2 'Structure model' 'Data collection'        
2 2 'Structure model' 'Refinement description' 
# 
loop_
_pdbx_audit_revision_category.ordinal 
_pdbx_audit_revision_category.revision_ordinal 
_pdbx_audit_revision_category.data_content_type 
_pdbx_audit_revision_category.category 
1 2 'Structure model' chem_comp_atom                
2 2 'Structure model' chem_comp_bond                
3 2 'Structure model' pdbx_initial_refinement_model 
# 
_pdbx_database_status.status_code                     REL 
_pdbx_database_status.status_code_sf                  REL 
_pdbx_database_status.status_code_mr                  ? 
_pdbx_database_status.entry_id                        8A2V 
_pdbx_database_status.recvd_initial_deposition_date   2022-06-06 
_pdbx_database_status.SG_entry                        N 
_pdbx_database_status.deposit_site                    PDBE 
_pdbx_database_status.process_site                    PDBE 
_pdbx_database_status.status_code_cs                  ? 
_pdbx_database_status.status_code_nmr_data            ? 
_pdbx_database_status.methods_development_category    ? 
_pdbx_database_status.pdb_format_compatible           Y 
# 
_pdbx_contact_author.id                 3 
_pdbx_contact_author.email              antoine.royant@esrf.fr 
_pdbx_contact_author.name_first         Antoine 
_pdbx_contact_author.name_last          Royant 
_pdbx_contact_author.name_mi            ? 
_pdbx_contact_author.role               'principal investigator/group leader' 
_pdbx_contact_author.identifier_ORCID   0000-0002-1919-8649 
# 
loop_
_audit_author.name 
_audit_author.pdbx_ordinal 
_audit_author.identifier_ORCID 
'Engilberge, S.' 1 ? 
'Caramello, N.'  2 ? 
'Royant, A.'     3 ? 
# 
_citation.abstract                  ? 
_citation.abstract_id_CAS           ? 
_citation.book_id_ISBN              ? 
_citation.book_publisher            ? 
_citation.book_publisher_city       ? 
_citation.book_title                ? 
_citation.coordinate_linkage        ? 
_citation.country                   UK 
_citation.database_id_Medline       ? 
_citation.details                   ? 
_citation.id                        primary 
_citation.journal_abbrev            Iucrj 
_citation.journal_id_ASTM           ? 
_citation.journal_id_CSD            ? 
_citation.journal_id_ISSN           2052-2525 
_citation.journal_full              ? 
_citation.journal_issue             ? 
_citation.journal_volume            9 
_citation.language                  ? 
_citation.page_first                756 
_citation.page_last                 767 
_citation.title                     
'Slow protein dynamics probed by time-resolved oscillation crystallography at room temperature.' 
_citation.year                      2022 
_citation.database_id_CSD           ? 
_citation.pdbx_database_id_DOI      10.1107/S2052252522009150 
_citation.pdbx_database_id_PubMed   36381146 
_citation.pdbx_database_id_patent   ? 
_citation.unpublished_flag          ? 
# 
loop_
_citation_author.citation_id 
_citation_author.name 
_citation_author.ordinal 
_citation_author.identifier_ORCID 
primary 'Aumonier, S.'          1 0000-0002-1568-2150 
primary 'Engilberge, S.'        2 0000-0001-8680-6790 
primary 'Caramello, N.'         3 0000-0003-0025-0213 
primary 'von Stetten, D.'       4 0000-0001-7906-9788 
primary 'Gotthard, G.'          5 0000-0003-2830-0286 
primary 'Leonard, G.A.'         6 0000-0001-5030-0122 
primary 'Mueller-Dieckmann, C.' 7 0000-0003-3625-2747 
primary 'Royant, A.'            8 0000-0002-1919-8649 
# 
loop_
_entity.id 
_entity.type 
_entity.src_method 
_entity.pdbx_description 
_entity.formula_weight 
_entity.pdbx_number_of_molecules 
_entity.pdbx_ec 
_entity.pdbx_mutation 
_entity.pdbx_fragment 
_entity.details 
1 polymer     man Phototropin-2                          15007.909 1  2.7.11.1 ? ? ? 
2 non-polymer syn 'FLAVIN MONONUCLEOTIDE'                456.344   1  ?        ? ? ? 
3 non-polymer syn '2-(N-MORPHOLINO)-ETHANESULFONIC ACID' 195.237   1  ?        ? ? ? 
4 water       nat water                                  18.015    90 ?        ? ? ? 
# 
_entity_name_com.entity_id   1 
_entity_name_com.name        
'Defective in chloroplast avoidance protein 1,Non-phototropic hypocotyl 1-like protein 1,NPH1-like protein 1' 
# 
_entity_poly.entity_id                      1 
_entity_poly.type                           'polypeptide(L)' 
_entity_poly.nstd_linkage                   no 
_entity_poly.nstd_monomer                   no 
_entity_poly.pdbx_seq_one_letter_code       
;MEKNFVISDPRLPDNPIIFASDSFLELTEYSREEILGRNCRFLQGPETDQATVQKIRDAIRDQREITVQLINYTKSGKKF
WNLFHLQPMRDQKGELQYFIGVQLDGEFIPNPLLGLDSTRTGHHHHHH
;
_entity_poly.pdbx_seq_one_letter_code_can   
;MEKNFVISDPRLPDNPIIFASDSFLELTEYSREEILGRNCRFLQGPETDQATVQKIRDAIRDQREITVQLINYTKSGKKF
WNLFHLQPMRDQKGELQYFIGVQLDGEFIPNPLLGLDSTRTGHHHHHH
;
_entity_poly.pdbx_strand_id                 A 
_entity_poly.pdbx_target_identifier         ? 
# 
loop_
_pdbx_entity_nonpoly.entity_id 
_pdbx_entity_nonpoly.name 
_pdbx_entity_nonpoly.comp_id 
2 'FLAVIN MONONUCLEOTIDE'                FMN 
3 '2-(N-MORPHOLINO)-ETHANESULFONIC ACID' MES 
4 water                                  HOH 
# 
loop_
_entity_poly_seq.entity_id 
_entity_poly_seq.num 
_entity_poly_seq.mon_id 
_entity_poly_seq.hetero 
1 1   MET n 
1 2   GLU n 
1 3   LYS n 
1 4   ASN n 
1 5   PHE n 
1 6   VAL n 
1 7   ILE n 
1 8   SER n 
1 9   ASP n 
1 10  PRO n 
1 11  ARG n 
1 12  LEU n 
1 13  PRO n 
1 14  ASP n 
1 15  ASN n 
1 16  PRO n 
1 17  ILE n 
1 18  ILE n 
1 19  PHE n 
1 20  ALA n 
1 21  SER n 
1 22  ASP n 
1 23  SER n 
1 24  PHE n 
1 25  LEU n 
1 26  GLU n 
1 27  LEU n 
1 28  THR n 
1 29  GLU n 
1 30  TYR n 
1 31  SER n 
1 32  ARG n 
1 33  GLU n 
1 34  GLU n 
1 35  ILE n 
1 36  LEU n 
1 37  GLY n 
1 38  ARG n 
1 39  ASN n 
1 40  CYS n 
1 41  ARG n 
1 42  PHE n 
1 43  LEU n 
1 44  GLN n 
1 45  GLY n 
1 46  PRO n 
1 47  GLU n 
1 48  THR n 
1 49  ASP n 
1 50  GLN n 
1 51  ALA n 
1 52  THR n 
1 53  VAL n 
1 54  GLN n 
1 55  LYS n 
1 56  ILE n 
1 57  ARG n 
1 58  ASP n 
1 59  ALA n 
1 60  ILE n 
1 61  ARG n 
1 62  ASP n 
1 63  GLN n 
1 64  ARG n 
1 65  GLU n 
1 66  ILE n 
1 67  THR n 
1 68  VAL n 
1 69  GLN n 
1 70  LEU n 
1 71  ILE n 
1 72  ASN n 
1 73  TYR n 
1 74  THR n 
1 75  LYS n 
1 76  SER n 
1 77  GLY n 
1 78  LYS n 
1 79  LYS n 
1 80  PHE n 
1 81  TRP n 
1 82  ASN n 
1 83  LEU n 
1 84  PHE n 
1 85  HIS n 
1 86  LEU n 
1 87  GLN n 
1 88  PRO n 
1 89  MET n 
1 90  ARG n 
1 91  ASP n 
1 92  GLN n 
1 93  LYS n 
1 94  GLY n 
1 95  GLU n 
1 96  LEU n 
1 97  GLN n 
1 98  TYR n 
1 99  PHE n 
1 100 ILE n 
1 101 GLY n 
1 102 VAL n 
1 103 GLN n 
1 104 LEU n 
1 105 ASP n 
1 106 GLY n 
1 107 GLU n 
1 108 PHE n 
1 109 ILE n 
1 110 PRO n 
1 111 ASN n 
1 112 PRO n 
1 113 LEU n 
1 114 LEU n 
1 115 GLY n 
1 116 LEU n 
1 117 ASP n 
1 118 SER n 
1 119 THR n 
1 120 ARG n 
1 121 THR n 
1 122 GLY n 
1 123 HIS n 
1 124 HIS n 
1 125 HIS n 
1 126 HIS n 
1 127 HIS n 
1 128 HIS n 
# 
_entity_src_gen.entity_id                          1 
_entity_src_gen.pdbx_src_id                        1 
_entity_src_gen.pdbx_alt_source_flag               sample 
_entity_src_gen.pdbx_seq_type                      'Biological sequence' 
_entity_src_gen.pdbx_beg_seq_num                   1 
_entity_src_gen.pdbx_end_seq_num                   128 
_entity_src_gen.gene_src_common_name               'thale cress' 
_entity_src_gen.gene_src_genus                     ? 
_entity_src_gen.pdbx_gene_src_gene                 'PHOT2, CAV1, KIN7, NPL1, At5g58140, K21L19.6' 
_entity_src_gen.gene_src_species                   ? 
_entity_src_gen.gene_src_strain                    ? 
_entity_src_gen.gene_src_tissue                    ? 
_entity_src_gen.gene_src_tissue_fraction           ? 
_entity_src_gen.gene_src_details                   ? 
_entity_src_gen.pdbx_gene_src_fragment             ? 
_entity_src_gen.pdbx_gene_src_scientific_name      'Arabidopsis thaliana' 
_entity_src_gen.pdbx_gene_src_ncbi_taxonomy_id     3702 
_entity_src_gen.pdbx_gene_src_variant              ? 
_entity_src_gen.pdbx_gene_src_cell_line            ? 
_entity_src_gen.pdbx_gene_src_atcc                 ? 
_entity_src_gen.pdbx_gene_src_organ                ? 
_entity_src_gen.pdbx_gene_src_organelle            ? 
_entity_src_gen.pdbx_gene_src_cell                 ? 
_entity_src_gen.pdbx_gene_src_cellular_location    ? 
_entity_src_gen.host_org_common_name               ? 
_entity_src_gen.pdbx_host_org_scientific_name      'Escherichia coli BL21(DE3)' 
_entity_src_gen.pdbx_host_org_ncbi_taxonomy_id     469008 
_entity_src_gen.host_org_genus                     ? 
_entity_src_gen.pdbx_host_org_gene                 ? 
_entity_src_gen.pdbx_host_org_organ                ? 
_entity_src_gen.host_org_species                   ? 
_entity_src_gen.pdbx_host_org_tissue               ? 
_entity_src_gen.pdbx_host_org_tissue_fraction      ? 
_entity_src_gen.pdbx_host_org_strain               ? 
_entity_src_gen.pdbx_host_org_variant              ? 
_entity_src_gen.pdbx_host_org_cell_line            ? 
_entity_src_gen.pdbx_host_org_atcc                 ? 
_entity_src_gen.pdbx_host_org_culture_collection   ? 
_entity_src_gen.pdbx_host_org_cell                 ? 
_entity_src_gen.pdbx_host_org_organelle            ? 
_entity_src_gen.pdbx_host_org_cellular_location    ? 
_entity_src_gen.pdbx_host_org_vector_type          ? 
_entity_src_gen.pdbx_host_org_vector               ? 
_entity_src_gen.host_org_details                   ? 
_entity_src_gen.expression_system_id               ? 
_entity_src_gen.plasmid_name                       ? 
_entity_src_gen.plasmid_details                    ? 
_entity_src_gen.pdbx_description                   ? 
# 
loop_
_chem_comp.id 
_chem_comp.type 
_chem_comp.mon_nstd_flag 
_chem_comp.name 
_chem_comp.pdbx_synonyms 
_chem_comp.formula 
_chem_comp.formula_weight 
ALA 'L-peptide linking' y ALANINE                                ?                          'C3 H7 N O2'      89.093  
ARG 'L-peptide linking' y ARGININE                               ?                          'C6 H15 N4 O2 1'  175.209 
ASN 'L-peptide linking' y ASPARAGINE                             ?                          'C4 H8 N2 O3'     132.118 
ASP 'L-peptide linking' y 'ASPARTIC ACID'                        ?                          'C4 H7 N O4'      133.103 
CYS 'L-peptide linking' y CYSTEINE                               ?                          'C3 H7 N O2 S'    121.158 
FMN non-polymer         . 'FLAVIN MONONUCLEOTIDE'                'RIBOFLAVIN MONOPHOSPHATE' 'C17 H21 N4 O9 P' 456.344 
GLN 'L-peptide linking' y GLUTAMINE                              ?                          'C5 H10 N2 O3'    146.144 
GLU 'L-peptide linking' y 'GLUTAMIC ACID'                        ?                          'C5 H9 N O4'      147.129 
GLY 'peptide linking'   y GLYCINE                                ?                          'C2 H5 N O2'      75.067  
HIS 'L-peptide linking' y HISTIDINE                              ?                          'C6 H10 N3 O2 1'  156.162 
HOH non-polymer         . WATER                                  ?                          'H2 O'            18.015  
ILE 'L-peptide linking' y ISOLEUCINE                             ?                          'C6 H13 N O2'     131.173 
LEU 'L-peptide linking' y LEUCINE                                ?                          'C6 H13 N O2'     131.173 
LYS 'L-peptide linking' y LYSINE                                 ?                          'C6 H15 N2 O2 1'  147.195 
MES non-polymer         . '2-(N-MORPHOLINO)-ETHANESULFONIC ACID' ?                          'C6 H13 N O4 S'   195.237 
MET 'L-peptide linking' y METHIONINE                             ?                          'C5 H11 N O2 S'   149.211 
PHE 'L-peptide linking' y PHENYLALANINE                          ?                          'C9 H11 N O2'     165.189 
PRO 'L-peptide linking' y PROLINE                                ?                          'C5 H9 N O2'      115.130 
SER 'L-peptide linking' y SERINE                                 ?                          'C3 H7 N O3'      105.093 
THR 'L-peptide linking' y THREONINE                              ?                          'C4 H9 N O3'      119.119 
TRP 'L-peptide linking' y TRYPTOPHAN                             ?                          'C11 H12 N2 O2'   204.225 
TYR 'L-peptide linking' y TYROSINE                               ?                          'C9 H11 N O3'     181.189 
VAL 'L-peptide linking' y VALINE                                 ?                          'C5 H11 N O2'     117.146 
# 
loop_
_pdbx_poly_seq_scheme.asym_id 
_pdbx_poly_seq_scheme.entity_id 
_pdbx_poly_seq_scheme.seq_id 
_pdbx_poly_seq_scheme.mon_id 
_pdbx_poly_seq_scheme.ndb_seq_num 
_pdbx_poly_seq_scheme.pdb_seq_num 
_pdbx_poly_seq_scheme.auth_seq_num 
_pdbx_poly_seq_scheme.pdb_mon_id 
_pdbx_poly_seq_scheme.auth_mon_id 
_pdbx_poly_seq_scheme.pdb_strand_id 
_pdbx_poly_seq_scheme.pdb_ins_code 
_pdbx_poly_seq_scheme.hetero 
A 1 1   MET 1   387 387 MET MET A . n 
A 1 2   GLU 2   388 388 GLU GLU A . n 
A 1 3   LYS 3   389 389 LYS LYS A . n 
A 1 4   ASN 4   390 390 ASN ASN A . n 
A 1 5   PHE 5   391 391 PHE PHE A . n 
A 1 6   VAL 6   392 392 VAL VAL A . n 
A 1 7   ILE 7   393 393 ILE ILE A . n 
A 1 8   SER 8   394 394 SER SER A . n 
A 1 9   ASP 9   395 395 ASP ASP A . n 
A 1 10  PRO 10  396 396 PRO PRO A . n 
A 1 11  ARG 11  397 397 ARG ARG A . n 
A 1 12  LEU 12  398 398 LEU LEU A . n 
A 1 13  PRO 13  399 399 PRO PRO A . n 
A 1 14  ASP 14  400 400 ASP ASP A . n 
A 1 15  ASN 15  401 401 ASN ASN A . n 
A 1 16  PRO 16  402 402 PRO PRO A . n 
A 1 17  ILE 17  403 403 ILE ILE A . n 
A 1 18  ILE 18  404 404 ILE ILE A . n 
A 1 19  PHE 19  405 405 PHE PHE A . n 
A 1 20  ALA 20  406 406 ALA ALA A . n 
A 1 21  SER 21  407 407 SER SER A . n 
A 1 22  ASP 22  408 408 ASP ASP A . n 
A 1 23  SER 23  409 409 SER SER A . n 
A 1 24  PHE 24  410 410 PHE PHE A . n 
A 1 25  LEU 25  411 411 LEU LEU A . n 
A 1 26  GLU 26  412 412 GLU GLU A . n 
A 1 27  LEU 27  413 413 LEU LEU A . n 
A 1 28  THR 28  414 414 THR THR A . n 
A 1 29  GLU 29  415 415 GLU GLU A . n 
A 1 30  TYR 30  416 416 TYR TYR A . n 
A 1 31  SER 31  417 417 SER SER A . n 
A 1 32  ARG 32  418 418 ARG ARG A . n 
A 1 33  GLU 33  419 419 GLU GLU A . n 
A 1 34  GLU 34  420 420 GLU GLU A . n 
A 1 35  ILE 35  421 421 ILE ILE A . n 
A 1 36  LEU 36  422 422 LEU LEU A . n 
A 1 37  GLY 37  423 423 GLY GLY A . n 
A 1 38  ARG 38  424 424 ARG ARG A . n 
A 1 39  ASN 39  425 425 ASN ASN A . n 
A 1 40  CYS 40  426 426 CYS CYS A . n 
A 1 41  ARG 41  427 427 ARG ARG A . n 
A 1 42  PHE 42  428 428 PHE PHE A . n 
A 1 43  LEU 43  429 429 LEU LEU A . n 
A 1 44  GLN 44  430 430 GLN GLN A . n 
A 1 45  GLY 45  431 431 GLY GLY A . n 
A 1 46  PRO 46  432 432 PRO PRO A . n 
A 1 47  GLU 47  433 433 GLU GLU A . n 
A 1 48  THR 48  434 434 THR THR A . n 
A 1 49  ASP 49  435 435 ASP ASP A . n 
A 1 50  GLN 50  436 436 GLN GLN A . n 
A 1 51  ALA 51  437 437 ALA ALA A . n 
A 1 52  THR 52  438 438 THR THR A . n 
A 1 53  VAL 53  439 439 VAL VAL A . n 
A 1 54  GLN 54  440 440 GLN GLN A . n 
A 1 55  LYS 55  441 441 LYS LYS A . n 
A 1 56  ILE 56  442 442 ILE ILE A . n 
A 1 57  ARG 57  443 443 ARG ARG A . n 
A 1 58  ASP 58  444 444 ASP ASP A . n 
A 1 59  ALA 59  445 445 ALA ALA A . n 
A 1 60  ILE 60  446 446 ILE ILE A . n 
A 1 61  ARG 61  447 447 ARG ARG A . n 
A 1 62  ASP 62  448 448 ASP ASP A . n 
A 1 63  GLN 63  449 449 GLN GLN A . n 
A 1 64  ARG 64  450 450 ARG ARG A . n 
A 1 65  GLU 65  451 451 GLU GLU A . n 
A 1 66  ILE 66  452 452 ILE ILE A . n 
A 1 67  THR 67  453 453 THR THR A . n 
A 1 68  VAL 68  454 454 VAL VAL A . n 
A 1 69  GLN 69  455 455 GLN GLN A . n 
A 1 70  LEU 70  456 456 LEU LEU A . n 
A 1 71  ILE 71  457 457 ILE ILE A . n 
A 1 72  ASN 72  458 458 ASN ASN A . n 
A 1 73  TYR 73  459 459 TYR TYR A . n 
A 1 74  THR 74  460 460 THR THR A . n 
A 1 75  LYS 75  461 461 LYS LYS A . n 
A 1 76  SER 76  462 462 SER SER A . n 
A 1 77  GLY 77  463 463 GLY GLY A . n 
A 1 78  LYS 78  464 464 LYS LYS A . n 
A 1 79  LYS 79  465 465 LYS LYS A . n 
A 1 80  PHE 80  466 466 PHE PHE A . n 
A 1 81  TRP 81  467 467 TRP TRP A . n 
A 1 82  ASN 82  468 468 ASN ASN A . n 
A 1 83  LEU 83  469 469 LEU LEU A . n 
A 1 84  PHE 84  470 470 PHE PHE A . n 
A 1 85  HIS 85  471 471 HIS HIS A . n 
A 1 86  LEU 86  472 472 LEU LEU A . n 
A 1 87  GLN 87  473 473 GLN GLN A . n 
A 1 88  PRO 88  474 474 PRO PRO A . n 
A 1 89  MET 89  475 475 MET MET A . n 
A 1 90  ARG 90  476 476 ARG ARG A . n 
A 1 91  ASP 91  477 477 ASP ASP A . n 
A 1 92  GLN 92  478 478 GLN GLN A . n 
A 1 93  LYS 93  479 479 LYS LYS A . n 
A 1 94  GLY 94  480 480 GLY GLY A . n 
A 1 95  GLU 95  481 481 GLU GLU A . n 
A 1 96  LEU 96  482 482 LEU LEU A . n 
A 1 97  GLN 97  483 483 GLN GLN A . n 
A 1 98  TYR 98  484 484 TYR TYR A . n 
A 1 99  PHE 99  485 485 PHE PHE A . n 
A 1 100 ILE 100 486 486 ILE ILE A . n 
A 1 101 GLY 101 487 487 GLY GLY A . n 
A 1 102 VAL 102 488 488 VAL VAL A . n 
A 1 103 GLN 103 489 489 GLN GLN A . n 
A 1 104 LEU 104 490 490 LEU LEU A . n 
A 1 105 ASP 105 491 491 ASP ASP A . n 
A 1 106 GLY 106 492 492 GLY GLY A . n 
A 1 107 GLU 107 493 493 GLU GLU A . n 
A 1 108 PHE 108 494 494 PHE PHE A . n 
A 1 109 ILE 109 495 495 ILE ILE A . n 
A 1 110 PRO 110 496 496 PRO PRO A . n 
A 1 111 ASN 111 497 497 ASN ASN A . n 
A 1 112 PRO 112 498 498 PRO PRO A . n 
A 1 113 LEU 113 499 499 LEU LEU A . n 
A 1 114 LEU 114 500 500 LEU LEU A . n 
A 1 115 GLY 115 501 501 GLY GLY A . n 
A 1 116 LEU 116 502 502 LEU LEU A . n 
A 1 117 ASP 117 503 ?   ?   ?   A . n 
A 1 118 SER 118 504 ?   ?   ?   A . n 
A 1 119 THR 119 505 ?   ?   ?   A . n 
A 1 120 ARG 120 506 ?   ?   ?   A . n 
A 1 121 THR 121 507 ?   ?   ?   A . n 
A 1 122 GLY 122 508 ?   ?   ?   A . n 
A 1 123 HIS 123 509 ?   ?   ?   A . n 
A 1 124 HIS 124 510 ?   ?   ?   A . n 
A 1 125 HIS 125 511 ?   ?   ?   A . n 
A 1 126 HIS 126 512 ?   ?   ?   A . n 
A 1 127 HIS 127 513 ?   ?   ?   A . n 
A 1 128 HIS 128 514 ?   ?   ?   A . n 
# 
loop_
_pdbx_nonpoly_scheme.asym_id 
_pdbx_nonpoly_scheme.entity_id 
_pdbx_nonpoly_scheme.mon_id 
_pdbx_nonpoly_scheme.ndb_seq_num 
_pdbx_nonpoly_scheme.pdb_seq_num 
_pdbx_nonpoly_scheme.auth_seq_num 
_pdbx_nonpoly_scheme.pdb_mon_id 
_pdbx_nonpoly_scheme.auth_mon_id 
_pdbx_nonpoly_scheme.pdb_strand_id 
_pdbx_nonpoly_scheme.pdb_ins_code 
B 2 FMN 1  1001 1001 FMN FMN A . 
C 3 MES 1  1002 1002 MES MES A . 
D 4 HOH 1  1101 86   HOH HOH A . 
D 4 HOH 2  1102 29   HOH HOH A . 
D 4 HOH 3  1103 9    HOH HOH A . 
D 4 HOH 4  1104 24   HOH HOH A . 
D 4 HOH 5  1105 68   HOH HOH A . 
D 4 HOH 6  1106 35   HOH HOH A . 
D 4 HOH 7  1107 20   HOH HOH A . 
D 4 HOH 8  1108 65   HOH HOH A . 
D 4 HOH 9  1109 46   HOH HOH A . 
D 4 HOH 10 1110 7    HOH HOH A . 
D 4 HOH 11 1111 28   HOH HOH A . 
D 4 HOH 12 1112 13   HOH HOH A . 
D 4 HOH 13 1113 63   HOH HOH A . 
D 4 HOH 14 1114 79   HOH HOH A . 
D 4 HOH 15 1115 38   HOH HOH A . 
D 4 HOH 16 1116 22   HOH HOH A . 
D 4 HOH 17 1117 2    HOH HOH A . 
D 4 HOH 18 1118 39   HOH HOH A . 
D 4 HOH 19 1119 10   HOH HOH A . 
D 4 HOH 20 1120 60   HOH HOH A . 
D 4 HOH 21 1121 8    HOH HOH A . 
D 4 HOH 22 1122 26   HOH HOH A . 
D 4 HOH 23 1123 74   HOH HOH A . 
D 4 HOH 24 1124 5    HOH HOH A . 
D 4 HOH 25 1125 33   HOH HOH A . 
D 4 HOH 26 1126 40   HOH HOH A . 
D 4 HOH 27 1127 14   HOH HOH A . 
D 4 HOH 28 1128 30   HOH HOH A . 
D 4 HOH 29 1129 23   HOH HOH A . 
D 4 HOH 30 1130 31   HOH HOH A . 
D 4 HOH 31 1131 71   HOH HOH A . 
D 4 HOH 32 1132 19   HOH HOH A . 
D 4 HOH 33 1133 58   HOH HOH A . 
D 4 HOH 34 1134 62   HOH HOH A . 
D 4 HOH 35 1135 52   HOH HOH A . 
D 4 HOH 36 1136 56   HOH HOH A . 
D 4 HOH 37 1137 85   HOH HOH A . 
D 4 HOH 38 1138 75   HOH HOH A . 
D 4 HOH 39 1139 15   HOH HOH A . 
D 4 HOH 40 1140 3    HOH HOH A . 
D 4 HOH 41 1141 21   HOH HOH A . 
D 4 HOH 42 1142 41   HOH HOH A . 
D 4 HOH 43 1143 12   HOH HOH A . 
D 4 HOH 44 1144 16   HOH HOH A . 
D 4 HOH 45 1145 64   HOH HOH A . 
D 4 HOH 46 1146 36   HOH HOH A . 
D 4 HOH 47 1147 49   HOH HOH A . 
D 4 HOH 48 1148 42   HOH HOH A . 
D 4 HOH 49 1149 81   HOH HOH A . 
D 4 HOH 50 1150 34   HOH HOH A . 
D 4 HOH 51 1151 45   HOH HOH A . 
D 4 HOH 52 1152 18   HOH HOH A . 
D 4 HOH 53 1153 27   HOH HOH A . 
D 4 HOH 54 1154 67   HOH HOH A . 
D 4 HOH 55 1155 73   HOH HOH A . 
D 4 HOH 56 1156 17   HOH HOH A . 
D 4 HOH 57 1157 4    HOH HOH A . 
D 4 HOH 58 1158 6    HOH HOH A . 
D 4 HOH 59 1159 48   HOH HOH A . 
D 4 HOH 60 1160 25   HOH HOH A . 
D 4 HOH 61 1161 11   HOH HOH A . 
D 4 HOH 62 1162 1    HOH HOH A . 
D 4 HOH 63 1163 44   HOH HOH A . 
D 4 HOH 64 1164 50   HOH HOH A . 
D 4 HOH 65 1165 55   HOH HOH A . 
D 4 HOH 66 1166 59   HOH HOH A . 
D 4 HOH 67 1167 82   HOH HOH A . 
D 4 HOH 68 1168 89   HOH HOH A . 
D 4 HOH 69 1169 77   HOH HOH A . 
D 4 HOH 70 1170 37   HOH HOH A . 
D 4 HOH 71 1171 53   HOH HOH A . 
D 4 HOH 72 1172 54   HOH HOH A . 
D 4 HOH 73 1173 51   HOH HOH A . 
D 4 HOH 74 1174 47   HOH HOH A . 
D 4 HOH 75 1175 69   HOH HOH A . 
D 4 HOH 76 1176 88   HOH HOH A . 
D 4 HOH 77 1177 57   HOH HOH A . 
D 4 HOH 78 1178 72   HOH HOH A . 
D 4 HOH 79 1179 70   HOH HOH A . 
D 4 HOH 80 1180 83   HOH HOH A . 
D 4 HOH 81 1181 66   HOH HOH A . 
D 4 HOH 82 1182 61   HOH HOH A . 
D 4 HOH 83 1183 84   HOH HOH A . 
D 4 HOH 84 1184 43   HOH HOH A . 
D 4 HOH 85 1185 76   HOH HOH A . 
D 4 HOH 86 1186 87   HOH HOH A . 
D 4 HOH 87 1187 78   HOH HOH A . 
D 4 HOH 88 1188 80   HOH HOH A . 
D 4 HOH 89 1189 32   HOH HOH A . 
D 4 HOH 90 1190 90   HOH HOH A . 
# 
loop_
_software.citation_id 
_software.classification 
_software.compiler_name 
_software.compiler_version 
_software.contact_author 
_software.contact_author_email 
_software.date 
_software.description 
_software.dependencies 
_software.hardware 
_software.language 
_software.location 
_software.mods 
_software.name 
_software.os 
_software.os_version 
_software.type 
_software.version 
_software.pdbx_ordinal 
? refinement        ? ? ? ? ? ? ? ? ? ? ? PHENIX      ? ? ? 1.20_4459 1 
? 'data extraction' ? ? ? ? ? ? ? ? ? ? ? PDB_EXTRACT ? ? ? 3.27      2 
? 'data reduction'  ? ? ? ? ? ? ? ? ? ? ? XDS         ? ? ? .         3 
? 'data scaling'    ? ? ? ? ? ? ? ? ? ? ? Aimless     ? ? ? .         4 
? phasing           ? ? ? ? ? ? ? ? ? ? ? PHASER      ? ? ? .         5 
# 
_cell.angle_alpha                  90.000 
_cell.angle_alpha_esd              ? 
_cell.angle_beta                   90.000 
_cell.angle_beta_esd               ? 
_cell.angle_gamma                  90.000 
_cell.angle_gamma_esd              ? 
_cell.entry_id                     8A2V 
_cell.details                      ? 
_cell.formula_units_Z              ? 
_cell.length_a                     40.829 
_cell.length_a_esd                 ? 
_cell.length_b                     40.829 
_cell.length_b_esd                 ? 
_cell.length_c                     132.814 
_cell.length_c_esd                 ? 
_cell.volume                       ? 
_cell.volume_esd                   ? 
_cell.Z_PDB                        8 
_cell.reciprocal_angle_alpha       ? 
_cell.reciprocal_angle_beta        ? 
_cell.reciprocal_angle_gamma       ? 
_cell.reciprocal_angle_alpha_esd   ? 
_cell.reciprocal_angle_beta_esd    ? 
_cell.reciprocal_angle_gamma_esd   ? 
_cell.reciprocal_length_a          ? 
_cell.reciprocal_length_b          ? 
_cell.reciprocal_length_c          ? 
_cell.reciprocal_length_a_esd      ? 
_cell.reciprocal_length_b_esd      ? 
_cell.reciprocal_length_c_esd      ? 
_cell.pdbx_unique_axis             ? 
_cell.pdbx_esd_method              ? 
# 
_symmetry.entry_id                         8A2V 
_symmetry.cell_setting                     ? 
_symmetry.Int_Tables_number                96 
_symmetry.space_group_name_Hall            ? 
_symmetry.space_group_name_H-M             'P 43 21 2' 
_symmetry.pdbx_full_space_group_name_H-M   ? 
# 
_exptl.absorpt_coefficient_mu     ? 
_exptl.absorpt_correction_T_max   ? 
_exptl.absorpt_correction_T_min   ? 
_exptl.absorpt_correction_type    ? 
_exptl.absorpt_process_details    ? 
_exptl.entry_id                   8A2V 
_exptl.crystals_number            1 
_exptl.details                    ? 
_exptl.method                     'X-RAY DIFFRACTION' 
_exptl.method_details             ? 
# 
_exptl_crystal.colour                       ? 
_exptl_crystal.density_diffrn               ? 
_exptl_crystal.density_Matthews             1.84 
_exptl_crystal.density_method               ? 
_exptl_crystal.density_percent_sol          33.30 
_exptl_crystal.description                  ? 
_exptl_crystal.F_000                        ? 
_exptl_crystal.id                           1 
_exptl_crystal.preparation                  ? 
_exptl_crystal.size_max                     ? 
_exptl_crystal.size_mid                     ? 
_exptl_crystal.size_min                     ? 
_exptl_crystal.size_rad                     ? 
_exptl_crystal.colour_lustre                ? 
_exptl_crystal.colour_modifier              ? 
_exptl_crystal.colour_primary               ? 
_exptl_crystal.density_meas                 ? 
_exptl_crystal.density_meas_esd             ? 
_exptl_crystal.density_meas_gt              ? 
_exptl_crystal.density_meas_lt              ? 
_exptl_crystal.density_meas_temp            ? 
_exptl_crystal.density_meas_temp_esd        ? 
_exptl_crystal.density_meas_temp_gt         ? 
_exptl_crystal.density_meas_temp_lt         ? 
_exptl_crystal.pdbx_crystal_image_url       ? 
_exptl_crystal.pdbx_crystal_image_format    ? 
_exptl_crystal.pdbx_mosaicity               ? 
_exptl_crystal.pdbx_mosaicity_esd           ? 
_exptl_crystal.pdbx_mosaic_method           ? 
_exptl_crystal.pdbx_mosaic_block_size       ? 
_exptl_crystal.pdbx_mosaic_block_size_esd   ? 
# 
_exptl_crystal_grow.apparatus       ? 
_exptl_crystal_grow.atmosphere      ? 
_exptl_crystal_grow.crystal_id      1 
_exptl_crystal_grow.details         ? 
_exptl_crystal_grow.method          'VAPOR DIFFUSION, HANGING DROP' 
_exptl_crystal_grow.method_ref      ? 
_exptl_crystal_grow.pH              6.0 
_exptl_crystal_grow.pressure        ? 
_exptl_crystal_grow.pressure_esd    ? 
_exptl_crystal_grow.seeding         ? 
_exptl_crystal_grow.seeding_ref     ? 
_exptl_crystal_grow.temp            298 
_exptl_crystal_grow.temp_details    ? 
_exptl_crystal_grow.temp_esd        ? 
_exptl_crystal_grow.time            ? 
_exptl_crystal_grow.pdbx_details    '100 mM MES pH 6.0, 4 to 9 % PEG8000, and 50 to 200 mM calcium acetate' 
_exptl_crystal_grow.pdbx_pH_range   ? 
# 
_diffrn.ambient_environment              ? 
_diffrn.ambient_temp                     298 
_diffrn.ambient_temp_details             ? 
_diffrn.ambient_temp_esd                 ? 
_diffrn.crystal_id                       1 
_diffrn.crystal_support                  ? 
_diffrn.crystal_treatment                ? 
_diffrn.details                          ? 
_diffrn.id                               1 
_diffrn.ambient_pressure                 ? 
_diffrn.ambient_pressure_esd             ? 
_diffrn.ambient_pressure_gt              ? 
_diffrn.ambient_pressure_lt              ? 
_diffrn.ambient_temp_gt                  ? 
_diffrn.ambient_temp_lt                  ? 
_diffrn.pdbx_serial_crystal_experiment   N 
# 
_diffrn_detector.details                      ? 
_diffrn_detector.detector                     PIXEL 
_diffrn_detector.diffrn_id                    1 
_diffrn_detector.type                         'DECTRIS EIGER X 4M' 
_diffrn_detector.area_resol_mean              ? 
_diffrn_detector.dtime                        ? 
_diffrn_detector.pdbx_frames_total            ? 
_diffrn_detector.pdbx_collection_time_total   ? 
_diffrn_detector.pdbx_collection_date         2022-02-02 
_diffrn_detector.pdbx_frequency               ? 
# 
_diffrn_radiation.collimation                      ? 
_diffrn_radiation.diffrn_id                        1 
_diffrn_radiation.filter_edge                      ? 
_diffrn_radiation.inhomogeneity                    ? 
_diffrn_radiation.monochromator                    ? 
_diffrn_radiation.polarisn_norm                    ? 
_diffrn_radiation.polarisn_ratio                   ? 
_diffrn_radiation.probe                            ? 
_diffrn_radiation.type                             ? 
_diffrn_radiation.xray_symbol                      ? 
_diffrn_radiation.wavelength_id                    1 
_diffrn_radiation.pdbx_monochromatic_or_laue_m_l   M 
_diffrn_radiation.pdbx_wavelength_list             ? 
_diffrn_radiation.pdbx_wavelength                  ? 
_diffrn_radiation.pdbx_diffrn_protocol             'SINGLE WAVELENGTH' 
_diffrn_radiation.pdbx_analyzer                    ? 
_diffrn_radiation.pdbx_scattering_type             x-ray 
# 
_diffrn_radiation_wavelength.id           1 
_diffrn_radiation_wavelength.wavelength   0.9677 
_diffrn_radiation_wavelength.wt           1.0 
# 
_diffrn_source.current                     ? 
_diffrn_source.details                     ? 
_diffrn_source.diffrn_id                   1 
_diffrn_source.power                       ? 
_diffrn_source.size                        ? 
_diffrn_source.source                      SYNCHROTRON 
_diffrn_source.target                      ? 
_diffrn_source.type                        'ESRF BEAMLINE MASSIF-3' 
_diffrn_source.voltage                     ? 
_diffrn_source.take-off_angle              ? 
_diffrn_source.pdbx_wavelength_list        0.9677 
_diffrn_source.pdbx_wavelength             ? 
_diffrn_source.pdbx_synchrotron_beamline   MASSIF-3 
_diffrn_source.pdbx_synchrotron_site       ESRF 
# 
_reflns.B_iso_Wilson_estimate                          ? 
_reflns.entry_id                                       8A2V 
_reflns.data_reduction_details                         ? 
_reflns.data_reduction_method                          ? 
_reflns.d_resolution_high                              1.58 
_reflns.d_resolution_low                               34.78 
_reflns.details                                        ? 
_reflns.limit_h_max                                    ? 
_reflns.limit_h_min                                    ? 
_reflns.limit_k_max                                    ? 
_reflns.limit_k_min                                    ? 
_reflns.limit_l_max                                    ? 
_reflns.limit_l_min                                    ? 
_reflns.number_all                                     ? 
_reflns.number_obs                                     14046 
_reflns.observed_criterion                             ? 
_reflns.observed_criterion_F_max                       ? 
_reflns.observed_criterion_F_min                       ? 
_reflns.observed_criterion_I_max                       ? 
_reflns.observed_criterion_I_min                       ? 
_reflns.observed_criterion_sigma_F                     ? 
_reflns.observed_criterion_sigma_I                     ? 
_reflns.percent_possible_obs                           92.1 
_reflns.R_free_details                                 ? 
_reflns.Rmerge_F_all                                   ? 
_reflns.Rmerge_F_obs                                   ? 
_reflns.Friedel_coverage                               ? 
_reflns.number_gt                                      ? 
_reflns.threshold_expression                           ? 
_reflns.pdbx_redundancy                                8 
_reflns.pdbx_Rmerge_I_obs                              ? 
_reflns.pdbx_Rmerge_I_all                              ? 
_reflns.pdbx_Rsym_value                                ? 
_reflns.pdbx_netI_over_av_sigmaI                       ? 
_reflns.pdbx_netI_over_sigmaI                          6.3 
_reflns.pdbx_res_netI_over_av_sigmaI_2                 ? 
_reflns.pdbx_res_netI_over_sigmaI_2                    ? 
_reflns.pdbx_chi_squared                               ? 
_reflns.pdbx_scaling_rejects                           ? 
_reflns.pdbx_d_res_high_opt                            ? 
_reflns.pdbx_d_res_low_opt                             ? 
_reflns.pdbx_d_res_opt_method                          ? 
_reflns.phase_calculation_details                      ? 
_reflns.pdbx_Rrim_I_all                                ? 
_reflns.pdbx_Rpim_I_all                                0.071 
_reflns.pdbx_d_opt                                     ? 
_reflns.pdbx_number_measured_all                       ? 
_reflns.pdbx_diffrn_id                                 1 
_reflns.pdbx_ordinal                                   1 
_reflns.pdbx_CC_half                                   0.99 
_reflns.pdbx_CC_star                                   ? 
_reflns.pdbx_R_split                                   ? 
_reflns.pdbx_aniso_diffraction_limit_axis_1_ortho[1]   ? 
_reflns.pdbx_aniso_diffraction_limit_axis_1_ortho[2]   ? 
_reflns.pdbx_aniso_diffraction_limit_axis_1_ortho[3]   ? 
_reflns.pdbx_aniso_diffraction_limit_axis_2_ortho[1]   ? 
_reflns.pdbx_aniso_diffraction_limit_axis_2_ortho[2]   ? 
_reflns.pdbx_aniso_diffraction_limit_axis_2_ortho[3]   ? 
_reflns.pdbx_aniso_diffraction_limit_axis_3_ortho[1]   ? 
_reflns.pdbx_aniso_diffraction_limit_axis_3_ortho[2]   ? 
_reflns.pdbx_aniso_diffraction_limit_axis_3_ortho[3]   ? 
_reflns.pdbx_aniso_diffraction_limit_1                 ? 
_reflns.pdbx_aniso_diffraction_limit_2                 ? 
_reflns.pdbx_aniso_diffraction_limit_3                 ? 
_reflns.pdbx_aniso_B_tensor_eigenvector_1_ortho[1]     ? 
_reflns.pdbx_aniso_B_tensor_eigenvector_1_ortho[2]     ? 
_reflns.pdbx_aniso_B_tensor_eigenvector_1_ortho[3]     ? 
_reflns.pdbx_aniso_B_tensor_eigenvector_2_ortho[1]     ? 
_reflns.pdbx_aniso_B_tensor_eigenvector_2_ortho[2]     ? 
_reflns.pdbx_aniso_B_tensor_eigenvector_2_ortho[3]     ? 
_reflns.pdbx_aniso_B_tensor_eigenvector_3_ortho[1]     ? 
_reflns.pdbx_aniso_B_tensor_eigenvector_3_ortho[2]     ? 
_reflns.pdbx_aniso_B_tensor_eigenvector_3_ortho[3]     ? 
_reflns.pdbx_aniso_B_tensor_eigenvalue_1               ? 
_reflns.pdbx_aniso_B_tensor_eigenvalue_2               ? 
_reflns.pdbx_aniso_B_tensor_eigenvalue_3               ? 
_reflns.pdbx_orthogonalization_convention              ? 
_reflns.pdbx_percent_possible_ellipsoidal              ? 
_reflns.pdbx_percent_possible_spherical                ? 
_reflns.pdbx_percent_possible_ellipsoidal_anomalous    ? 
_reflns.pdbx_percent_possible_spherical_anomalous      ? 
_reflns.pdbx_redundancy_anomalous                      ? 
_reflns.pdbx_CC_half_anomalous                         ? 
_reflns.pdbx_absDiff_over_sigma_anomalous              ? 
_reflns.pdbx_percent_possible_anomalous                ? 
_reflns.pdbx_observed_signal_threshold                 ? 
_reflns.pdbx_signal_type                               ? 
_reflns.pdbx_signal_details                            ? 
_reflns.pdbx_signal_software_id                        ? 
_reflns.pdbx_CC_split_method                           ? 
# 
_reflns_shell.d_res_high                                    1.59 
_reflns_shell.d_res_low                                     1.64 
_reflns_shell.meanI_over_sigI_all                           ? 
_reflns_shell.meanI_over_sigI_obs                           1.3 
_reflns_shell.number_measured_all                           ? 
_reflns_shell.number_measured_obs                           ? 
_reflns_shell.number_possible                               ? 
_reflns_shell.number_unique_all                             ? 
_reflns_shell.number_unique_obs                             297 
_reflns_shell.percent_possible_all                          ? 
_reflns_shell.percent_possible_obs                          46.9 
_reflns_shell.Rmerge_F_all                                  ? 
_reflns_shell.Rmerge_F_obs                                  ? 
_reflns_shell.Rmerge_I_all                                  ? 
_reflns_shell.Rmerge_I_obs                                  ? 
_reflns_shell.meanI_over_sigI_gt                            ? 
_reflns_shell.meanI_over_uI_all                             ? 
_reflns_shell.meanI_over_uI_gt                              ? 
_reflns_shell.number_measured_gt                            ? 
_reflns_shell.number_unique_gt                              ? 
_reflns_shell.percent_possible_gt                           ? 
_reflns_shell.Rmerge_F_gt                                   ? 
_reflns_shell.Rmerge_I_gt                                   ? 
_reflns_shell.pdbx_redundancy                               ? 
_reflns_shell.pdbx_Rsym_value                               ? 
_reflns_shell.pdbx_chi_squared                              ? 
_reflns_shell.pdbx_netI_over_sigmaI_all                     ? 
_reflns_shell.pdbx_netI_over_sigmaI_obs                     ? 
_reflns_shell.pdbx_Rrim_I_all                               ? 
_reflns_shell.pdbx_Rpim_I_all                               0.537 
_reflns_shell.pdbx_rejects                                  ? 
_reflns_shell.pdbx_ordinal                                  1 
_reflns_shell.pdbx_diffrn_id                                1 
_reflns_shell.pdbx_CC_half                                  0.58 
_reflns_shell.pdbx_CC_star                                  ? 
_reflns_shell.pdbx_R_split                                  ? 
_reflns_shell.pdbx_percent_possible_ellipsoidal             ? 
_reflns_shell.pdbx_percent_possible_spherical               ? 
_reflns_shell.pdbx_percent_possible_ellipsoidal_anomalous   ? 
_reflns_shell.pdbx_percent_possible_spherical_anomalous     ? 
_reflns_shell.pdbx_redundancy_anomalous                     ? 
_reflns_shell.pdbx_CC_half_anomalous                        ? 
_reflns_shell.pdbx_absDiff_over_sigma_anomalous             ? 
_reflns_shell.pdbx_percent_possible_anomalous               ? 
# 
_refine.aniso_B[1][1]                            ? 
_refine.aniso_B[1][2]                            ? 
_refine.aniso_B[1][3]                            ? 
_refine.aniso_B[2][2]                            ? 
_refine.aniso_B[2][3]                            ? 
_refine.aniso_B[3][3]                            ? 
_refine.B_iso_max                                120.980 
_refine.B_iso_mean                               23.7295 
_refine.B_iso_min                                7.930 
_refine.correlation_coeff_Fo_to_Fc               ? 
_refine.correlation_coeff_Fo_to_Fc_free          ? 
_refine.details                                  ? 
_refine.diff_density_max                         ? 
_refine.diff_density_max_esd                     ? 
_refine.diff_density_min                         ? 
_refine.diff_density_min_esd                     ? 
_refine.diff_density_rms                         ? 
_refine.diff_density_rms_esd                     ? 
_refine.entry_id                                 8A2V 
_refine.pdbx_refine_id                           'X-RAY DIFFRACTION' 
_refine.ls_abs_structure_details                 ? 
_refine.ls_abs_structure_Flack                   ? 
_refine.ls_abs_structure_Flack_esd               ? 
_refine.ls_abs_structure_Rogers                  ? 
_refine.ls_abs_structure_Rogers_esd              ? 
_refine.ls_d_res_high                            1.59 
_refine.ls_d_res_low                             30.01 
_refine.ls_extinction_coef                       ? 
_refine.ls_extinction_coef_esd                   ? 
_refine.ls_extinction_expression                 ? 
_refine.ls_extinction_method                     ? 
_refine.ls_goodness_of_fit_all                   ? 
_refine.ls_goodness_of_fit_all_esd               ? 
_refine.ls_goodness_of_fit_obs                   ? 
_refine.ls_goodness_of_fit_obs_esd               ? 
_refine.ls_hydrogen_treatment                    ? 
_refine.ls_matrix_type                           ? 
_refine.ls_number_constraints                    ? 
_refine.ls_number_parameters                     ? 
_refine.ls_number_reflns_all                     ? 
_refine.ls_number_reflns_obs                     13978 
_refine.ls_number_reflns_R_free                  ? 
_refine.ls_number_reflns_R_work                  ? 
_refine.ls_number_restraints                     ? 
_refine.ls_percent_reflns_obs                    92.1 
_refine.ls_percent_reflns_R_free                 ? 
_refine.ls_R_factor_all                          ? 
_refine.ls_R_factor_obs                          ? 
_refine.ls_R_factor_R_free                       0.1996 
_refine.ls_R_factor_R_free_error                 ? 
_refine.ls_R_factor_R_free_error_details         ? 
_refine.ls_R_factor_R_work                       0.1650 
_refine.ls_R_Fsqd_factor_obs                     ? 
_refine.ls_R_I_factor_obs                        ? 
_refine.ls_redundancy_reflns_all                 ? 
_refine.ls_redundancy_reflns_obs                 ? 
_refine.ls_restrained_S_all                      ? 
_refine.ls_restrained_S_obs                      ? 
_refine.ls_shift_over_esd_max                    ? 
_refine.ls_shift_over_esd_mean                   ? 
_refine.ls_structure_factor_coef                 ? 
_refine.ls_weighting_details                     ? 
_refine.ls_weighting_scheme                      ? 
_refine.ls_wR_factor_all                         ? 
_refine.ls_wR_factor_obs                         ? 
_refine.ls_wR_factor_R_free                      ? 
_refine.ls_wR_factor_R_work                      ? 
_refine.occupancy_max                            ? 
_refine.occupancy_min                            ? 
_refine.solvent_model_details                    ? 
_refine.solvent_model_param_bsol                 ? 
_refine.solvent_model_param_ksol                 ? 
_refine.pdbx_R_complete                          ? 
_refine.ls_R_factor_gt                           ? 
_refine.ls_goodness_of_fit_gt                    ? 
_refine.ls_goodness_of_fit_ref                   ? 
_refine.ls_shift_over_su_max                     ? 
_refine.ls_shift_over_su_max_lt                  ? 
_refine.ls_shift_over_su_mean                    ? 
_refine.ls_shift_over_su_mean_lt                 ? 
_refine.pdbx_ls_sigma_I                          ? 
_refine.pdbx_ls_sigma_F                          ? 
_refine.pdbx_ls_sigma_Fsqd                       ? 
_refine.pdbx_data_cutoff_high_absF               ? 
_refine.pdbx_data_cutoff_high_rms_absF           ? 
_refine.pdbx_data_cutoff_low_absF                ? 
_refine.pdbx_isotropic_thermal_model             ? 
_refine.pdbx_ls_cross_valid_method               THROUGHOUT 
_refine.pdbx_method_to_determine_struct          'MOLECULAR REPLACEMENT' 
_refine.pdbx_starting_model                      6QQK 
_refine.pdbx_stereochemistry_target_values       ? 
_refine.pdbx_R_Free_selection_details            ? 
_refine.pdbx_stereochem_target_val_spec_case     ? 
_refine.pdbx_overall_ESU_R                       ? 
_refine.pdbx_overall_ESU_R_Free                  ? 
_refine.pdbx_solvent_vdw_probe_radii             ? 
_refine.pdbx_solvent_ion_probe_radii             ? 
_refine.pdbx_solvent_shrinkage_radii             ? 
_refine.pdbx_real_space_R                        ? 
_refine.pdbx_density_correlation                 ? 
_refine.pdbx_pd_number_of_powder_patterns        ? 
_refine.pdbx_pd_number_of_points                 ? 
_refine.pdbx_pd_meas_number_of_points            ? 
_refine.pdbx_pd_proc_ls_prof_R_factor            ? 
_refine.pdbx_pd_proc_ls_prof_wR_factor           ? 
_refine.pdbx_pd_Marquardt_correlation_coeff      ? 
_refine.pdbx_pd_Fsqrd_R_factor                   ? 
_refine.pdbx_pd_ls_matrix_band_width             ? 
_refine.pdbx_overall_phase_error                 ? 
_refine.pdbx_overall_SU_R_free_Cruickshank_DPI   ? 
_refine.pdbx_overall_SU_R_free_Blow_DPI          ? 
_refine.pdbx_overall_SU_R_Blow_DPI               ? 
_refine.pdbx_TLS_residual_ADP_flag               ? 
_refine.pdbx_diffrn_id                           1 
_refine.overall_SU_B                             ? 
_refine.overall_SU_ML                            ? 
_refine.overall_SU_R_Cruickshank_DPI             ? 
_refine.overall_SU_R_free                        ? 
_refine.overall_FOM_free_R_set                   ? 
_refine.overall_FOM_work_R_set                   ? 
_refine.pdbx_average_fsc_overall                 ? 
_refine.pdbx_average_fsc_work                    ? 
_refine.pdbx_average_fsc_free                    ? 
# 
_refine_hist.pdbx_refine_id                   'X-RAY DIFFRACTION' 
_refine_hist.cycle_id                         LAST 
_refine_hist.details                          ? 
_refine_hist.d_res_high                       1.59 
_refine_hist.d_res_low                        30.01 
_refine_hist.number_atoms_solvent             90 
_refine_hist.number_atoms_total               1088 
_refine_hist.number_reflns_all                ? 
_refine_hist.number_reflns_obs                ? 
_refine_hist.number_reflns_R_free             ? 
_refine_hist.number_reflns_R_work             ? 
_refine_hist.R_factor_all                     ? 
_refine_hist.R_factor_obs                     ? 
_refine_hist.R_factor_R_free                  ? 
_refine_hist.R_factor_R_work                  ? 
_refine_hist.pdbx_number_residues_total       ? 
_refine_hist.pdbx_B_iso_mean_ligand           ? 
_refine_hist.pdbx_B_iso_mean_solvent          ? 
_refine_hist.pdbx_number_atoms_protein        955 
_refine_hist.pdbx_number_atoms_nucleic_acid   0 
_refine_hist.pdbx_number_atoms_ligand         43 
_refine_hist.pdbx_number_atoms_lipid          ? 
_refine_hist.pdbx_number_atoms_carb           ? 
_refine_hist.pdbx_pseudo_atom_details         ? 
# 
_struct.entry_id                     8A2V 
_struct.title                        'Room temperature structure of the ground state of AtPhot2LOV2 in space group P43212' 
_struct.pdbx_model_details           ? 
_struct.pdbx_formula_weight          ? 
_struct.pdbx_formula_weight_method   ? 
_struct.pdbx_model_type_details      ? 
_struct.pdbx_CASP_flag               N 
# 
_struct_keywords.entry_id        8A2V 
_struct_keywords.text            'LOV domain, PLANT PROTEIN' 
_struct_keywords.pdbx_keywords   'PLANT PROTEIN' 
# 
loop_
_struct_asym.id 
_struct_asym.pdbx_blank_PDB_chainid_flag 
_struct_asym.pdbx_modified 
_struct_asym.entity_id 
_struct_asym.details 
A N N 1 ? 
B N N 2 ? 
C N N 3 ? 
D N N 4 ? 
# 
_struct_ref.id                         1 
_struct_ref.db_name                    UNP 
_struct_ref.db_code                    PHOT2_ARATH 
_struct_ref.pdbx_db_accession          P93025 
_struct_ref.pdbx_db_isoform            ? 
_struct_ref.entity_id                  1 
_struct_ref.pdbx_seq_one_letter_code   
;EKNFVISDPRLPDNPIIFASDSFLELTEYSREEILGRNCRFLQGPETDQATVQKIRDAIRDQREITVQLINYTKSGKKFW
NLFHLQPMRDQKGELQYFIGVQLDG
;
_struct_ref.pdbx_align_begin           388 
# 
_struct_ref_seq.align_id                      1 
_struct_ref_seq.ref_id                        1 
_struct_ref_seq.pdbx_PDB_id_code              8A2V 
_struct_ref_seq.pdbx_strand_id                A 
_struct_ref_seq.seq_align_beg                 2 
_struct_ref_seq.pdbx_seq_align_beg_ins_code   ? 
_struct_ref_seq.seq_align_end                 106 
_struct_ref_seq.pdbx_seq_align_end_ins_code   ? 
_struct_ref_seq.pdbx_db_accession             P93025 
_struct_ref_seq.db_align_beg                  388 
_struct_ref_seq.pdbx_db_align_beg_ins_code    ? 
_struct_ref_seq.db_align_end                  492 
_struct_ref_seq.pdbx_db_align_end_ins_code    ? 
_struct_ref_seq.pdbx_auth_seq_align_beg       388 
_struct_ref_seq.pdbx_auth_seq_align_end       492 
# 
loop_
_struct_ref_seq_dif.align_id 
_struct_ref_seq_dif.pdbx_pdb_id_code 
_struct_ref_seq_dif.mon_id 
_struct_ref_seq_dif.pdbx_pdb_strand_id 
_struct_ref_seq_dif.seq_num 
_struct_ref_seq_dif.pdbx_pdb_ins_code 
_struct_ref_seq_dif.pdbx_seq_db_name 
_struct_ref_seq_dif.pdbx_seq_db_accession_code 
_struct_ref_seq_dif.db_mon_id 
_struct_ref_seq_dif.pdbx_seq_db_seq_num 
_struct_ref_seq_dif.details 
_struct_ref_seq_dif.pdbx_auth_seq_num 
_struct_ref_seq_dif.pdbx_ordinal 
1 8A2V MET A 1   ? UNP P93025 ? ? 'initiating methionine' 387 1  
1 8A2V GLU A 107 ? UNP P93025 ? ? 'expression tag'        493 2  
1 8A2V PHE A 108 ? UNP P93025 ? ? 'expression tag'        494 3  
1 8A2V ILE A 109 ? UNP P93025 ? ? 'expression tag'        495 4  
1 8A2V PRO A 110 ? UNP P93025 ? ? 'expression tag'        496 5  
1 8A2V ASN A 111 ? UNP P93025 ? ? 'expression tag'        497 6  
1 8A2V PRO A 112 ? UNP P93025 ? ? 'expression tag'        498 7  
1 8A2V LEU A 113 ? UNP P93025 ? ? 'expression tag'        499 8  
1 8A2V LEU A 114 ? UNP P93025 ? ? 'expression tag'        500 9  
1 8A2V GLY A 115 ? UNP P93025 ? ? 'expression tag'        501 10 
1 8A2V LEU A 116 ? UNP P93025 ? ? 'expression tag'        502 11 
1 8A2V ASP A 117 ? UNP P93025 ? ? 'expression tag'        503 12 
1 8A2V SER A 118 ? UNP P93025 ? ? 'expression tag'        504 13 
1 8A2V THR A 119 ? UNP P93025 ? ? 'expression tag'        505 14 
1 8A2V ARG A 120 ? UNP P93025 ? ? 'expression tag'        506 15 
1 8A2V THR A 121 ? UNP P93025 ? ? 'expression tag'        507 16 
1 8A2V GLY A 122 ? UNP P93025 ? ? 'expression tag'        508 17 
1 8A2V HIS A 123 ? UNP P93025 ? ? 'expression tag'        509 18 
1 8A2V HIS A 124 ? UNP P93025 ? ? 'expression tag'        510 19 
1 8A2V HIS A 125 ? UNP P93025 ? ? 'expression tag'        511 20 
1 8A2V HIS A 126 ? UNP P93025 ? ? 'expression tag'        512 21 
1 8A2V HIS A 127 ? UNP P93025 ? ? 'expression tag'        513 22 
1 8A2V HIS A 128 ? UNP P93025 ? ? 'expression tag'        514 23 
# 
_pdbx_struct_assembly.id                   1 
_pdbx_struct_assembly.details              author_defined_assembly 
_pdbx_struct_assembly.method_details       ? 
_pdbx_struct_assembly.oligomeric_details   monomeric 
_pdbx_struct_assembly.oligomeric_count     1 
# 
_pdbx_struct_assembly_gen.assembly_id       1 
_pdbx_struct_assembly_gen.oper_expression   1 
_pdbx_struct_assembly_gen.asym_id_list      A,B,C,D 
# 
_pdbx_struct_assembly_auth_evidence.id                     1 
_pdbx_struct_assembly_auth_evidence.assembly_id            1 
_pdbx_struct_assembly_auth_evidence.experimental_support   'gel filtration' 
_pdbx_struct_assembly_auth_evidence.details                ? 
# 
_pdbx_struct_oper_list.id                   1 
_pdbx_struct_oper_list.type                 'identity operation' 
_pdbx_struct_oper_list.name                 1_555 
_pdbx_struct_oper_list.symmetry_operation   x,y,z 
_pdbx_struct_oper_list.matrix[1][1]         1.0000000000 
_pdbx_struct_oper_list.matrix[1][2]         0.0000000000 
_pdbx_struct_oper_list.matrix[1][3]         0.0000000000 
_pdbx_struct_oper_list.vector[1]            0.0000000000 
_pdbx_struct_oper_list.matrix[2][1]         0.0000000000 
_pdbx_struct_oper_list.matrix[2][2]         1.0000000000 
_pdbx_struct_oper_list.matrix[2][3]         0.0000000000 
_pdbx_struct_oper_list.vector[2]            0.0000000000 
_pdbx_struct_oper_list.matrix[3][1]         0.0000000000 
_pdbx_struct_oper_list.matrix[3][2]         0.0000000000 
_pdbx_struct_oper_list.matrix[3][3]         1.0000000000 
_pdbx_struct_oper_list.vector[3]            0.0000000000 
# 
loop_
_struct_conf.conf_type_id 
_struct_conf.id 
_struct_conf.pdbx_PDB_helix_id 
_struct_conf.beg_label_comp_id 
_struct_conf.beg_label_asym_id 
_struct_conf.beg_label_seq_id 
_struct_conf.pdbx_beg_PDB_ins_code 
_struct_conf.end_label_comp_id 
_struct_conf.end_label_asym_id 
_struct_conf.end_label_seq_id 
_struct_conf.pdbx_end_PDB_ins_code 
_struct_conf.beg_auth_comp_id 
_struct_conf.beg_auth_asym_id 
_struct_conf.beg_auth_seq_id 
_struct_conf.end_auth_comp_id 
_struct_conf.end_auth_asym_id 
_struct_conf.end_auth_seq_id 
_struct_conf.pdbx_PDB_helix_class 
_struct_conf.details 
_struct_conf.pdbx_PDB_helix_length 
HELX_P HELX_P1 AA1 SER A 21  ? GLU A 29  ? SER A 407 GLU A 415 1 ? 9  
HELX_P HELX_P2 AA2 SER A 31  ? LEU A 36  ? SER A 417 LEU A 422 1 ? 6  
HELX_P HELX_P3 AA3 ASN A 39  ? GLN A 44  ? ASN A 425 GLN A 430 5 ? 6  
HELX_P HELX_P4 AA4 ASP A 49  ? GLN A 63  ? ASP A 435 GLN A 449 1 ? 15 
HELX_P HELX_P5 AA5 PRO A 110 ? GLY A 115 ? PRO A 496 GLY A 501 1 ? 6  
# 
_struct_conf_type.id          HELX_P 
_struct_conf_type.criteria    ? 
_struct_conf_type.reference   ? 
# 
_struct_sheet.id               AA1 
_struct_sheet.type             ? 
_struct_sheet.number_strands   5 
_struct_sheet.details          ? 
# 
loop_
_struct_sheet_order.sheet_id 
_struct_sheet_order.range_id_1 
_struct_sheet_order.range_id_2 
_struct_sheet_order.offset 
_struct_sheet_order.sense 
AA1 1 2 ? anti-parallel 
AA1 2 3 ? anti-parallel 
AA1 3 4 ? anti-parallel 
AA1 4 5 ? anti-parallel 
# 
loop_
_struct_sheet_range.sheet_id 
_struct_sheet_range.id 
_struct_sheet_range.beg_label_comp_id 
_struct_sheet_range.beg_label_asym_id 
_struct_sheet_range.beg_label_seq_id 
_struct_sheet_range.pdbx_beg_PDB_ins_code 
_struct_sheet_range.end_label_comp_id 
_struct_sheet_range.end_label_asym_id 
_struct_sheet_range.end_label_seq_id 
_struct_sheet_range.pdbx_end_PDB_ins_code 
_struct_sheet_range.beg_auth_comp_id 
_struct_sheet_range.beg_auth_asym_id 
_struct_sheet_range.beg_auth_seq_id 
_struct_sheet_range.end_auth_comp_id 
_struct_sheet_range.end_auth_asym_id 
_struct_sheet_range.end_auth_seq_id 
AA1 1 ILE A 17 ? ALA A 20  ? ILE A 403 ALA A 406 
AA1 2 ASN A 4  ? SER A 8   ? ASN A 390 SER A 394 
AA1 3 LEU A 96 ? ASP A 105 ? LEU A 482 ASP A 491 
AA1 4 LYS A 79 ? ARG A 90  ? LYS A 465 ARG A 476 
AA1 5 ILE A 66 ? TYR A 73  ? ILE A 452 TYR A 459 
# 
loop_
_pdbx_struct_sheet_hbond.sheet_id 
_pdbx_struct_sheet_hbond.range_id_1 
_pdbx_struct_sheet_hbond.range_id_2 
_pdbx_struct_sheet_hbond.range_1_label_atom_id 
_pdbx_struct_sheet_hbond.range_1_label_comp_id 
_pdbx_struct_sheet_hbond.range_1_label_asym_id 
_pdbx_struct_sheet_hbond.range_1_label_seq_id 
_pdbx_struct_sheet_hbond.range_1_PDB_ins_code 
_pdbx_struct_sheet_hbond.range_1_auth_atom_id 
_pdbx_struct_sheet_hbond.range_1_auth_comp_id 
_pdbx_struct_sheet_hbond.range_1_auth_asym_id 
_pdbx_struct_sheet_hbond.range_1_auth_seq_id 
_pdbx_struct_sheet_hbond.range_2_label_atom_id 
_pdbx_struct_sheet_hbond.range_2_label_comp_id 
_pdbx_struct_sheet_hbond.range_2_label_asym_id 
_pdbx_struct_sheet_hbond.range_2_label_seq_id 
_pdbx_struct_sheet_hbond.range_2_PDB_ins_code 
_pdbx_struct_sheet_hbond.range_2_auth_atom_id 
_pdbx_struct_sheet_hbond.range_2_auth_comp_id 
_pdbx_struct_sheet_hbond.range_2_auth_asym_id 
_pdbx_struct_sheet_hbond.range_2_auth_seq_id 
AA1 1 2 O ILE A 18  ? O ILE A 404 N ILE A 7   ? N ILE A 393 
AA1 2 3 N VAL A 6   ? N VAL A 392 O GLY A 101 ? O GLY A 487 
AA1 3 4 O LEU A 104 ? O LEU A 490 N LEU A 83  ? N LEU A 469 
AA1 4 5 O PHE A 84  ? O PHE A 470 N VAL A 68  ? N VAL A 454 
# 
loop_
_pdbx_validate_close_contact.id 
_pdbx_validate_close_contact.PDB_model_num 
_pdbx_validate_close_contact.auth_atom_id_1 
_pdbx_validate_close_contact.auth_asym_id_1 
_pdbx_validate_close_contact.auth_comp_id_1 
_pdbx_validate_close_contact.auth_seq_id_1 
_pdbx_validate_close_contact.PDB_ins_code_1 
_pdbx_validate_close_contact.label_alt_id_1 
_pdbx_validate_close_contact.auth_atom_id_2 
_pdbx_validate_close_contact.auth_asym_id_2 
_pdbx_validate_close_contact.auth_comp_id_2 
_pdbx_validate_close_contact.auth_seq_id_2 
_pdbx_validate_close_contact.PDB_ins_code_2 
_pdbx_validate_close_contact.label_alt_id_2 
_pdbx_validate_close_contact.dist 
1 1 OE2 A GLU 433 ? B O   A HOH 1102 ? ? 2.03 
2 1 OE1 A GLN 440 ? ? NH1 A ARG 443  ? ? 2.04 
# 
_pdbx_validate_planes.id              1 
_pdbx_validate_planes.PDB_model_num   1 
_pdbx_validate_planes.auth_comp_id    ARG 
_pdbx_validate_planes.auth_asym_id    A 
_pdbx_validate_planes.auth_seq_id     476 
_pdbx_validate_planes.PDB_ins_code    ? 
_pdbx_validate_planes.label_alt_id    ? 
_pdbx_validate_planes.rmsd            0.097 
_pdbx_validate_planes.type            'SIDE CHAIN' 
# 
_pdbx_struct_special_symmetry.id              1 
_pdbx_struct_special_symmetry.PDB_model_num   1 
_pdbx_struct_special_symmetry.auth_asym_id    A 
_pdbx_struct_special_symmetry.auth_comp_id    HOH 
_pdbx_struct_special_symmetry.auth_seq_id     1187 
_pdbx_struct_special_symmetry.PDB_ins_code    ? 
_pdbx_struct_special_symmetry.label_asym_id   D 
_pdbx_struct_special_symmetry.label_comp_id   HOH 
_pdbx_struct_special_symmetry.label_seq_id    . 
# 
_pdbx_entry_details.entry_id                 8A2V 
_pdbx_entry_details.has_ligand_of_interest   N 
_pdbx_entry_details.compound_details         ? 
_pdbx_entry_details.source_details           ? 
_pdbx_entry_details.nonpolymer_details       ? 
_pdbx_entry_details.sequence_details         ? 
# 
loop_
_pdbx_unobs_or_zero_occ_residues.id 
_pdbx_unobs_or_zero_occ_residues.PDB_model_num 
_pdbx_unobs_or_zero_occ_residues.polymer_flag 
_pdbx_unobs_or_zero_occ_residues.occupancy_flag 
_pdbx_unobs_or_zero_occ_residues.auth_asym_id 
_pdbx_unobs_or_zero_occ_residues.auth_comp_id 
_pdbx_unobs_or_zero_occ_residues.auth_seq_id 
_pdbx_unobs_or_zero_occ_residues.PDB_ins_code 
_pdbx_unobs_or_zero_occ_residues.label_asym_id 
_pdbx_unobs_or_zero_occ_residues.label_comp_id 
_pdbx_unobs_or_zero_occ_residues.label_seq_id 
1  1 Y 1 A ASP 503 ? A ASP 117 
2  1 Y 1 A SER 504 ? A SER 118 
3  1 Y 1 A THR 505 ? A THR 119 
4  1 Y 1 A ARG 506 ? A ARG 120 
5  1 Y 1 A THR 507 ? A THR 121 
6  1 Y 1 A GLY 508 ? A GLY 122 
7  1 Y 1 A HIS 509 ? A HIS 123 
8  1 Y 1 A HIS 510 ? A HIS 124 
9  1 Y 1 A HIS 511 ? A HIS 125 
10 1 Y 1 A HIS 512 ? A HIS 126 
11 1 Y 1 A HIS 513 ? A HIS 127 
12 1 Y 1 A HIS 514 ? A HIS 128 
# 
loop_
_chem_comp_atom.comp_id 
_chem_comp_atom.atom_id 
_chem_comp_atom.type_symbol 
_chem_comp_atom.pdbx_aromatic_flag 
_chem_comp_atom.pdbx_stereo_config 
_chem_comp_atom.pdbx_ordinal 
ALA N      N N N 1   
ALA CA     C N S 2   
ALA C      C N N 3   
ALA O      O N N 4   
ALA CB     C N N 5   
ALA OXT    O N N 6   
ALA H      H N N 7   
ALA H2     H N N 8   
ALA HA     H N N 9   
ALA HB1    H N N 10  
ALA HB2    H N N 11  
ALA HB3    H N N 12  
ALA HXT    H N N 13  
ARG N      N N N 14  
ARG CA     C N S 15  
ARG C      C N N 16  
ARG O      O N N 17  
ARG CB     C N N 18  
ARG CG     C N N 19  
ARG CD     C N N 20  
ARG NE     N N N 21  
ARG CZ     C N N 22  
ARG NH1    N N N 23  
ARG NH2    N N N 24  
ARG OXT    O N N 25  
ARG H      H N N 26  
ARG H2     H N N 27  
ARG HA     H N N 28  
ARG HB2    H N N 29  
ARG HB3    H N N 30  
ARG HG2    H N N 31  
ARG HG3    H N N 32  
ARG HD2    H N N 33  
ARG HD3    H N N 34  
ARG HE     H N N 35  
ARG HH11   H N N 36  
ARG HH12   H N N 37  
ARG HH21   H N N 38  
ARG HH22   H N N 39  
ARG HXT    H N N 40  
ASN N      N N N 41  
ASN CA     C N S 42  
ASN C      C N N 43  
ASN O      O N N 44  
ASN CB     C N N 45  
ASN CG     C N N 46  
ASN OD1    O N N 47  
ASN ND2    N N N 48  
ASN OXT    O N N 49  
ASN H      H N N 50  
ASN H2     H N N 51  
ASN HA     H N N 52  
ASN HB2    H N N 53  
ASN HB3    H N N 54  
ASN HD21   H N N 55  
ASN HD22   H N N 56  
ASN HXT    H N N 57  
ASP N      N N N 58  
ASP CA     C N S 59  
ASP C      C N N 60  
ASP O      O N N 61  
ASP CB     C N N 62  
ASP CG     C N N 63  
ASP OD1    O N N 64  
ASP OD2    O N N 65  
ASP OXT    O N N 66  
ASP H      H N N 67  
ASP H2     H N N 68  
ASP HA     H N N 69  
ASP HB2    H N N 70  
ASP HB3    H N N 71  
ASP HD2    H N N 72  
ASP HXT    H N N 73  
CYS N      N N N 74  
CYS CA     C N R 75  
CYS C      C N N 76  
CYS O      O N N 77  
CYS CB     C N N 78  
CYS SG     S N N 79  
CYS OXT    O N N 80  
CYS H      H N N 81  
CYS H2     H N N 82  
CYS HA     H N N 83  
CYS HB2    H N N 84  
CYS HB3    H N N 85  
CYS HG     H N N 86  
CYS HXT    H N N 87  
FMN N1     N N N 88  
FMN C2     C N N 89  
FMN O2     O N N 90  
FMN N3     N N N 91  
FMN C4     C N N 92  
FMN O4     O N N 93  
FMN C4A    C N N 94  
FMN N5     N N N 95  
FMN C5A    C Y N 96  
FMN C6     C Y N 97  
FMN C7     C Y N 98  
FMN C7M    C N N 99  
FMN C8     C Y N 100 
FMN C8M    C N N 101 
FMN C9     C Y N 102 
FMN C9A    C Y N 103 
FMN N10    N N N 104 
FMN C10    C N N 105 
FMN "C1'"  C N N 106 
FMN "C2'"  C N S 107 
FMN "O2'"  O N N 108 
FMN "C3'"  C N S 109 
FMN "O3'"  O N N 110 
FMN "C4'"  C N R 111 
FMN "O4'"  O N N 112 
FMN "C5'"  C N N 113 
FMN "O5'"  O N N 114 
FMN P      P N N 115 
FMN O1P    O N N 116 
FMN O2P    O N N 117 
FMN O3P    O N N 118 
FMN HN3    H N N 119 
FMN H6     H N N 120 
FMN HM71   H N N 121 
FMN HM72   H N N 122 
FMN HM73   H N N 123 
FMN HM81   H N N 124 
FMN HM82   H N N 125 
FMN HM83   H N N 126 
FMN H9     H N N 127 
FMN "H1'1" H N N 128 
FMN "H1'2" H N N 129 
FMN "H2'"  H N N 130 
FMN "HO2'" H N N 131 
FMN "H3'"  H N N 132 
FMN "HO3'" H N N 133 
FMN "H4'"  H N N 134 
FMN "HO4'" H N N 135 
FMN "H5'1" H N N 136 
FMN "H5'2" H N N 137 
FMN HOP2   H N N 138 
FMN HOP3   H N N 139 
GLN N      N N N 140 
GLN CA     C N S 141 
GLN C      C N N 142 
GLN O      O N N 143 
GLN CB     C N N 144 
GLN CG     C N N 145 
GLN CD     C N N 146 
GLN OE1    O N N 147 
GLN NE2    N N N 148 
GLN OXT    O N N 149 
GLN H      H N N 150 
GLN H2     H N N 151 
GLN HA     H N N 152 
GLN HB2    H N N 153 
GLN HB3    H N N 154 
GLN HG2    H N N 155 
GLN HG3    H N N 156 
GLN HE21   H N N 157 
GLN HE22   H N N 158 
GLN HXT    H N N 159 
GLU N      N N N 160 
GLU CA     C N S 161 
GLU C      C N N 162 
GLU O      O N N 163 
GLU CB     C N N 164 
GLU CG     C N N 165 
GLU CD     C N N 166 
GLU OE1    O N N 167 
GLU OE2    O N N 168 
GLU OXT    O N N 169 
GLU H      H N N 170 
GLU H2     H N N 171 
GLU HA     H N N 172 
GLU HB2    H N N 173 
GLU HB3    H N N 174 
GLU HG2    H N N 175 
GLU HG3    H N N 176 
GLU HE2    H N N 177 
GLU HXT    H N N 178 
GLY N      N N N 179 
GLY CA     C N N 180 
GLY C      C N N 181 
GLY O      O N N 182 
GLY OXT    O N N 183 
GLY H      H N N 184 
GLY H2     H N N 185 
GLY HA2    H N N 186 
GLY HA3    H N N 187 
GLY HXT    H N N 188 
HIS N      N N N 189 
HIS CA     C N S 190 
HIS C      C N N 191 
HIS O      O N N 192 
HIS CB     C N N 193 
HIS CG     C Y N 194 
HIS ND1    N Y N 195 
HIS CD2    C Y N 196 
HIS CE1    C Y N 197 
HIS NE2    N Y N 198 
HIS OXT    O N N 199 
HIS H      H N N 200 
HIS H2     H N N 201 
HIS HA     H N N 202 
HIS HB2    H N N 203 
HIS HB3    H N N 204 
HIS HD1    H N N 205 
HIS HD2    H N N 206 
HIS HE1    H N N 207 
HIS HE2    H N N 208 
HIS HXT    H N N 209 
HOH O      O N N 210 
HOH H1     H N N 211 
HOH H2     H N N 212 
ILE N      N N N 213 
ILE CA     C N S 214 
ILE C      C N N 215 
ILE O      O N N 216 
ILE CB     C N S 217 
ILE CG1    C N N 218 
ILE CG2    C N N 219 
ILE CD1    C N N 220 
ILE OXT    O N N 221 
ILE H      H N N 222 
ILE H2     H N N 223 
ILE HA     H N N 224 
ILE HB     H N N 225 
ILE HG12   H N N 226 
ILE HG13   H N N 227 
ILE HG21   H N N 228 
ILE HG22   H N N 229 
ILE HG23   H N N 230 
ILE HD11   H N N 231 
ILE HD12   H N N 232 
ILE HD13   H N N 233 
ILE HXT    H N N 234 
LEU N      N N N 235 
LEU CA     C N S 236 
LEU C      C N N 237 
LEU O      O N N 238 
LEU CB     C N N 239 
LEU CG     C N N 240 
LEU CD1    C N N 241 
LEU CD2    C N N 242 
LEU OXT    O N N 243 
LEU H      H N N 244 
LEU H2     H N N 245 
LEU HA     H N N 246 
LEU HB2    H N N 247 
LEU HB3    H N N 248 
LEU HG     H N N 249 
LEU HD11   H N N 250 
LEU HD12   H N N 251 
LEU HD13   H N N 252 
LEU HD21   H N N 253 
LEU HD22   H N N 254 
LEU HD23   H N N 255 
LEU HXT    H N N 256 
LYS N      N N N 257 
LYS CA     C N S 258 
LYS C      C N N 259 
LYS O      O N N 260 
LYS CB     C N N 261 
LYS CG     C N N 262 
LYS CD     C N N 263 
LYS CE     C N N 264 
LYS NZ     N N N 265 
LYS OXT    O N N 266 
LYS H      H N N 267 
LYS H2     H N N 268 
LYS HA     H N N 269 
LYS HB2    H N N 270 
LYS HB3    H N N 271 
LYS HG2    H N N 272 
LYS HG3    H N N 273 
LYS HD2    H N N 274 
LYS HD3    H N N 275 
LYS HE2    H N N 276 
LYS HE3    H N N 277 
LYS HZ1    H N N 278 
LYS HZ2    H N N 279 
LYS HZ3    H N N 280 
LYS HXT    H N N 281 
MES O1     O N N 282 
MES C2     C N N 283 
MES C3     C N N 284 
MES N4     N N N 285 
MES C5     C N N 286 
MES C6     C N N 287 
MES C7     C N N 288 
MES C8     C N N 289 
MES S      S N N 290 
MES O1S    O N N 291 
MES O2S    O N N 292 
MES O3S    O N N 293 
MES H21    H N N 294 
MES H22    H N N 295 
MES H31    H N N 296 
MES H32    H N N 297 
MES HN4    H N N 298 
MES H51    H N N 299 
MES H52    H N N 300 
MES H61    H N N 301 
MES H62    H N N 302 
MES H71    H N N 303 
MES H72    H N N 304 
MES H81    H N N 305 
MES H82    H N N 306 
MET N      N N N 307 
MET CA     C N S 308 
MET C      C N N 309 
MET O      O N N 310 
MET CB     C N N 311 
MET CG     C N N 312 
MET SD     S N N 313 
MET CE     C N N 314 
MET OXT    O N N 315 
MET H      H N N 316 
MET H2     H N N 317 
MET HA     H N N 318 
MET HB2    H N N 319 
MET HB3    H N N 320 
MET HG2    H N N 321 
MET HG3    H N N 322 
MET HE1    H N N 323 
MET HE2    H N N 324 
MET HE3    H N N 325 
MET HXT    H N N 326 
PHE N      N N N 327 
PHE CA     C N S 328 
PHE C      C N N 329 
PHE O      O N N 330 
PHE CB     C N N 331 
PHE CG     C Y N 332 
PHE CD1    C Y N 333 
PHE CD2    C Y N 334 
PHE CE1    C Y N 335 
PHE CE2    C Y N 336 
PHE CZ     C Y N 337 
PHE OXT    O N N 338 
PHE H      H N N 339 
PHE H2     H N N 340 
PHE HA     H N N 341 
PHE HB2    H N N 342 
PHE HB3    H N N 343 
PHE HD1    H N N 344 
PHE HD2    H N N 345 
PHE HE1    H N N 346 
PHE HE2    H N N 347 
PHE HZ     H N N 348 
PHE HXT    H N N 349 
PRO N      N N N 350 
PRO CA     C N S 351 
PRO C      C N N 352 
PRO O      O N N 353 
PRO CB     C N N 354 
PRO CG     C N N 355 
PRO CD     C N N 356 
PRO OXT    O N N 357 
PRO H      H N N 358 
PRO HA     H N N 359 
PRO HB2    H N N 360 
PRO HB3    H N N 361 
PRO HG2    H N N 362 
PRO HG3    H N N 363 
PRO HD2    H N N 364 
PRO HD3    H N N 365 
PRO HXT    H N N 366 
SER N      N N N 367 
SER CA     C N S 368 
SER C      C N N 369 
SER O      O N N 370 
SER CB     C N N 371 
SER OG     O N N 372 
SER OXT    O N N 373 
SER H      H N N 374 
SER H2     H N N 375 
SER HA     H N N 376 
SER HB2    H N N 377 
SER HB3    H N N 378 
SER HG     H N N 379 
SER HXT    H N N 380 
THR N      N N N 381 
THR CA     C N S 382 
THR C      C N N 383 
THR O      O N N 384 
THR CB     C N R 385 
THR OG1    O N N 386 
THR CG2    C N N 387 
THR OXT    O N N 388 
THR H      H N N 389 
THR H2     H N N 390 
THR HA     H N N 391 
THR HB     H N N 392 
THR HG1    H N N 393 
THR HG21   H N N 394 
THR HG22   H N N 395 
THR HG23   H N N 396 
THR HXT    H N N 397 
TRP N      N N N 398 
TRP CA     C N S 399 
TRP C      C N N 400 
TRP O      O N N 401 
TRP CB     C N N 402 
TRP CG     C Y N 403 
TRP CD1    C Y N 404 
TRP CD2    C Y N 405 
TRP NE1    N Y N 406 
TRP CE2    C Y N 407 
TRP CE3    C Y N 408 
TRP CZ2    C Y N 409 
TRP CZ3    C Y N 410 
TRP CH2    C Y N 411 
TRP OXT    O N N 412 
TRP H      H N N 413 
TRP H2     H N N 414 
TRP HA     H N N 415 
TRP HB2    H N N 416 
TRP HB3    H N N 417 
TRP HD1    H N N 418 
TRP HE1    H N N 419 
TRP HE3    H N N 420 
TRP HZ2    H N N 421 
TRP HZ3    H N N 422 
TRP HH2    H N N 423 
TRP HXT    H N N 424 
TYR N      N N N 425 
TYR CA     C N S 426 
TYR C      C N N 427 
TYR O      O N N 428 
TYR CB     C N N 429 
TYR CG     C Y N 430 
TYR CD1    C Y N 431 
TYR CD2    C Y N 432 
TYR CE1    C Y N 433 
TYR CE2    C Y N 434 
TYR CZ     C Y N 435 
TYR OH     O N N 436 
TYR OXT    O N N 437 
TYR H      H N N 438 
TYR H2     H N N 439 
TYR HA     H N N 440 
TYR HB2    H N N 441 
TYR HB3    H N N 442 
TYR HD1    H N N 443 
TYR HD2    H N N 444 
TYR HE1    H N N 445 
TYR HE2    H N N 446 
TYR HH     H N N 447 
TYR HXT    H N N 448 
VAL N      N N N 449 
VAL CA     C N S 450 
VAL C      C N N 451 
VAL O      O N N 452 
VAL CB     C N N 453 
VAL CG1    C N N 454 
VAL CG2    C N N 455 
VAL OXT    O N N 456 
VAL H      H N N 457 
VAL H2     H N N 458 
VAL HA     H N N 459 
VAL HB     H N N 460 
VAL HG11   H N N 461 
VAL HG12   H N N 462 
VAL HG13   H N N 463 
VAL HG21   H N N 464 
VAL HG22   H N N 465 
VAL HG23   H N N 466 
VAL HXT    H N N 467 
# 
loop_
_chem_comp_bond.comp_id 
_chem_comp_bond.atom_id_1 
_chem_comp_bond.atom_id_2 
_chem_comp_bond.value_order 
_chem_comp_bond.pdbx_aromatic_flag 
_chem_comp_bond.pdbx_stereo_config 
_chem_comp_bond.pdbx_ordinal 
ALA N     CA     sing N N 1   
ALA N     H      sing N N 2   
ALA N     H2     sing N N 3   
ALA CA    C      sing N N 4   
ALA CA    CB     sing N N 5   
ALA CA    HA     sing N N 6   
ALA C     O      doub N N 7   
ALA C     OXT    sing N N 8   
ALA CB    HB1    sing N N 9   
ALA CB    HB2    sing N N 10  
ALA CB    HB3    sing N N 11  
ALA OXT   HXT    sing N N 12  
ARG N     CA     sing N N 13  
ARG N     H      sing N N 14  
ARG N     H2     sing N N 15  
ARG CA    C      sing N N 16  
ARG CA    CB     sing N N 17  
ARG CA    HA     sing N N 18  
ARG C     O      doub N N 19  
ARG C     OXT    sing N N 20  
ARG CB    CG     sing N N 21  
ARG CB    HB2    sing N N 22  
ARG CB    HB3    sing N N 23  
ARG CG    CD     sing N N 24  
ARG CG    HG2    sing N N 25  
ARG CG    HG3    sing N N 26  
ARG CD    NE     sing N N 27  
ARG CD    HD2    sing N N 28  
ARG CD    HD3    sing N N 29  
ARG NE    CZ     sing N N 30  
ARG NE    HE     sing N N 31  
ARG CZ    NH1    sing N N 32  
ARG CZ    NH2    doub N N 33  
ARG NH1   HH11   sing N N 34  
ARG NH1   HH12   sing N N 35  
ARG NH2   HH21   sing N N 36  
ARG NH2   HH22   sing N N 37  
ARG OXT   HXT    sing N N 38  
ASN N     CA     sing N N 39  
ASN N     H      sing N N 40  
ASN N     H2     sing N N 41  
ASN CA    C      sing N N 42  
ASN CA    CB     sing N N 43  
ASN CA    HA     sing N N 44  
ASN C     O      doub N N 45  
ASN C     OXT    sing N N 46  
ASN CB    CG     sing N N 47  
ASN CB    HB2    sing N N 48  
ASN CB    HB3    sing N N 49  
ASN CG    OD1    doub N N 50  
ASN CG    ND2    sing N N 51  
ASN ND2   HD21   sing N N 52  
ASN ND2   HD22   sing N N 53  
ASN OXT   HXT    sing N N 54  
ASP N     CA     sing N N 55  
ASP N     H      sing N N 56  
ASP N     H2     sing N N 57  
ASP CA    C      sing N N 58  
ASP CA    CB     sing N N 59  
ASP CA    HA     sing N N 60  
ASP C     O      doub N N 61  
ASP C     OXT    sing N N 62  
ASP CB    CG     sing N N 63  
ASP CB    HB2    sing N N 64  
ASP CB    HB3    sing N N 65  
ASP CG    OD1    doub N N 66  
ASP CG    OD2    sing N N 67  
ASP OD2   HD2    sing N N 68  
ASP OXT   HXT    sing N N 69  
CYS N     CA     sing N N 70  
CYS N     H      sing N N 71  
CYS N     H2     sing N N 72  
CYS CA    C      sing N N 73  
CYS CA    CB     sing N N 74  
CYS CA    HA     sing N N 75  
CYS C     O      doub N N 76  
CYS C     OXT    sing N N 77  
CYS CB    SG     sing N N 78  
CYS CB    HB2    sing N N 79  
CYS CB    HB3    sing N N 80  
CYS SG    HG     sing N N 81  
CYS OXT   HXT    sing N N 82  
FMN N1    C2     sing N N 83  
FMN N1    C10    doub N N 84  
FMN C2    O2     doub N N 85  
FMN C2    N3     sing N N 86  
FMN N3    C4     sing N N 87  
FMN N3    HN3    sing N N 88  
FMN C4    O4     doub N N 89  
FMN C4    C4A    sing N N 90  
FMN C4A   N5     doub N N 91  
FMN C4A   C10    sing N N 92  
FMN N5    C5A    sing N N 93  
FMN C5A   C6     doub Y N 94  
FMN C5A   C9A    sing Y N 95  
FMN C6    C7     sing Y N 96  
FMN C6    H6     sing N N 97  
FMN C7    C7M    sing N N 98  
FMN C7    C8     doub Y N 99  
FMN C7M   HM71   sing N N 100 
FMN C7M   HM72   sing N N 101 
FMN C7M   HM73   sing N N 102 
FMN C8    C8M    sing N N 103 
FMN C8    C9     sing Y N 104 
FMN C8M   HM81   sing N N 105 
FMN C8M   HM82   sing N N 106 
FMN C8M   HM83   sing N N 107 
FMN C9    C9A    doub Y N 108 
FMN C9    H9     sing N N 109 
FMN C9A   N10    sing N N 110 
FMN N10   C10    sing N N 111 
FMN N10   "C1'"  sing N N 112 
FMN "C1'" "C2'"  sing N N 113 
FMN "C1'" "H1'1" sing N N 114 
FMN "C1'" "H1'2" sing N N 115 
FMN "C2'" "O2'"  sing N N 116 
FMN "C2'" "C3'"  sing N N 117 
FMN "C2'" "H2'"  sing N N 118 
FMN "O2'" "HO2'" sing N N 119 
FMN "C3'" "O3'"  sing N N 120 
FMN "C3'" "C4'"  sing N N 121 
FMN "C3'" "H3'"  sing N N 122 
FMN "O3'" "HO3'" sing N N 123 
FMN "C4'" "O4'"  sing N N 124 
FMN "C4'" "C5'"  sing N N 125 
FMN "C4'" "H4'"  sing N N 126 
FMN "O4'" "HO4'" sing N N 127 
FMN "C5'" "O5'"  sing N N 128 
FMN "C5'" "H5'1" sing N N 129 
FMN "C5'" "H5'2" sing N N 130 
FMN "O5'" P      sing N N 131 
FMN P     O1P    doub N N 132 
FMN P     O2P    sing N N 133 
FMN P     O3P    sing N N 134 
FMN O2P   HOP2   sing N N 135 
FMN O3P   HOP3   sing N N 136 
GLN N     CA     sing N N 137 
GLN N     H      sing N N 138 
GLN N     H2     sing N N 139 
GLN CA    C      sing N N 140 
GLN CA    CB     sing N N 141 
GLN CA    HA     sing N N 142 
GLN C     O      doub N N 143 
GLN C     OXT    sing N N 144 
GLN CB    CG     sing N N 145 
GLN CB    HB2    sing N N 146 
GLN CB    HB3    sing N N 147 
GLN CG    CD     sing N N 148 
GLN CG    HG2    sing N N 149 
GLN CG    HG3    sing N N 150 
GLN CD    OE1    doub N N 151 
GLN CD    NE2    sing N N 152 
GLN NE2   HE21   sing N N 153 
GLN NE2   HE22   sing N N 154 
GLN OXT   HXT    sing N N 155 
GLU N     CA     sing N N 156 
GLU N     H      sing N N 157 
GLU N     H2     sing N N 158 
GLU CA    C      sing N N 159 
GLU CA    CB     sing N N 160 
GLU CA    HA     sing N N 161 
GLU C     O      doub N N 162 
GLU C     OXT    sing N N 163 
GLU CB    CG     sing N N 164 
GLU CB    HB2    sing N N 165 
GLU CB    HB3    sing N N 166 
GLU CG    CD     sing N N 167 
GLU CG    HG2    sing N N 168 
GLU CG    HG3    sing N N 169 
GLU CD    OE1    doub N N 170 
GLU CD    OE2    sing N N 171 
GLU OE2   HE2    sing N N 172 
GLU OXT   HXT    sing N N 173 
GLY N     CA     sing N N 174 
GLY N     H      sing N N 175 
GLY N     H2     sing N N 176 
GLY CA    C      sing N N 177 
GLY CA    HA2    sing N N 178 
GLY CA    HA3    sing N N 179 
GLY C     O      doub N N 180 
GLY C     OXT    sing N N 181 
GLY OXT   HXT    sing N N 182 
HIS N     CA     sing N N 183 
HIS N     H      sing N N 184 
HIS N     H2     sing N N 185 
HIS CA    C      sing N N 186 
HIS CA    CB     sing N N 187 
HIS CA    HA     sing N N 188 
HIS C     O      doub N N 189 
HIS C     OXT    sing N N 190 
HIS CB    CG     sing N N 191 
HIS CB    HB2    sing N N 192 
HIS CB    HB3    sing N N 193 
HIS CG    ND1    sing Y N 194 
HIS CG    CD2    doub Y N 195 
HIS ND1   CE1    doub Y N 196 
HIS ND1   HD1    sing N N 197 
HIS CD2   NE2    sing Y N 198 
HIS CD2   HD2    sing N N 199 
HIS CE1   NE2    sing Y N 200 
HIS CE1   HE1    sing N N 201 
HIS NE2   HE2    sing N N 202 
HIS OXT   HXT    sing N N 203 
HOH O     H1     sing N N 204 
HOH O     H2     sing N N 205 
ILE N     CA     sing N N 206 
ILE N     H      sing N N 207 
ILE N     H2     sing N N 208 
ILE CA    C      sing N N 209 
ILE CA    CB     sing N N 210 
ILE CA    HA     sing N N 211 
ILE C     O      doub N N 212 
ILE C     OXT    sing N N 213 
ILE CB    CG1    sing N N 214 
ILE CB    CG2    sing N N 215 
ILE CB    HB     sing N N 216 
ILE CG1   CD1    sing N N 217 
ILE CG1   HG12   sing N N 218 
ILE CG1   HG13   sing N N 219 
ILE CG2   HG21   sing N N 220 
ILE CG2   HG22   sing N N 221 
ILE CG2   HG23   sing N N 222 
ILE CD1   HD11   sing N N 223 
ILE CD1   HD12   sing N N 224 
ILE CD1   HD13   sing N N 225 
ILE OXT   HXT    sing N N 226 
LEU N     CA     sing N N 227 
LEU N     H      sing N N 228 
LEU N     H2     sing N N 229 
LEU CA    C      sing N N 230 
LEU CA    CB     sing N N 231 
LEU CA    HA     sing N N 232 
LEU C     O      doub N N 233 
LEU C     OXT    sing N N 234 
LEU CB    CG     sing N N 235 
LEU CB    HB2    sing N N 236 
LEU CB    HB3    sing N N 237 
LEU CG    CD1    sing N N 238 
LEU CG    CD2    sing N N 239 
LEU CG    HG     sing N N 240 
LEU CD1   HD11   sing N N 241 
LEU CD1   HD12   sing N N 242 
LEU CD1   HD13   sing N N 243 
LEU CD2   HD21   sing N N 244 
LEU CD2   HD22   sing N N 245 
LEU CD2   HD23   sing N N 246 
LEU OXT   HXT    sing N N 247 
LYS N     CA     sing N N 248 
LYS N     H      sing N N 249 
LYS N     H2     sing N N 250 
LYS CA    C      sing N N 251 
LYS CA    CB     sing N N 252 
LYS CA    HA     sing N N 253 
LYS C     O      doub N N 254 
LYS C     OXT    sing N N 255 
LYS CB    CG     sing N N 256 
LYS CB    HB2    sing N N 257 
LYS CB    HB3    sing N N 258 
LYS CG    CD     sing N N 259 
LYS CG    HG2    sing N N 260 
LYS CG    HG3    sing N N 261 
LYS CD    CE     sing N N 262 
LYS CD    HD2    sing N N 263 
LYS CD    HD3    sing N N 264 
LYS CE    NZ     sing N N 265 
LYS CE    HE2    sing N N 266 
LYS CE    HE3    sing N N 267 
LYS NZ    HZ1    sing N N 268 
LYS NZ    HZ2    sing N N 269 
LYS NZ    HZ3    sing N N 270 
LYS OXT   HXT    sing N N 271 
MES O1    C2     sing N N 272 
MES O1    C6     sing N N 273 
MES C2    C3     sing N N 274 
MES C2    H21    sing N N 275 
MES C2    H22    sing N N 276 
MES C3    N4     sing N N 277 
MES C3    H31    sing N N 278 
MES C3    H32    sing N N 279 
MES N4    C5     sing N N 280 
MES N4    C7     sing N N 281 
MES N4    HN4    sing N N 282 
MES C5    C6     sing N N 283 
MES C5    H51    sing N N 284 
MES C5    H52    sing N N 285 
MES C6    H61    sing N N 286 
MES C6    H62    sing N N 287 
MES C7    C8     sing N N 288 
MES C7    H71    sing N N 289 
MES C7    H72    sing N N 290 
MES C8    S      sing N N 291 
MES C8    H81    sing N N 292 
MES C8    H82    sing N N 293 
MES S     O1S    doub N N 294 
MES S     O2S    doub N N 295 
MES S     O3S    sing N N 296 
MET N     CA     sing N N 297 
MET N     H      sing N N 298 
MET N     H2     sing N N 299 
MET CA    C      sing N N 300 
MET CA    CB     sing N N 301 
MET CA    HA     sing N N 302 
MET C     O      doub N N 303 
MET C     OXT    sing N N 304 
MET CB    CG     sing N N 305 
MET CB    HB2    sing N N 306 
MET CB    HB3    sing N N 307 
MET CG    SD     sing N N 308 
MET CG    HG2    sing N N 309 
MET CG    HG3    sing N N 310 
MET SD    CE     sing N N 311 
MET CE    HE1    sing N N 312 
MET CE    HE2    sing N N 313 
MET CE    HE3    sing N N 314 
MET OXT   HXT    sing N N 315 
PHE N     CA     sing N N 316 
PHE N     H      sing N N 317 
PHE N     H2     sing N N 318 
PHE CA    C      sing N N 319 
PHE CA    CB     sing N N 320 
PHE CA    HA     sing N N 321 
PHE C     O      doub N N 322 
PHE C     OXT    sing N N 323 
PHE CB    CG     sing N N 324 
PHE CB    HB2    sing N N 325 
PHE CB    HB3    sing N N 326 
PHE CG    CD1    doub Y N 327 
PHE CG    CD2    sing Y N 328 
PHE CD1   CE1    sing Y N 329 
PHE CD1   HD1    sing N N 330 
PHE CD2   CE2    doub Y N 331 
PHE CD2   HD2    sing N N 332 
PHE CE1   CZ     doub Y N 333 
PHE CE1   HE1    sing N N 334 
PHE CE2   CZ     sing Y N 335 
PHE CE2   HE2    sing N N 336 
PHE CZ    HZ     sing N N 337 
PHE OXT   HXT    sing N N 338 
PRO N     CA     sing N N 339 
PRO N     CD     sing N N 340 
PRO N     H      sing N N 341 
PRO CA    C      sing N N 342 
PRO CA    CB     sing N N 343 
PRO CA    HA     sing N N 344 
PRO C     O      doub N N 345 
PRO C     OXT    sing N N 346 
PRO CB    CG     sing N N 347 
PRO CB    HB2    sing N N 348 
PRO CB    HB3    sing N N 349 
PRO CG    CD     sing N N 350 
PRO CG    HG2    sing N N 351 
PRO CG    HG3    sing N N 352 
PRO CD    HD2    sing N N 353 
PRO CD    HD3    sing N N 354 
PRO OXT   HXT    sing N N 355 
SER N     CA     sing N N 356 
SER N     H      sing N N 357 
SER N     H2     sing N N 358 
SER CA    C      sing N N 359 
SER CA    CB     sing N N 360 
SER CA    HA     sing N N 361 
SER C     O      doub N N 362 
SER C     OXT    sing N N 363 
SER CB    OG     sing N N 364 
SER CB    HB2    sing N N 365 
SER CB    HB3    sing N N 366 
SER OG    HG     sing N N 367 
SER OXT   HXT    sing N N 368 
THR N     CA     sing N N 369 
THR N     H      sing N N 370 
THR N     H2     sing N N 371 
THR CA    C      sing N N 372 
THR CA    CB     sing N N 373 
THR CA    HA     sing N N 374 
THR C     O      doub N N 375 
THR C     OXT    sing N N 376 
THR CB    OG1    sing N N 377 
THR CB    CG2    sing N N 378 
THR CB    HB     sing N N 379 
THR OG1   HG1    sing N N 380 
THR CG2   HG21   sing N N 381 
THR CG2   HG22   sing N N 382 
THR CG2   HG23   sing N N 383 
THR OXT   HXT    sing N N 384 
TRP N     CA     sing N N 385 
TRP N     H      sing N N 386 
TRP N     H2     sing N N 387 
TRP CA    C      sing N N 388 
TRP CA    CB     sing N N 389 
TRP CA    HA     sing N N 390 
TRP C     O      doub N N 391 
TRP C     OXT    sing N N 392 
TRP CB    CG     sing N N 393 
TRP CB    HB2    sing N N 394 
TRP CB    HB3    sing N N 395 
TRP CG    CD1    doub Y N 396 
TRP CG    CD2    sing Y N 397 
TRP CD1   NE1    sing Y N 398 
TRP CD1   HD1    sing N N 399 
TRP CD2   CE2    doub Y N 400 
TRP CD2   CE3    sing Y N 401 
TRP NE1   CE2    sing Y N 402 
TRP NE1   HE1    sing N N 403 
TRP CE2   CZ2    sing Y N 404 
TRP CE3   CZ3    doub Y N 405 
TRP CE3   HE3    sing N N 406 
TRP CZ2   CH2    doub Y N 407 
TRP CZ2   HZ2    sing N N 408 
TRP CZ3   CH2    sing Y N 409 
TRP CZ3   HZ3    sing N N 410 
TRP CH2   HH2    sing N N 411 
TRP OXT   HXT    sing N N 412 
TYR N     CA     sing N N 413 
TYR N     H      sing N N 414 
TYR N     H2     sing N N 415 
TYR CA    C      sing N N 416 
TYR CA    CB     sing N N 417 
TYR CA    HA     sing N N 418 
TYR C     O      doub N N 419 
TYR C     OXT    sing N N 420 
TYR CB    CG     sing N N 421 
TYR CB    HB2    sing N N 422 
TYR CB    HB3    sing N N 423 
TYR CG    CD1    doub Y N 424 
TYR CG    CD2    sing Y N 425 
TYR CD1   CE1    sing Y N 426 
TYR CD1   HD1    sing N N 427 
TYR CD2   CE2    doub Y N 428 
TYR CD2   HD2    sing N N 429 
TYR CE1   CZ     doub Y N 430 
TYR CE1   HE1    sing N N 431 
TYR CE2   CZ     sing Y N 432 
TYR CE2   HE2    sing N N 433 
TYR CZ    OH     sing N N 434 
TYR OH    HH     sing N N 435 
TYR OXT   HXT    sing N N 436 
VAL N     CA     sing N N 437 
VAL N     H      sing N N 438 
VAL N     H2     sing N N 439 
VAL CA    C      sing N N 440 
VAL CA    CB     sing N N 441 
VAL CA    HA     sing N N 442 
VAL C     O      doub N N 443 
VAL C     OXT    sing N N 444 
VAL CB    CG1    sing N N 445 
VAL CB    CG2    sing N N 446 
VAL CB    HB     sing N N 447 
VAL CG1   HG11   sing N N 448 
VAL CG1   HG12   sing N N 449 
VAL CG1   HG13   sing N N 450 
VAL CG2   HG21   sing N N 451 
VAL CG2   HG22   sing N N 452 
VAL CG2   HG23   sing N N 453 
VAL OXT   HXT    sing N N 454 
# 
_pdbx_audit_support.funding_organization   'Not funded' 
_pdbx_audit_support.country                ? 
_pdbx_audit_support.grant_number           ? 
_pdbx_audit_support.ordinal                1 
# 
_pdbx_initial_refinement_model.id               1 
_pdbx_initial_refinement_model.entity_id_list   ? 
_pdbx_initial_refinement_model.type             'experimental model' 
_pdbx_initial_refinement_model.source_name      PDB 
_pdbx_initial_refinement_model.accession_code   6QQK 
_pdbx_initial_refinement_model.details          ? 
# 
_atom_sites.entry_id                    8A2V 
_atom_sites.Cartn_transf_matrix[1][1]   ? 
_atom_sites.Cartn_transf_matrix[1][2]   ? 
_atom_sites.Cartn_transf_matrix[1][3]   ? 
_atom_sites.Cartn_transf_matrix[2][1]   ? 
_atom_sites.Cartn_transf_matrix[2][2]   ? 
_atom_sites.Cartn_transf_matrix[2][3]   ? 
_atom_sites.Cartn_transf_matrix[3][1]   ? 
_atom_sites.Cartn_transf_matrix[3][2]   ? 
_atom_sites.Cartn_transf_matrix[3][3]   ? 
_atom_sites.Cartn_transf_vector[1]      ? 
_atom_sites.Cartn_transf_vector[2]      ? 
_atom_sites.Cartn_transf_vector[3]      ? 
_atom_sites.fract_transf_matrix[1][1]   0.01710591 
_atom_sites.fract_transf_matrix[1][2]   -0.01511582 
_atom_sites.fract_transf_matrix[1][3]   0.00887457 
_atom_sites.fract_transf_matrix[2][1]   0.00918710 
_atom_sites.fract_transf_matrix[2][2]   0.01829212 
_atom_sites.fract_transf_matrix[2][3]   0.01344818 
_atom_sites.fract_transf_matrix[3][1]   -0.00458894 
_atom_sites.fract_transf_matrix[3][2]   -0.00186402 
_atom_sites.fract_transf_matrix[3][3]   0.00567035 
_atom_sites.fract_transf_vector[1]      0.156749 
_atom_sites.fract_transf_vector[2]      -0.039505 
_atom_sites.fract_transf_vector[3]      0.104367 
_atom_sites.solution_primary            ? 
_atom_sites.solution_secondary          ? 
_atom_sites.solution_hydrogens          ? 
_atom_sites.special_details             ? 
# 
loop_
_atom_type.symbol 
C 
H 
N 
O 
P 
S 
# 
loop_
_atom_site.group_PDB 
_atom_site.id 
_atom_site.type_symbol 
_atom_site.label_atom_id 
_atom_site.label_alt_id 
_atom_site.label_comp_id 
_atom_site.label_asym_id 
_atom_site.label_entity_id 
_atom_site.label_seq_id 
_atom_site.pdbx_PDB_ins_code 
_atom_site.Cartn_x 
_atom_site.Cartn_y 
_atom_site.Cartn_z 
_atom_site.occupancy 
_atom_site.B_iso_or_equiv 
_atom_site.pdbx_formal_charge 
_atom_site.auth_seq_id 
_atom_site.auth_comp_id 
_atom_site.auth_asym_id 
_atom_site.auth_atom_id 
_atom_site.pdbx_PDB_model_num 
ATOM   1    N N     . MET A 1 1   ? -14.571 -13.947 0.155   1.00 31.99  ? 387  MET A N     1 
ATOM   2    C CA    . MET A 1 1   ? -13.240 -13.906 0.712   1.00 30.84  ? 387  MET A CA    1 
ATOM   3    C C     . MET A 1 1   ? -12.939 -12.518 1.232   1.00 31.23  ? 387  MET A C     1 
ATOM   4    O O     . MET A 1 1   ? -13.357 -11.533 0.637   1.00 37.08  ? 387  MET A O     1 
ATOM   5    C CB    . MET A 1 1   ? -12.225 -14.319 -0.361  1.00 38.63  ? 387  MET A CB    1 
ATOM   6    C CG    . MET A 1 1   ? -10.768 -14.023 -0.065  1.00 58.71  ? 387  MET A CG    1 
ATOM   7    S SD    . MET A 1 1   ? -9.689  -14.788 -1.288  1.00 67.34  ? 387  MET A SD    1 
ATOM   8    C CE    . MET A 1 1   ? -8.086  -14.415 -0.588  1.00 61.10  ? 387  MET A CE    1 
ATOM   9    N N     . GLU A 1 2   ? -12.232 -12.447 2.349   1.00 25.31  ? 388  GLU A N     1 
ATOM   10   C CA    . GLU A 1 2   ? -11.831 -11.167 2.898   1.00 23.74  ? 388  GLU A CA    1 
ATOM   11   C C     . GLU A 1 2   ? -10.673 -10.675 2.033   1.00 31.52  ? 388  GLU A C     1 
ATOM   12   O O     . GLU A 1 2   ? -9.763  -11.436 1.757   1.00 25.33  ? 388  GLU A O     1 
ATOM   13   C CB    . GLU A 1 2   ? -11.370 -11.369 4.340   1.00 30.69  ? 388  GLU A CB    1 
ATOM   14   C CG    . GLU A 1 2   ? -11.284 -10.122 5.189   1.00 53.96  ? 388  GLU A CG    1 
ATOM   15   C CD    . GLU A 1 2   ? -10.883 -10.418 6.620   1.00 73.87  ? 388  GLU A CD    1 
ATOM   16   O OE1   . GLU A 1 2   ? -10.583 -11.587 6.940   1.00 53.21  ? 388  GLU A OE1   1 
ATOM   17   O OE2   . GLU A 1 2   ? -10.879 -9.474  7.433   1.00 79.40  ? 388  GLU A OE2   1 
ATOM   18   N N     . LYS A 1 3   ? -10.708 -9.411  1.619   1.00 26.20  ? 389  LYS A N     1 
ATOM   19   C CA    . LYS A 1 3   ? -9.633  -8.860  0.811   1.00 18.48  ? 389  LYS A CA    1 
ATOM   20   C C     . LYS A 1 3   ? -9.402  -7.390  1.106   1.00 17.19  ? 389  LYS A C     1 
ATOM   21   O O     . LYS A 1 3   ? -10.295 -6.602  0.925   1.00 17.56  ? 389  LYS A O     1 
ATOM   22   C CB    . LYS A 1 3   ? -9.903  -9.050  -0.671  1.00 30.47  ? 389  LYS A CB    1 
ATOM   23   C CG    . LYS A 1 3   ? -8.659  -9.230  -1.516  1.00 48.35  ? 389  LYS A CG    1 
ATOM   24   C CD    . LYS A 1 3   ? -8.220  -10.687 -1.542  1.00 62.97  ? 389  LYS A CD    1 
ATOM   25   C CE    . LYS A 1 3   ? -6.869  -10.881 -2.207  1.00 70.70  ? 389  LYS A CE    1 
ATOM   26   N NZ    . LYS A 1 3   ? -6.797  -10.315 -3.583  1.00 57.95  ? 389  LYS A NZ    1 
ATOM   27   N N     . ASN A 1 4   ? -8.214  -7.055  1.590   1.00 17.59  ? 390  ASN A N     1 
ATOM   28   C CA    . ASN A 1 4   ? -7.829  -5.673  1.821   1.00 15.07  ? 390  ASN A CA    1 
ATOM   29   C C     . ASN A 1 4   ? -7.178  -5.153  0.547   1.00 12.86  ? 390  ASN A C     1 
ATOM   30   O O     . ASN A 1 4   ? -6.128  -5.671  0.155   1.00 14.45  ? 390  ASN A O     1 
ATOM   31   C CB    . ASN A 1 4   ? -6.787  -5.597  2.928   1.00 13.61  ? 390  ASN A CB    1 
ATOM   32   C CG    . ASN A 1 4   ? -7.225  -6.268  4.175   1.00 18.96  ? 390  ASN A CG    1 
ATOM   33   O OD1   . ASN A 1 4   ? -8.316  -6.026  4.670   1.00 19.27  ? 390  ASN A OD1   1 
ATOM   34   N ND2   . ASN A 1 4   ? -6.354  -7.085  4.728   1.00 19.87  ? 390  ASN A ND2   1 
ATOM   35   N N     . PHE A 1 5   ? -7.767  -4.148  -0.087  1.00 12.29  ? 391  PHE A N     1 
ATOM   36   C CA    . PHE A 1 5   ? -7.069  -3.548  -1.205  1.00 12.60  ? 391  PHE A CA    1 
ATOM   37   C C     . PHE A 1 5   ? -7.553  -2.133  -1.441  1.00 13.37  ? 391  PHE A C     1 
ATOM   38   O O     . PHE A 1 5   ? -8.616  -1.711  -0.977  1.00 14.96  ? 391  PHE A O     1 
ATOM   39   C CB    . PHE A 1 5   ? -7.228  -4.405  -2.466  1.00 15.19  ? 391  PHE A CB    1 
ATOM   40   C CG    . PHE A 1 5   ? -8.639  -4.438  -3.020  1.00 16.56  ? 391  PHE A CG    1 
ATOM   41   C CD1   . PHE A 1 5   ? -9.584  -5.340  -2.541  1.00 15.08  ? 391  PHE A CD1   1 
ATOM   42   C CD2   . PHE A 1 5   ? -9.015  -3.597  -4.042  1.00 19.72  ? 391  PHE A CD2   1 
ATOM   43   C CE1   . PHE A 1 5   ? -10.883 -5.372  -3.070  1.00 18.30  ? 391  PHE A CE1   1 
ATOM   44   C CE2   . PHE A 1 5   ? -10.293 -3.641  -4.566  1.00 22.38  ? 391  PHE A CE2   1 
ATOM   45   C CZ    . PHE A 1 5   ? -11.233 -4.521  -4.064  1.00 20.50  ? 391  PHE A CZ    1 
ATOM   46   N N     . VAL A 1 6   ? -6.690  -1.385  -2.108  1.00 14.13  ? 392  VAL A N     1 
ATOM   47   C CA    . VAL A 1 6   ? -6.994  -0.037  -2.535  1.00 9.91   ? 392  VAL A CA    1 
ATOM   48   C C     . VAL A 1 6   ? -6.553  0.094   -3.979  1.00 12.67  ? 392  VAL A C     1 
ATOM   49   O O     . VAL A 1 6   ? -5.620  -0.582  -4.432  1.00 13.09  ? 392  VAL A O     1 
ATOM   50   C CB    . VAL A 1 6   ? -6.328  1.069   -1.693  1.00 14.83  ? 392  VAL A CB    1 
ATOM   51   C CG1   . VAL A 1 6   ? -6.676  0.958   -0.232  1.00 22.65  ? 392  VAL A CG1   1 
ATOM   52   C CG2   . VAL A 1 6   ? -4.897  0.926   -1.812  1.00 18.03  ? 392  VAL A CG2   1 
ATOM   53   N N     . ILE A 1 7   ? -7.220  0.999   -4.687  1.00 11.21  ? 393  ILE A N     1 
ATOM   54   C CA    . ILE A 1 7   ? -6.924  1.304   -6.077  1.00 7.93   ? 393  ILE A CA    1 
ATOM   55   C C     . ILE A 1 7   ? -6.593  2.785   -6.153  1.00 10.95  ? 393  ILE A C     1 
ATOM   56   O O     . ILE A 1 7   ? -7.343  3.613   -5.633  1.00 11.29  ? 393  ILE A O     1 
ATOM   57   C CB    . ILE A 1 7   ? -8.105  0.952   -7.007  1.00 12.40  ? 393  ILE A CB    1 
ATOM   58   C CG1   . ILE A 1 7   ? -8.437  -0.537  -6.872  1.00 15.23  ? 393  ILE A CG1   1 
ATOM   59   C CG2   . ILE A 1 7   ? -7.797  1.360   -8.457  1.00 11.61  ? 393  ILE A CG2   1 
ATOM   60   C CD1   . ILE A 1 7   ? -9.740  -0.878  -7.538  1.00 19.59  ? 393  ILE A CD1   1 
ATOM   61   N N     . SER A 1 8   ? -5.473  3.117   -6.798  1.00 11.46  ? 394  SER A N     1 
ATOM   62   C CA    . SER A 1 8   ? -5.084  4.492   -7.037  1.00 11.39  ? 394  SER A CA    1 
ATOM   63   C C     . SER A 1 8   ? -5.094  4.837   -8.517  1.00 11.38  ? 394  SER A C     1 
ATOM   64   O O     . SER A 1 8   ? -4.999  3.971   -9.390  1.00 13.16  ? 394  SER A O     1 
ATOM   65   C CB    . SER A 1 8   ? -3.691  4.823   -6.473  1.00 13.81  ? 394  SER A CB    1 
ATOM   66   O OG    . SER A 1 8   ? -2.664  4.213   -7.234  1.00 14.89  ? 394  SER A OG    1 
ATOM   67   N N     . ASP A 1 9   ? -5.159  6.145   -8.786  1.00 12.55  ? 395  ASP A N     1 
ATOM   68   C CA    . ASP A 1 9   ? -5.116  6.635   -10.166 1.00 12.05  ? 395  ASP A CA    1 
ATOM   69   C C     . ASP A 1 9   ? -3.812  7.412   -10.356 1.00 11.55  ? 395  ASP A C     1 
ATOM   70   O O     . ASP A 1 9   ? -3.703  8.564   -9.904  1.00 12.42  ? 395  ASP A O     1 
ATOM   71   C CB    . ASP A 1 9   ? -6.312  7.528   -10.489 1.00 12.92  ? 395  ASP A CB    1 
ATOM   72   C CG    . ASP A 1 9   ? -6.322  7.951   -11.953 1.00 14.58  ? 395  ASP A CG    1 
ATOM   73   O OD1   . ASP A 1 9   ? -5.312  7.692   -12.613 1.00 12.79  ? 395  ASP A OD1   1 
ATOM   74   O OD2   . ASP A 1 9   ? -7.296  8.563   -12.408 1.00 15.99  ? 395  ASP A OD2   1 
ATOM   75   N N     . PRO A 1 10  ? -2.793  6.824   -10.992 1.00 11.15  ? 396  PRO A N     1 
ATOM   76   C CA    . PRO A 1 10  ? -1.498  7.508   -11.154 1.00 12.54  ? 396  PRO A CA    1 
ATOM   77   C C     . PRO A 1 10  ? -1.552  8.643   -12.164 1.00 13.76  ? 396  PRO A C     1 
ATOM   78   O O     . PRO A 1 10  ? -0.569  9.369   -12.310 1.00 13.98  ? 396  PRO A O     1 
ATOM   79   C CB    . PRO A 1 10  ? -0.559  6.370   -11.595 1.00 13.24  ? 396  PRO A CB    1 
ATOM   80   C CG    . PRO A 1 10  ? -1.465  5.398   -12.316 1.00 14.66  ? 396  PRO A CG    1 
ATOM   81   C CD    . PRO A 1 10  ? -2.799  5.462   -11.573 1.00 14.08  ? 396  PRO A CD    1 
ATOM   82   N N     . ARG A 1 11  ? -2.680  8.828   -12.838 1.00 11.52  ? 397  ARG A N     1 
ATOM   83   C CA    . ARG A 1 11  ? -2.855  9.940   -13.767 1.00 11.93  ? 397  ARG A CA    1 
ATOM   84   C C     . ARG A 1 11  ? -3.407  11.177  -13.083 1.00 14.12  ? 397  ARG A C     1 
ATOM   85   O O     . ARG A 1 11  ? -3.673  12.186  -13.758 1.00 13.49  ? 397  ARG A O     1 
ATOM   86   C CB    . ARG A 1 11  ? -3.741  9.502   -14.937 1.00 13.63  ? 397  ARG A CB    1 
ATOM   87   C CG    . ARG A 1 11  ? -3.119  8.372   -15.699 1.00 13.02  ? 397  ARG A CG    1 
ATOM   88   C CD    . ARG A 1 11  ? -4.094  7.807   -16.714 1.00 23.76  ? 397  ARG A CD    1 
ATOM   89   N NE    . ARG A 1 11  ? -4.998  7.038   -15.891 1.00 27.68  ? 397  ARG A NE    1 
ATOM   90   C CZ    . ARG A 1 11  ? -6.285  6.881   -16.112 1.00 45.40  ? 397  ARG A CZ    1 
ATOM   91   N NH1   . ARG A 1 11  ? -6.851  7.306   -17.233 1.00 33.17  ? 397  ARG A NH1   1 
ATOM   92   N NH2   . ARG A 1 11  ? -7.023  6.300   -15.174 1.00 28.76  ? 397  ARG A NH2   1 
ATOM   93   N N     . LEU A 1 12  ? -3.576  11.125  -11.769 1.00 13.58  ? 398  LEU A N     1 
ATOM   94   C CA    . LEU A 1 12  ? -3.922  12.285  -10.967 1.00 11.20  ? 398  LEU A CA    1 
ATOM   95   C C     . LEU A 1 12  ? -2.782  12.583  -9.992  1.00 11.22  ? 398  LEU A C     1 
ATOM   96   O O     . LEU A 1 12  ? -1.960  11.712  -9.697  1.00 13.59  ? 398  LEU A O     1 
ATOM   97   C CB    . LEU A 1 12  ? -5.239  12.041  -10.228 1.00 12.03  ? 398  LEU A CB    1 
ATOM   98   C CG    . LEU A 1 12  ? -6.471  11.758  -11.095 1.00 17.78  ? 398  LEU A CG    1 
ATOM   99   C CD1   . LEU A 1 12  ? -7.632  11.412  -10.156 1.00 23.31  ? 398  LEU A CD1   1 
ATOM   100  C CD2   . LEU A 1 12  ? -6.847  12.878  -12.007 1.00 24.45  ? 398  LEU A CD2   1 
ATOM   101  N N     . PRO A 1 13  ? -2.703  13.809  -9.482  1.00 13.80  ? 399  PRO A N     1 
ATOM   102  C CA    . PRO A 1 13  ? -1.534  14.209  -8.692  1.00 13.65  ? 399  PRO A CA    1 
ATOM   103  C C     . PRO A 1 13  ? -1.312  13.335  -7.473  1.00 10.08  ? 399  PRO A C     1 
ATOM   104  O O     . PRO A 1 13  ? -2.221  13.120  -6.654  1.00 14.71  ? 399  PRO A O     1 
ATOM   105  C CB    . PRO A 1 13  ? -1.861  15.655  -8.302  1.00 14.88  ? 399  PRO A CB    1 
ATOM   106  C CG    . PRO A 1 13  ? -2.711  16.123  -9.453  1.00 18.27  ? 399  PRO A CG    1 
ATOM   107  C CD    . PRO A 1 13  ? -3.586  14.949  -9.781  1.00 14.17  ? 399  PRO A CD    1 
ATOM   108  N N     . ASP A 1 14  ? -0.076  12.845  -7.358  1.00 14.51  ? 400  ASP A N     1 
ATOM   109  C CA    . ASP A 1 14  ? 0.405   12.089  -6.197  1.00 17.42  ? 400  ASP A CA    1 
ATOM   110  C C     . ASP A 1 14  ? -0.394  10.807  -5.978  1.00 12.17  ? 400  ASP A C     1 
ATOM   111  O O     . ASP A 1 14  ? -0.532  10.346  -4.850  1.00 14.04  ? 400  ASP A O     1 
ATOM   112  C CB    . ASP A 1 14  ? 0.381   12.924  -4.923  1.00 18.40  ? 400  ASP A CB    1 
ATOM   113  C CG    . ASP A 1 14  ? 1.362   12.422  -3.869  1.00 15.30  ? 400  ASP A CG    1 
ATOM   114  O OD1   . ASP A 1 14  ? 2.248   11.601  -4.193  1.00 19.37  ? 400  ASP A OD1   1 
ATOM   115  O OD2   . ASP A 1 14  ? 1.159   12.807  -2.708  1.00 19.70  ? 400  ASP A OD2   1 
ATOM   116  N N     . ASN A 1 15  ? -0.941  10.242  -7.056  1.00 11.92  ? 401  ASN A N     1 
ATOM   117  C CA    . ASN A 1 15  ? -1.384  8.848   -7.050  1.00 15.26  ? 401  ASN A CA    1 
ATOM   118  C C     . ASN A 1 15  ? -2.429  8.597   -5.962  1.00 13.39  ? 401  ASN A C     1 
ATOM   119  O O     . ASN A 1 15  ? -2.236  7.760   -5.064  1.00 15.92  ? 401  ASN A O     1 
ATOM   120  C CB    . ASN A 1 15  ? -0.150  7.967   -6.845  1.00 21.32  ? 401  ASN A CB    1 
ATOM   121  C CG    . ASN A 1 15  ? -0.235  6.644   -7.557  1.00 15.54  ? 401  ASN A CG    1 
ATOM   122  O OD1   . ASN A 1 15  ? -1.259  6.271   -8.127  1.00 15.86  ? 401  ASN A OD1   1 
ATOM   123  N ND2   . ASN A 1 15  ? 0.834   5.891   -7.461  1.00 30.54  ? 401  ASN A ND2   1 
ATOM   124  N N     . PRO A 1 16  ? -3.553  9.311   -6.014  1.00 10.70  ? 402  PRO A N     1 
ATOM   125  C CA    . PRO A 1 16  ? -4.537  9.244   -4.928  1.00 14.18  ? 402  PRO A CA    1 
ATOM   126  C C     . PRO A 1 16  ? -5.373  7.975   -4.966  1.00 15.68  ? 402  PRO A C     1 
ATOM   127  O O     . PRO A 1 16  ? -5.651  7.413   -6.032  1.00 13.52  ? 402  PRO A O     1 
ATOM   128  C CB    . PRO A 1 16  ? -5.455  10.437  -5.193  1.00 14.91  ? 402  PRO A CB    1 
ATOM   129  C CG    . PRO A 1 16  ? -5.373  10.623  -6.682  1.00 15.43  ? 402  PRO A CG    1 
ATOM   130  C CD    . PRO A 1 16  ? -3.970  10.197  -7.109  1.00 13.87  ? 402  PRO A CD    1 
ATOM   131  N N     . ILE A 1 17  ? -5.854  7.596   -3.779  1.00 12.13  ? 403  ILE A N     1 
ATOM   132  C CA    . ILE A 1 17  ? -6.805  6.492   -3.648  1.00 12.07  ? 403  ILE A CA    1 
ATOM   133  C C     . ILE A 1 17  ? -8.147  6.904   -4.224  1.00 13.39  ? 403  ILE A C     1 
ATOM   134  O O     . ILE A 1 17  ? -8.725  7.926   -3.832  1.00 14.04  ? 403  ILE A O     1 
ATOM   135  C CB    . ILE A 1 17  ? -6.943  6.096   -2.168  1.00 11.87  ? 403  ILE A CB    1 
ATOM   136  C CG1   . ILE A 1 17  ? -5.641  5.473   -1.682  1.00 14.85  ? 403  ILE A CG1   1 
ATOM   137  C CG2   . ILE A 1 17  ? -8.129  5.147   -1.977  1.00 17.57  ? 403  ILE A CG2   1 
ATOM   138  C CD1   . ILE A 1 17  ? -5.494  5.476   -0.180  1.00 23.29  ? 403  ILE A CD1   1 
ATOM   139  N N     . ILE A 1 18  ? -8.667  6.086   -5.130  1.00 10.48  ? 404  ILE A N     1 
ATOM   140  C CA    . ILE A 1 18  ? -10.000 6.291   -5.687  1.00 11.77  ? 404  ILE A CA    1 
ATOM   141  C C     . ILE A 1 18  ? -10.981 5.214   -5.248  1.00 14.14  ? 404  ILE A C     1 
ATOM   142  O O     . ILE A 1 18  ? -12.198 5.375   -5.463  1.00 16.63  ? 404  ILE A O     1 
ATOM   143  C CB    . ILE A 1 18  ? -9.969  6.394   -7.232  1.00 12.24  ? 404  ILE A CB    1 
ATOM   144  C CG1   . ILE A 1 18  ? -9.460  5.099   -7.840  1.00 17.07  ? 404  ILE A CG1   1 
ATOM   145  C CG2   . ILE A 1 18  ? -9.189  7.646   -7.634  1.00 17.70  ? 404  ILE A CG2   1 
ATOM   146  C CD1   . ILE A 1 18  ? -9.714  5.004   -9.278  1.00 21.19  ? 404  ILE A CD1   1 
ATOM   147  N N     . PHE A 1 19  ? -10.502 4.141   -4.629  1.00 13.82  ? 405  PHE A N     1 
ATOM   148  C CA    . PHE A 1 19  ? -11.349 3.073   -4.117  1.00 13.82  ? 405  PHE A CA    1 
ATOM   149  C C     . PHE A 1 19  ? -10.636 2.348   -2.995  1.00 14.08  ? 405  PHE A C     1 
ATOM   150  O O     . PHE A 1 19  ? -9.462  2.026   -3.122  1.00 14.28  ? 405  PHE A O     1 
ATOM   151  C CB    . PHE A 1 19  ? -11.696 2.044   -5.202  1.00 12.52  ? 405  PHE A CB    1 
ATOM   152  C CG    . PHE A 1 19  ? -12.567 0.939   -4.678  1.00 15.38  ? 405  PHE A CG    1 
ATOM   153  C CD1   . PHE A 1 19  ? -13.916 1.070   -4.710  1.00 19.88  ? 405  PHE A CD1   1 
ATOM   154  C CD2   . PHE A 1 19  ? -12.015 -0.175  -4.069  1.00 19.92  ? 405  PHE A CD2   1 
ATOM   155  C CE1   . PHE A 1 19  ? -14.736 0.066   -4.175  1.00 24.47  ? 405  PHE A CE1   1 
ATOM   156  C CE2   . PHE A 1 19  ? -12.825 -1.187  -3.545  1.00 23.74  ? 405  PHE A CE2   1 
ATOM   157  C CZ    . PHE A 1 19  ? -14.186 -1.050  -3.594  1.00 23.92  ? 405  PHE A CZ    1 
ATOM   158  N N     . ALA A 1 20  ? -11.352 2.045   -1.914  1.00 13.27  ? 406  ALA A N     1 
ATOM   159  C CA    . ALA A 1 20  ? -10.772 1.248   -0.848  1.00 13.63  ? 406  ALA A CA    1 
ATOM   160  C C     . ALA A 1 20  ? -11.805 0.220   -0.424  1.00 14.15  ? 406  ALA A C     1 
ATOM   161  O O     . ALA A 1 20  ? -12.973 0.571   -0.265  1.00 14.22  ? 406  ALA A O     1 
ATOM   162  C CB    . ALA A 1 20  ? -10.393 2.122   0.341   1.00 17.86  ? 406  ALA A CB    1 
ATOM   163  N N     . SER A 1 21  ? -11.396 -1.036  -0.271  1.00 15.13  ? 407  SER A N     1 
ATOM   164  C CA    . SER A 1 21  ? -12.322 -2.095  0.118   1.00 13.18  ? 407  SER A CA    1 
ATOM   165  C C     . SER A 1 21  ? -12.786 -1.943  1.564   1.00 16.07  ? 407  SER A C     1 
ATOM   166  O O     . SER A 1 21  ? -12.095 -1.380  2.408   1.00 15.57  ? 407  SER A O     1 
ATOM   167  C CB    . SER A 1 21  ? -11.673 -3.460  -0.076  1.00 13.53  ? 407  SER A CB    1 
ATOM   168  O OG    . SER A 1 21  ? -10.706 -3.771  0.930   1.00 15.08  ? 407  SER A OG    1 
ATOM   169  N N     . ASP A 1 22  ? -13.965 -2.522  1.862   1.00 18.99  ? 408  ASP A N     1 
ATOM   170  C CA    . ASP A 1 22  ? -14.502 -2.472  3.226   1.00 15.71  ? 408  ASP A CA    1 
ATOM   171  C C     . ASP A 1 22  ? -13.524 -3.068  4.236   1.00 12.12  ? 408  ASP A C     1 
ATOM   172  O O     . ASP A 1 22  ? -13.320 -2.507  5.322   1.00 20.04  ? 408  ASP A O     1 
ATOM   173  C CB    . ASP A 1 22  ? -15.843 -3.220  3.279   1.00 18.17  ? 408  ASP A CB    1 
ATOM   174  C CG    . ASP A 1 22  ? -16.996 -2.426  2.668   1.00 31.86  ? 408  ASP A CG    1 
ATOM   175  O OD1   . ASP A 1 22  ? -16.825 -1.218  2.408   1.00 32.33  ? 408  ASP A OD1   1 
ATOM   176  O OD2   . ASP A 1 22  ? -18.067 -3.032  2.415   1.00 45.41  ? 408  ASP A OD2   1 
ATOM   177  N N     . SER A 1 23  ? -12.877 -4.180  3.890   1.00 15.45  ? 409  SER A N     1 
ATOM   178  C CA    . SER A 1 23  ? -11.943 -4.791  4.830   1.00 17.67  ? 409  SER A CA    1 
ATOM   179  C C     . SER A 1 23  ? -10.705 -3.941  5.071   1.00 15.45  ? 409  SER A C     1 
ATOM   180  O O     . SER A 1 23  ? -10.091 -4.025  6.145   1.00 17.11  ? 409  SER A O     1 
ATOM   181  C CB    . SER A 1 23  ? -11.484 -6.145  4.325   1.00 19.68  ? 409  SER A CB    1 
ATOM   182  O OG    . SER A 1 23  ? -12.512 -7.098  4.446   1.00 32.18  ? 409  SER A OG    1 
ATOM   183  N N     . PHE A 1 24  ? -10.266 -3.210  4.053   1.00 14.57  ? 410  PHE A N     1 
ATOM   184  C CA    . PHE A 1 24  ? -9.154  -2.279  4.241   1.00 17.18  ? 410  PHE A CA    1 
ATOM   185  C C     . PHE A 1 24  ? -9.501  -1.233  5.298   1.00 13.78  ? 410  PHE A C     1 
ATOM   186  O O     . PHE A 1 24  ? -8.673  -0.898  6.148   1.00 15.93  ? 410  PHE A O     1 
ATOM   187  C CB    . PHE A 1 24  ? -8.785  -1.623  2.906   1.00 13.24  ? 410  PHE A CB    1 
ATOM   188  C CG    . PHE A 1 24  ? -7.709  -0.569  3.027   1.00 12.17  ? 410  PHE A CG    1 
ATOM   189  C CD1   . PHE A 1 24  ? -8.050  0.733   3.277   1.00 14.62  ? 410  PHE A CD1   1 
ATOM   190  C CD2   . PHE A 1 24  ? -6.362  -0.895  2.920   1.00 16.95  ? 410  PHE A CD2   1 
ATOM   191  C CE1   . PHE A 1 24  ? -7.081  1.727   3.397   1.00 20.10  ? 410  PHE A CE1   1 
ATOM   192  C CE2   . PHE A 1 24  ? -5.391  0.088   3.054   1.00 15.26  ? 410  PHE A CE2   1 
ATOM   193  C CZ    . PHE A 1 24  ? -5.750  1.397   3.298   1.00 15.29  ? 410  PHE A CZ    1 
ATOM   194  N N     . LEU A 1 25  ? -10.735 -0.728  5.279   1.00 15.40  ? 411  LEU A N     1 
ATOM   195  C CA    . LEU A 1 25  ? -11.165 0.277   6.249   1.00 15.96  ? 411  LEU A CA    1 
ATOM   196  C C     . LEU A 1 25  ? -11.230 -0.314  7.653   1.00 17.80  ? 411  LEU A C     1 
ATOM   197  O O     . LEU A 1 25  ? -10.872 0.341   8.645   1.00 21.84  ? 411  LEU A O     1 
ATOM   198  C CB    . LEU A 1 25  ? -12.516 0.819   5.802   1.00 17.93  ? 411  LEU A CB    1 
ATOM   199  C CG    . LEU A 1 25  ? -12.500 1.508   4.422   1.00 23.64  ? 411  LEU A CG    1 
ATOM   200  C CD1   . LEU A 1 25  ? -13.904 1.903   4.093   1.00 31.25  ? 411  LEU A CD1   1 
ATOM   201  C CD2   . LEU A 1 25  ? -11.558 2.684   4.429   1.00 28.39  ? 411  LEU A CD2   1 
ATOM   202  N N     . GLU A 1 26  ? -11.645 -1.572  7.742   1.00 17.60  ? 412  GLU A N     1 
ATOM   203  C CA    . GLU A 1 26  ? -11.658 -2.313  9.003   1.00 16.94  ? 412  GLU A CA    1 
ATOM   204  C C     . GLU A 1 26  ? -10.253 -2.503  9.543   1.00 21.19  ? 412  GLU A C     1 
ATOM   205  O O     . GLU A 1 26  ? -9.986  -2.258  10.730  1.00 23.89  ? 412  GLU A O     1 
ATOM   206  C CB    . GLU A 1 26  ? -12.335 -3.649  8.718   1.00 26.58  ? 412  GLU A CB    1 
ATOM   207  C CG    . GLU A 1 26  ? -12.802 -4.517  9.832   1.00 49.09  ? 412  GLU A CG    1 
ATOM   208  C CD    . GLU A 1 26  ? -13.492 -5.768  9.253   1.00 57.74  ? 412  GLU A CD    1 
ATOM   209  O OE1   . GLU A 1 26  ? -14.508 -5.602  8.535   1.00 45.71  ? 412  GLU A OE1   1 
ATOM   210  O OE2   . GLU A 1 26  ? -13.015 -6.901  9.482   1.00 67.44  ? 412  GLU A OE2   1 
ATOM   211  N N     . LEU A 1 27  ? -9.327  -2.875  8.674   1.00 17.88  ? 413  LEU A N     1 
ATOM   212  C CA    . LEU A 1 27  ? -7.949  -3.111  9.094   1.00 18.46  ? 413  LEU A CA    1 
ATOM   213  C C     . LEU A 1 27  ? -7.293  -1.841  9.622   1.00 19.79  ? 413  LEU A C     1 
ATOM   214  O O     . LEU A 1 27  ? -6.579  -1.865  10.630  1.00 20.70  ? 413  LEU A O     1 
ATOM   215  C CB    . LEU A 1 27  ? -7.161  -3.673  7.907   1.00 19.16  ? 413  LEU A CB    1 
ATOM   216  C CG    . LEU A 1 27  ? -5.634  -3.734  8.033   1.00 22.68  ? 413  LEU A CG    1 
ATOM   217  C CD1   . LEU A 1 27  ? -5.295  -4.852  9.023   1.00 32.25  ? 413  LEU A CD1   1 
ATOM   218  C CD2   . LEU A 1 27  ? -4.929  -3.972  6.698   1.00 27.90  ? 413  LEU A CD2   1 
ATOM   219  N N     . THR A 1 28  ? -7.473  -0.725  8.908   1.00 15.47  ? 414  THR A N     1 
ATOM   220  C CA    . THR A 1 28  ? -6.715  0.488   9.159   1.00 14.06  ? 414  THR A CA    1 
ATOM   221  C C     . THR A 1 28  ? -7.449  1.448   10.094  1.00 15.44  ? 414  THR A C     1 
ATOM   222  O O     . THR A 1 28  ? -6.841  2.424   10.548  1.00 15.72  ? 414  THR A O     1 
ATOM   223  C CB    . THR A 1 28  ? -6.401  1.209   7.843   1.00 16.90  ? 414  THR A CB    1 
ATOM   224  O OG1   . THR A 1 28  ? -7.620  1.637   7.206   1.00 16.32  ? 414  THR A OG1   1 
ATOM   225  C CG2   . THR A 1 28  ? -5.600  0.312   6.902   1.00 18.26  ? 414  THR A CG2   1 
ATOM   226  N N     . GLU A 1 29  ? -8.734  1.200   10.371  1.00 18.32  ? 415  GLU A N     1 
ATOM   227  C CA    . GLU A 1 29  ? -9.614  1.986   11.241  1.00 16.17  ? 415  GLU A CA    1 
ATOM   228  C C     . GLU A 1 29  ? -10.011 3.342   10.678  1.00 19.09  ? 415  GLU A C     1 
ATOM   229  O O     . GLU A 1 29  ? -10.571 4.174   11.412  1.00 22.39  ? 415  GLU A O     1 
ATOM   230  C CB    . GLU A 1 29  ? -9.012  2.216   12.639  1.00 21.97  ? 415  GLU A CB    1 
ATOM   231  C CG    . GLU A 1 29  ? -8.532  0.958   13.307  1.00 17.87  ? 415  GLU A CG    1 
ATOM   232  C CD    . GLU A 1 29  ? -7.694  1.208   14.553  1.00 23.37  ? 415  GLU A CD    1 
ATOM   233  O OE1   . GLU A 1 29  ? -7.541  2.367   14.960  1.00 29.77  ? 415  GLU A OE1   1 
ATOM   234  O OE2   . GLU A 1 29  ? -7.195  0.230   15.131  1.00 40.81  ? 415  GLU A OE2   1 
ATOM   235  N N     . TYR A 1 30  ? -9.758  3.605   9.402   1.00 17.87  ? 416  TYR A N     1 
ATOM   236  C CA    . TYR A 1 30  ? -10.175 4.839   8.756   1.00 16.24  ? 416  TYR A CA    1 
ATOM   237  C C     . TYR A 1 30  ? -11.550 4.698   8.121   1.00 19.63  ? 416  TYR A C     1 
ATOM   238  O O     . TYR A 1 30  ? -11.946 3.624   7.657   1.00 23.55  ? 416  TYR A O     1 
ATOM   239  C CB    . TYR A 1 30  ? -9.166  5.236   7.674   1.00 18.25  ? 416  TYR A CB    1 
ATOM   240  C CG    . TYR A 1 30  ? -7.880  5.764   8.227   1.00 15.46  ? 416  TYR A CG    1 
ATOM   241  C CD1   . TYR A 1 30  ? -7.742  7.086   8.584   1.00 20.79  ? 416  TYR A CD1   1 
ATOM   242  C CD2   . TYR A 1 30  ? -6.797  4.925   8.422   1.00 17.58  ? 416  TYR A CD2   1 
ATOM   243  C CE1   . TYR A 1 30  ? -6.541  7.561   9.104   1.00 18.89  ? 416  TYR A CE1   1 
ATOM   244  C CE2   . TYR A 1 30  ? -5.610  5.390   8.949   1.00 16.31  ? 416  TYR A CE2   1 
ATOM   245  C CZ    . TYR A 1 30  ? -5.486  6.705   9.285   1.00 19.55  ? 416  TYR A CZ    1 
ATOM   246  O OH    . TYR A 1 30  ? -4.312  7.214   9.797   1.00 20.26  ? 416  TYR A OH    1 
ATOM   247  N N     . SER A 1 31  ? -12.271 5.799   8.057   1.00 24.46  ? 417  SER A N     1 
ATOM   248  C CA    . SER A 1 31  ? -13.464 5.781   7.230   1.00 22.38  ? 417  SER A CA    1 
ATOM   249  C C     . SER A 1 31  ? -13.129 6.095   5.772   1.00 18.75  ? 417  SER A C     1 
ATOM   250  O O     . SER A 1 31  ? -12.107 6.712   5.450   1.00 19.38  ? 417  SER A O     1 
ATOM   251  C CB    . SER A 1 31  ? -14.475 6.791   7.734   1.00 26.88  ? 417  SER A CB    1 
ATOM   252  O OG    . SER A 1 31  ? -13.964 8.090   7.495   1.00 32.40  ? 417  SER A OG    1 
ATOM   253  N N     . ARG A 1 32  ? -14.014 5.708   4.866   1.00 20.25  ? 418  ARG A N     1 
ATOM   254  C CA    . ARG A 1 32  ? -13.789 5.966   3.454   1.00 22.45  ? 418  ARG A CA    1 
ATOM   255  C C     . ARG A 1 32  ? -13.602 7.462   3.165   1.00 23.20  ? 418  ARG A C     1 
ATOM   256  O O     . ARG A 1 32  ? -12.748 7.813   2.388   1.00 22.53  ? 418  ARG A O     1 
ATOM   257  C CB    . ARG A 1 32  ? -14.949 5.384   2.645   1.00 21.82  ? 418  ARG A CB    1 
ATOM   258  C CG    . ARG A 1 32  ? -14.788 5.418   1.142   1.00 38.74  ? 418  ARG A CG    1 
ATOM   259  C CD    . ARG A 1 32  ? -15.844 4.562   0.456   1.00 29.28  ? 418  ARG A CD    1 
ATOM   260  N NE    . ARG A 1 32  ? -15.483 3.139   0.428   1.00 56.22  ? 418  ARG A NE    1 
ATOM   261  C CZ    . ARG A 1 32  ? -15.933 2.164   1.227   1.00 58.19  ? 418  ARG A CZ    1 
ATOM   262  N NH1   . ARG A 1 32  ? -16.809 2.387   2.210   1.00 76.58  ? 418  ARG A NH1   1 
ATOM   263  N NH2   . ARG A 1 32  ? -15.485 0.921   1.036   1.00 35.35  ? 418  ARG A NH2   1 
ATOM   264  N N     . GLU A 1 33  ? -14.394 8.334   3.797   1.00 22.90  ? 419  GLU A N     1 
ATOM   265  C CA    . GLU A 1 33  ? -14.300 9.758   3.496   1.00 27.44  ? 419  GLU A CA    1 
ATOM   266  C C     . GLU A 1 33  ? -12.975 10.363  3.957   1.00 26.62  ? 419  GLU A C     1 
ATOM   267  O O     . GLU A 1 33  ? -12.552 11.400  3.428   1.00 39.10  ? 419  GLU A O     1 
ATOM   268  C CB    . GLU A 1 33  ? -15.484 10.525  4.120   1.00 34.72  ? 419  GLU A CB    1 
ATOM   269  C CG    . GLU A 1 33  ? -15.855 10.202  5.600   1.00 61.92  ? 419  GLU A CG    1 
ATOM   270  C CD    . GLU A 1 33  ? -16.765 8.955   5.822   1.00 74.82  ? 419  GLU A CD    1 
ATOM   271  O OE1   . GLU A 1 33  ? -16.952 8.131   4.892   1.00 45.03  ? 419  GLU A OE1   1 
ATOM   272  O OE2   . GLU A 1 33  ? -17.345 8.834   6.938   1.00 74.67  ? 419  GLU A OE2   1 
ATOM   273  N N     . GLU A 1 34  ? -12.304 9.732   4.922   1.00 20.42  ? 420  GLU A N     1 
ATOM   274  C CA    . GLU A 1 34  ? -10.990 10.185  5.341   1.00 23.13  ? 420  GLU A CA    1 
ATOM   275  C C     . GLU A 1 34  ? -9.892  9.848   4.345   1.00 28.51  ? 420  GLU A C     1 
ATOM   276  O O     . GLU A 1 34  ? -8.868  10.537  4.338   1.00 31.71  ? 420  GLU A O     1 
ATOM   277  C CB    . GLU A 1 34  ? -10.598 9.548   6.681   1.00 28.22  ? 420  GLU A CB    1 
ATOM   278  C CG    . GLU A 1 34  ? -11.330 10.135  7.819   1.00 34.92  ? 420  GLU A CG    1 
ATOM   279  C CD    . GLU A 1 34  ? -10.971 9.512   9.113   1.00 30.59  ? 420  GLU A CD    1 
ATOM   280  O OE1   . GLU A 1 34  ? -11.348 8.342   9.343   1.00 25.38  ? 420  GLU A OE1   1 
ATOM   281  O OE2   . GLU A 1 34  ? -10.279 10.202  9.885   1.00 33.20  ? 420  GLU A OE2   1 
ATOM   282  N N     . ILE A 1 35  ? -10.089 8.749   3.613   1.00 19.60  ? 421  ILE A N     1 
ATOM   283  C CA    A ILE A 1 35  ? -9.071  8.129   2.727   0.50 17.03  ? 421  ILE A CA    1 
ATOM   284  C CA    B ILE A 1 35  ? -8.896  8.291   2.729   0.50 18.73  ? 421  ILE A CA    1 
ATOM   285  C C     . ILE A 1 35  ? -9.065  8.515   1.143   1.00 17.42  ? 421  ILE A C     1 
ATOM   286  O O     . ILE A 1 35  ? -8.093  8.418   0.347   1.00 19.95  ? 421  ILE A O     1 
ATOM   287  C CB    A ILE A 1 35  ? -9.262  6.597   2.881   0.50 20.18  ? 421  ILE A CB    1 
ATOM   288  C CB    B ILE A 1 35  ? -8.619  6.809   3.008   0.50 20.12  ? 421  ILE A CB    1 
ATOM   289  C CG1   A ILE A 1 35  ? -8.953  6.165   4.305   0.50 31.81  ? 421  ILE A CG1   1 
ATOM   290  C CG1   B ILE A 1 35  ? -9.818  5.933   2.673   0.50 21.23  ? 421  ILE A CG1   1 
ATOM   291  C CG2   A ILE A 1 35  ? -8.422  5.768   1.925   0.50 32.56  ? 421  ILE A CG2   1 
ATOM   292  C CG2   B ILE A 1 35  ? -8.213  6.616   4.475   0.50 30.39  ? 421  ILE A CG2   1 
ATOM   293  C CD1   A ILE A 1 35  ? -7.904  7.040   4.943   0.50 23.09  ? 421  ILE A CD1   1 
ATOM   294  C CD1   B ILE A 1 35  ? -9.439  4.501   2.440   0.50 35.10  ? 421  ILE A CD1   1 
ATOM   295  N N     . LEU A 1 36  ? -10.317 8.716   0.696   1.00 16.79  ? 422  LEU A N     1 
ATOM   296  C CA    . LEU A 1 36  ? -10.426 8.993   -0.720  1.00 15.13  ? 422  LEU A CA    1 
ATOM   297  C C     . LEU A 1 36  ? -9.650  10.251  -1.062  1.00 18.21  ? 422  LEU A C     1 
ATOM   298  O O     . LEU A 1 36  ? -9.785  11.296  -0.404  1.00 16.19  ? 422  LEU A O     1 
ATOM   299  C CB    . LEU A 1 36  ? -11.876 9.153   -1.146  1.00 20.88  ? 422  LEU A CB    1 
ATOM   300  C CG    . LEU A 1 36  ? -12.721 7.881   -1.104  1.00 24.85  ? 422  LEU A CG    1 
ATOM   301  C CD1   . LEU A 1 36  ? -14.127 8.175   -1.615  1.00 37.12  ? 422  LEU A CD1   1 
ATOM   302  C CD2   . LEU A 1 36  ? -12.095 6.783   -1.893  1.00 30.12  ? 422  LEU A CD2   1 
ATOM   303  N N     . GLY A 1 37  ? -8.839  10.150  -2.093  1.00 13.24  ? 423  GLY A N     1 
ATOM   304  C CA    . GLY A 1 37  ? -8.107  11.280  -2.566  1.00 14.34  ? 423  GLY A CA    1 
ATOM   305  C C     . GLY A 1 37  ? -6.738  11.449  -1.947  1.00 14.47  ? 423  GLY A C     1 
ATOM   306  O O     . GLY A 1 37  ? -6.027  12.401  -2.307  1.00 20.14  ? 423  GLY A O     1 
ATOM   307  N N     . ARG A 1 38  ? -6.357  10.582  -1.018  1.00 14.93  ? 424  ARG A N     1 
ATOM   308  C CA    A ARG A 1 38  ? -5.054  10.630  -0.366  0.50 15.58  ? 424  ARG A CA    1 
ATOM   309  C CA    B ARG A 1 38  ? -5.035  10.687  -0.432  0.50 15.47  ? 424  ARG A CA    1 
ATOM   310  C C     . ARG A 1 38  ? -4.091  9.614   -0.976  1.00 12.17  ? 424  ARG A C     1 
ATOM   311  O O     . ARG A 1 38  ? -4.507  8.554   -1.450  1.00 13.04  ? 424  ARG A O     1 
ATOM   312  C CB    A ARG A 1 38  ? -5.136  10.304  1.119   0.50 19.25  ? 424  ARG A CB    1 
ATOM   313  C CB    B ARG A 1 38  ? -5.060  10.701  1.080   0.50 22.94  ? 424  ARG A CB    1 
ATOM   314  C CG    A ARG A 1 38  ? -5.998  11.171  1.995   0.50 20.08  ? 424  ARG A CG    1 
ATOM   315  C CG    B ARG A 1 38  ? -5.128  9.437   1.772   0.50 17.40  ? 424  ARG A CG    1 
ATOM   316  C CD    A ARG A 1 38  ? -5.937  10.640  3.373   0.50 21.50  ? 424  ARG A CD    1 
ATOM   317  C CD    B ARG A 1 38  ? -5.610  9.758   3.197   0.50 28.02  ? 424  ARG A CD    1 
ATOM   318  N NE    A ARG A 1 38  ? -4.789  11.150  4.104   0.50 31.97  ? 424  ARG A NE    1 
ATOM   319  N NE    B ARG A 1 38  ? -4.681  10.573  3.980   0.50 24.25  ? 424  ARG A NE    1 
ATOM   320  C CZ    A ARG A 1 38  ? -4.720  11.173  5.425   0.50 26.85  ? 424  ARG A CZ    1 
ATOM   321  C CZ    B ARG A 1 38  ? -4.847  10.855  5.268   0.50 28.53  ? 424  ARG A CZ    1 
ATOM   322  N NH1   A ARG A 1 38  ? -5.716  10.724  6.169   0.50 27.06  ? 424  ARG A NH1   1 
ATOM   323  N NH1   B ARG A 1 38  ? -5.920  10.456  5.929   0.50 28.76  ? 424  ARG A NH1   1 
ATOM   324  N NH2   A ARG A 1 38  ? -3.619  11.635  6.008   0.50 28.56  ? 424  ARG A NH2   1 
ATOM   325  N NH2   B ARG A 1 38  ? -3.902  11.535  5.912   0.50 27.90  ? 424  ARG A NH2   1 
ATOM   326  N N     . ASN A 1 39  ? -2.793  9.921   -0.918  1.00 14.82  ? 425  ASN A N     1 
ATOM   327  C CA    . ASN A 1 39  ? -1.768  8.924   -1.180  1.00 15.77  ? 425  ASN A CA    1 
ATOM   328  C C     . ASN A 1 39  ? -1.683  7.962   0.002   1.00 11.93  ? 425  ASN A C     1 
ATOM   329  O O     . ASN A 1 39  ? -1.822  8.363   1.168   1.00 14.29  ? 425  ASN A O     1 
ATOM   330  C CB    . ASN A 1 39  ? -0.430  9.614   -1.411  1.00 14.41  ? 425  ASN A CB    1 
ATOM   331  C CG    . ASN A 1 39  ? 0.617   8.656   -1.837  1.00 15.84  ? 425  ASN A CG    1 
ATOM   332  O OD1   . ASN A 1 39  ? 1.114   7.891   -1.016  1.00 16.63  ? 425  ASN A OD1   1 
ATOM   333  N ND2   . ASN A 1 39  ? 0.949   8.650   -3.121  1.00 14.69  ? 425  ASN A ND2   1 
ATOM   334  N N     A CYS A 1 40  ? -1.489  6.673   -0.295  0.60 12.45  ? 426  CYS A N     1 
ATOM   335  N N     B CYS A 1 40  ? -1.448  6.681   -0.298  0.40 12.54  ? 426  CYS A N     1 
ATOM   336  C CA    A CYS A 1 40  ? -1.495  5.651   0.759   0.60 12.32  ? 426  CYS A CA    1 
ATOM   337  C CA    B CYS A 1 40  ? -1.472  5.670   0.752   0.40 12.46  ? 426  CYS A CA    1 
ATOM   338  C C     A CYS A 1 40  ? -0.258  5.682   1.663   0.60 14.36  ? 426  CYS A C     1 
ATOM   339  C C     B CYS A 1 40  ? -0.394  5.848   1.805   0.40 14.74  ? 426  CYS A C     1 
ATOM   340  O O     A CYS A 1 40  ? -0.118  4.777   2.509   0.60 13.05  ? 426  CYS A O     1 
ATOM   341  O O     B CYS A 1 40  ? -0.484  5.214   2.865   0.40 13.07  ? 426  CYS A O     1 
ATOM   342  C CB    A CYS A 1 40  ? -1.630  4.260   0.143   0.60 18.96  ? 426  CYS A CB    1 
ATOM   343  C CB    B CYS A 1 40  ? -1.306  4.283   0.162   0.40 16.78  ? 426  CYS A CB    1 
ATOM   344  S SG    A CYS A 1 40  ? -2.648  3.118   1.128   0.60 15.61  ? 426  CYS A SG    1 
ATOM   345  S SG    B CYS A 1 40  ? -2.817  3.777   -0.584  0.40 17.85  ? 426  CYS A SG    1 
ATOM   346  N N     . ARG A 1 41  ? 0.630   6.665   1.538   1.00 12.37  ? 427  ARG A N     1 
ATOM   347  C CA    . ARG A 1 41  ? 1.764   6.755   2.469   1.00 12.23  ? 427  ARG A CA    1 
ATOM   348  C C     . ARG A 1 41  ? 1.330   7.132   3.899   1.00 13.12  ? 427  ARG A C     1 
ATOM   349  O O     . ARG A 1 41  ? 2.149   7.014   4.831   1.00 14.08  ? 427  ARG A O     1 
ATOM   350  C CB    . ARG A 1 41  ? 2.803   7.736   1.936   1.00 15.08  ? 427  ARG A CB    1 
ATOM   351  C CG    . ARG A 1 41  ? 2.391   9.165   2.002   1.00 14.58  ? 427  ARG A CG    1 
ATOM   352  C CD    . ARG A 1 41  ? 3.546   10.110  1.622   1.00 17.14  ? 427  ARG A CD    1 
ATOM   353  N NE    . ARG A 1 41  ? 3.908   9.991   0.225   1.00 16.81  ? 427  ARG A NE    1 
ATOM   354  C CZ    . ARG A 1 41  ? 3.301   10.623  -0.769  1.00 19.34  ? 427  ARG A CZ    1 
ATOM   355  N NH1   . ARG A 1 41  ? 2.260   11.410  -0.554  1.00 17.19  ? 427  ARG A NH1   1 
ATOM   356  N NH2   . ARG A 1 41  ? 3.762   10.470  -2.006  1.00 17.92  ? 427  ARG A NH2   1 
ATOM   357  N N     . PHE A 1 42  ? 0.067   7.551   4.106   1.00 12.89  ? 428  PHE A N     1 
ATOM   358  C CA    . PHE A 1 42  ? -0.410  7.876   5.457   1.00 14.49  ? 428  PHE A CA    1 
ATOM   359  C C     . PHE A 1 42  ? -0.361  6.677   6.409   1.00 14.15  ? 428  PHE A C     1 
ATOM   360  O O     . PHE A 1 42  ? -0.418  6.860   7.630   1.00 18.22  ? 428  PHE A O     1 
ATOM   361  C CB    . PHE A 1 42  ? -1.843  8.475   5.442   1.00 16.99  ? 428  PHE A CB    1 
ATOM   362  C CG    . PHE A 1 42  ? -2.916  7.512   5.029   1.00 13.45  ? 428  PHE A CG    1 
ATOM   363  C CD1   . PHE A 1 42  ? -3.261  7.387   3.710   1.00 16.42  ? 428  PHE A CD1   1 
ATOM   364  C CD2   . PHE A 1 42  ? -3.604  6.760   5.957   1.00 21.19  ? 428  PHE A CD2   1 
ATOM   365  C CE1   . PHE A 1 42  ? -4.224  6.515   3.321   1.00 18.48  ? 428  PHE A CE1   1 
ATOM   366  C CE2   . PHE A 1 42  ? -4.575  5.868   5.549   1.00 21.47  ? 428  PHE A CE2   1 
ATOM   367  C CZ    . PHE A 1 42  ? -4.880  5.757   4.223   1.00 21.67  ? 428  PHE A CZ    1 
ATOM   368  N N     . LEU A 1 43  ? -0.285  5.459   5.880   1.00 14.05  ? 429  LEU A N     1 
ATOM   369  C CA    . LEU A 1 43  ? -0.150  4.265   6.690   1.00 13.24  ? 429  LEU A CA    1 
ATOM   370  C C     . LEU A 1 43  ? 1.248   4.117   7.275   1.00 14.43  ? 429  LEU A C     1 
ATOM   371  O O     . LEU A 1 43  ? 1.454   3.250   8.131   1.00 14.54  ? 429  LEU A O     1 
ATOM   372  C CB    . LEU A 1 43  ? -0.459  3.050   5.823   1.00 16.27  ? 429  LEU A CB    1 
ATOM   373  C CG    . LEU A 1 43  ? -1.906  2.867   5.345   1.00 18.98  ? 429  LEU A CG    1 
ATOM   374  C CD1   . LEU A 1 43  ? -2.029  1.593   4.518   1.00 22.81  ? 429  LEU A CD1   1 
ATOM   375  C CD2   . LEU A 1 43  ? -2.862  2.862   6.494   1.00 22.86  ? 429  LEU A CD2   1 
ATOM   376  N N     . GLN A 1 44  ? 2.210   4.914   6.828   1.00 13.16  ? 430  GLN A N     1 
ATOM   377  C CA    . GLN A 1 44  ? 3.575   4.805   7.321   1.00 11.25  ? 430  GLN A CA    1 
ATOM   378  C C     . GLN A 1 44  ? 3.741   5.645   8.573   1.00 14.48  ? 430  GLN A C     1 
ATOM   379  O O     . GLN A 1 44  ? 2.981   6.581   8.829   1.00 17.29  ? 430  GLN A O     1 
ATOM   380  C CB    . GLN A 1 44  ? 4.553   5.241   6.232   1.00 14.11  ? 430  GLN A CB    1 
ATOM   381  C CG    . GLN A 1 44  ? 4.448   4.314   5.038   1.00 14.19  ? 430  GLN A CG    1 
ATOM   382  C CD    . GLN A 1 44  ? 5.064   4.831   3.797   1.00 19.49  ? 430  GLN A CD    1 
ATOM   383  O OE1   . GLN A 1 44  ? 5.822   5.815   3.815   1.00 16.88  ? 430  GLN A OE1   1 
ATOM   384  N NE2   . GLN A 1 44  ? 4.779   4.156   2.683   1.00 16.19  ? 430  GLN A NE2   1 
ATOM   385  N N     . GLY A 1 45  ? 4.777   5.306   9.344   1.00 16.50  ? 431  GLY A N     1 
ATOM   386  C CA    . GLY A 1 45  ? 5.099   6.008   10.559  1.00 15.37  ? 431  GLY A CA    1 
ATOM   387  C C     . GLY A 1 45  ? 6.561   5.834   10.921  1.00 14.15  ? 431  GLY A C     1 
ATOM   388  O O     . GLY A 1 45  ? 7.383   5.327   10.156  1.00 14.75  ? 431  GLY A O     1 
ATOM   389  N N     . PRO A 1 46  ? 6.896   6.217   12.146  1.00 15.95  ? 432  PRO A N     1 
ATOM   390  C CA    . PRO A 1 46  ? 8.318   6.262   12.516  1.00 14.90  ? 432  PRO A CA    1 
ATOM   391  C C     . PRO A 1 46  ? 9.065   4.933   12.382  1.00 15.17  ? 432  PRO A C     1 
ATOM   392  O O     . PRO A 1 46  ? 10.249  4.952   12.035  1.00 19.56  ? 432  PRO A O     1 
ATOM   393  C CB    . PRO A 1 46  ? 8.277   6.756   13.970  1.00 19.30  ? 432  PRO A CB    1 
ATOM   394  C CG    . PRO A 1 46  ? 7.030   7.621   14.053  1.00 21.44  ? 432  PRO A CG    1 
ATOM   395  C CD    . PRO A 1 46  ? 6.021   6.907   13.113  1.00 18.00  ? 432  PRO A CD    1 
ATOM   396  N N     . GLU A 1 47  ? 8.438   3.785   12.659  1.00 16.07  ? 433  GLU A N     1 
ATOM   397  C CA    A GLU A 1 47  ? 9.151   2.516   12.571  0.60 14.14  ? 433  GLU A CA    1 
ATOM   398  C CA    B GLU A 1 47  ? 9.147   2.505   12.557  0.40 14.35  ? 433  GLU A CA    1 
ATOM   399  C C     . GLU A 1 47  ? 9.178   1.941   11.145  1.00 17.42  ? 433  GLU A C     1 
ATOM   400  O O     . GLU A 1 47  ? 9.854   0.938   10.912  1.00 18.80  ? 433  GLU A O     1 
ATOM   401  C CB    A GLU A 1 47  ? 8.529   1.513   13.551  0.60 23.09  ? 433  GLU A CB    1 
ATOM   402  C CB    B GLU A 1 47  ? 8.515   1.437   13.447  0.40 23.23  ? 433  GLU A CB    1 
ATOM   403  C CG    A GLU A 1 47  ? 8.334   2.017   15.019  0.60 23.93  ? 433  GLU A CG    1 
ATOM   404  C CG    B GLU A 1 47  ? 8.548   1.656   14.930  0.40 25.52  ? 433  GLU A CG    1 
ATOM   405  C CD    A GLU A 1 47  ? 9.602   2.086   15.871  0.60 22.88  ? 433  GLU A CD    1 
ATOM   406  C CD    B GLU A 1 47  ? 8.623   0.350   15.715  0.40 19.34  ? 433  GLU A CD    1 
ATOM   407  O OE1   A GLU A 1 47  ? 10.679  1.730   15.364  0.60 22.41  ? 433  GLU A OE1   1 
ATOM   408  O OE1   B GLU A 1 47  ? 8.306   -0.727  15.170  0.40 23.29  ? 433  GLU A OE1   1 
ATOM   409  O OE2   A GLU A 1 47  ? 9.509   2.484   17.064  0.60 22.72  ? 433  GLU A OE2   1 
ATOM   410  O OE2   B GLU A 1 47  ? 8.870   0.432   16.922  0.40 29.13  ? 433  GLU A OE2   1 
ATOM   411  N N     . THR A 1 48  ? 8.480   2.551   10.189  1.00 15.77  ? 434  THR A N     1 
ATOM   412  C CA    . THR A 1 48  ? 8.552   2.090   8.807   1.00 14.91  ? 434  THR A CA    1 
ATOM   413  C C     . THR A 1 48  ? 9.959   2.222   8.232   1.00 19.96  ? 434  THR A C     1 
ATOM   414  O O     . THR A 1 48  ? 10.556  3.297   8.249   1.00 20.82  ? 434  THR A O     1 
ATOM   415  C CB    . THR A 1 48  ? 7.571   2.888   7.946   1.00 18.29  ? 434  THR A CB    1 
ATOM   416  O OG1   . THR A 1 48  ? 6.256   2.850   8.521   1.00 15.20  ? 434  THR A OG1   1 
ATOM   417  C CG2   . THR A 1 48  ? 7.560   2.326   6.538   1.00 19.88  ? 434  THR A CG2   1 
ATOM   418  N N     . ASP A 1 49  ? 10.463  1.143   7.655   1.00 14.99  ? 435  ASP A N     1 
ATOM   419  C CA    A ASP A 1 49  ? 11.805  1.127   7.084   0.50 16.54  ? 435  ASP A CA    1 
ATOM   420  C CA    B ASP A 1 49  ? 11.808  1.125   7.086   0.50 16.55  ? 435  ASP A CA    1 
ATOM   421  C C     . ASP A 1 49  ? 11.840  1.928   5.794   1.00 18.33  ? 435  ASP A C     1 
ATOM   422  O O     . ASP A 1 49  ? 11.215  1.554   4.794   1.00 17.78  ? 435  ASP A O     1 
ATOM   423  C CB    A ASP A 1 49  ? 12.225  -0.316  6.832   0.50 17.71  ? 435  ASP A CB    1 
ATOM   424  C CB    B ASP A 1 49  ? 12.242  -0.308  6.825   0.50 17.72  ? 435  ASP A CB    1 
ATOM   425  C CG    A ASP A 1 49  ? 13.699  -0.464  6.494   0.50 22.36  ? 435  ASP A CG    1 
ATOM   426  C CG    B ASP A 1 49  ? 13.671  -0.400  6.362   0.50 22.39  ? 435  ASP A CG    1 
ATOM   427  O OD1   A ASP A 1 49  ? 14.370  0.523   6.081   0.50 14.30  ? 435  ASP A OD1   1 
ATOM   428  O OD1   B ASP A 1 49  ? 14.587  -0.286  7.205   0.50 31.87  ? 435  ASP A OD1   1 
ATOM   429  O OD2   A ASP A 1 49  ? 14.183  -1.604  6.651   0.50 17.23  ? 435  ASP A OD2   1 
ATOM   430  O OD2   B ASP A 1 49  ? 13.881  -0.576  5.148   0.50 25.23  ? 435  ASP A OD2   1 
ATOM   431  N N     . GLN A 1 50  ? 12.605  3.013   5.795   1.00 16.33  ? 436  GLN A N     1 
ATOM   432  C CA    . GLN A 1 50  ? 12.670  3.854   4.600   1.00 17.91  ? 436  GLN A CA    1 
ATOM   433  C C     . GLN A 1 50  ? 13.310  3.137   3.416   1.00 20.33  ? 436  GLN A C     1 
ATOM   434  O O     . GLN A 1 50  ? 13.023  3.474   2.264   1.00 22.67  ? 436  GLN A O     1 
ATOM   435  C CB    . GLN A 1 50  ? 13.438  5.136   4.914   1.00 28.91  ? 436  GLN A CB    1 
ATOM   436  C CG    . GLN A 1 50  ? 12.667  6.071   5.825   1.00 27.10  ? 436  GLN A CG    1 
ATOM   437  C CD    . GLN A 1 50  ? 11.291  6.409   5.319   1.00 35.94  ? 436  GLN A CD    1 
ATOM   438  O OE1   . GLN A 1 50  ? 11.130  6.843   4.177   1.00 42.26  ? 436  GLN A OE1   1 
ATOM   439  N NE2   . GLN A 1 50  ? 10.272  6.130   6.140   1.00 41.22  ? 436  GLN A NE2   1 
ATOM   440  N N     . ALA A 1 51  ? 14.197  2.175   3.655   1.00 17.15  ? 437  ALA A N     1 
ATOM   441  C CA    . ALA A 1 51  ? 14.779  1.464   2.533   1.00 20.07  ? 437  ALA A CA    1 
ATOM   442  C C     . ALA A 1 51  ? 13.728  0.650   1.786   1.00 21.29  ? 437  ALA A C     1 
ATOM   443  O O     . ALA A 1 51  ? 13.790  0.504   0.551   1.00 20.14  ? 437  ALA A O     1 
ATOM   444  C CB    . ALA A 1 51  ? 15.915  0.569   3.022   1.00 25.40  ? 437  ALA A CB    1 
ATOM   445  N N     . THR A 1 52  ? 12.765  0.110   2.515   1.00 17.64  ? 438  THR A N     1 
ATOM   446  C CA    . THR A 1 52  ? 11.685  -0.631  1.885   1.00 17.35  ? 438  THR A CA    1 
ATOM   447  C C     . THR A 1 52  ? 10.752  0.299   1.130   1.00 15.03  ? 438  THR A C     1 
ATOM   448  O O     . THR A 1 52  ? 10.269  -0.040  0.039   1.00 18.62  ? 438  THR A O     1 
ATOM   449  C CB    . THR A 1 52  ? 10.937  -1.400  2.965   1.00 19.41  ? 438  THR A CB    1 
ATOM   450  O OG1   . THR A 1 52  ? 11.879  -2.216  3.681   1.00 21.15  ? 438  THR A OG1   1 
ATOM   451  C CG2   . THR A 1 52  ? 9.853   -2.279  2.344   1.00 21.33  ? 438  THR A CG2   1 
ATOM   452  N N     . VAL A 1 53  ? 10.440  1.458   1.723   1.00 17.45  ? 439  VAL A N     1 
ATOM   453  C CA    . VAL A 1 53  ? 9.641   2.455   1.017   1.00 18.29  ? 439  VAL A CA    1 
ATOM   454  C C     . VAL A 1 53  ? 10.299  2.822   -0.305  1.00 14.81  ? 439  VAL A C     1 
ATOM   455  O O     . VAL A 1 53  ? 9.623   2.984   -1.327  1.00 18.28  ? 439  VAL A O     1 
ATOM   456  C CB    . VAL A 1 53  ? 9.423   3.697   1.897   1.00 17.42  ? 439  VAL A CB    1 
ATOM   457  C CG1   . VAL A 1 53  ? 8.692   4.779   1.110   1.00 20.43  ? 439  VAL A CG1   1 
ATOM   458  C CG2   . VAL A 1 53  ? 8.677   3.324   3.175   1.00 17.49  ? 439  VAL A CG2   1 
ATOM   459  N N     . GLN A 1 54  ? 11.633  2.927   -0.321  1.00 15.36  ? 440  GLN A N     1 
ATOM   460  C CA    . GLN A 1 54  ? 12.320  3.259   -1.568  1.00 17.39  ? 440  GLN A CA    1 
ATOM   461  C C     . GLN A 1 54  ? 12.099  2.187   -2.635  1.00 19.50  ? 440  GLN A C     1 
ATOM   462  O O     . GLN A 1 54  ? 11.956  2.506   -3.822  1.00 20.13  ? 440  GLN A O     1 
ATOM   463  C CB    . GLN A 1 54  ? 13.816  3.459   -1.283  1.00 25.82  ? 440  GLN A CB    1 
ATOM   464  C CG    . GLN A 1 54  ? 14.691  3.739   -2.497  1.00 28.18  ? 440  GLN A CG    1 
ATOM   465  C CD    . GLN A 1 54  ? 14.309  5.015   -3.209  1.00 41.59  ? 440  GLN A CD    1 
ATOM   466  O OE1   . GLN A 1 54  ? 14.150  6.063   -2.583  1.00 48.17  ? 440  GLN A OE1   1 
ATOM   467  N NE2   . GLN A 1 54  ? 14.189  4.946   -4.532  1.00 49.74  ? 440  GLN A NE2   1 
ATOM   468  N N     . LYS A 1 55  ? 12.063  0.913   -2.237  1.00 16.11  ? 441  LYS A N     1 
ATOM   469  C CA    . LYS A 1 55  ? 11.802  -0.141  -3.212  1.00 16.49  ? 441  LYS A CA    1 
ATOM   470  C C     . LYS A 1 55  ? 10.439  0.043   -3.857  1.00 15.27  ? 441  LYS A C     1 
ATOM   471  O O     . LYS A 1 55  ? 10.270  -0.190  -5.062  1.00 18.61  ? 441  LYS A O     1 
ATOM   472  C CB    . LYS A 1 55  ? 11.869  -1.518  -2.557  1.00 22.42  ? 441  LYS A CB    1 
ATOM   473  C CG    . LYS A 1 55  ? 13.171  -1.800  -1.904  1.00 30.77  ? 441  LYS A CG    1 
ATOM   474  C CD    . LYS A 1 55  ? 13.323  -3.275  -1.673  1.00 31.26  ? 441  LYS A CD    1 
ATOM   475  C CE    . LYS A 1 55  ? 14.796  -3.659  -1.609  1.00 60.24  ? 441  LYS A CE    1 
ATOM   476  N NZ    . LYS A 1 55  ? 15.116  -4.315  -0.314  1.00 78.12  ? 441  LYS A NZ    1 
ATOM   477  N N     . ILE A 1 56  ? 9.445   0.440   -3.062  1.00 16.04  ? 442  ILE A N     1 
ATOM   478  C CA    . ILE A 1 56  ? 8.115   0.704   -3.607  1.00 14.04  ? 442  ILE A CA    1 
ATOM   479  C C     . ILE A 1 56  ? 8.168   1.858   -4.611  1.00 15.23  ? 442  ILE A C     1 
ATOM   480  O O     . ILE A 1 56  ? 7.613   1.783   -5.717  1.00 14.38  ? 442  ILE A O     1 
ATOM   481  C CB    . ILE A 1 56  ? 7.141   0.991   -2.446  1.00 14.04  ? 442  ILE A CB    1 
ATOM   482  C CG1   . ILE A 1 56  ? 7.054   -0.186  -1.474  1.00 13.05  ? 442  ILE A CG1   1 
ATOM   483  C CG2   . ILE A 1 56  ? 5.797   1.414   -2.978  1.00 16.29  ? 442  ILE A CG2   1 
ATOM   484  C CD1   . ILE A 1 56  ? 6.353   0.188   -0.194  1.00 17.14  ? 442  ILE A CD1   1 
ATOM   485  N N     . ARG A 1 57  ? 8.837   2.951   -4.233  1.00 15.22  ? 443  ARG A N     1 
ATOM   486  C CA    . ARG A 1 57  ? 9.001   4.103   -5.121  1.00 15.02  ? 443  ARG A CA    1 
ATOM   487  C C     . ARG A 1 57  ? 9.589   3.708   -6.476  1.00 14.50  ? 443  ARG A C     1 
ATOM   488  O O     . ARG A 1 57  ? 9.060   4.107   -7.532  1.00 17.21  ? 443  ARG A O     1 
ATOM   489  C CB    . ARG A 1 57  ? 9.872   5.129   -4.396  1.00 20.41  ? 443  ARG A CB    1 
ATOM   490  C CG    . ARG A 1 57  ? 9.964   6.465   -5.082  1.00 43.57  ? 443  ARG A CG    1 
ATOM   491  C CD    . ARG A 1 57  ? 10.785  7.494   -4.264  1.00 45.46  ? 443  ARG A CD    1 
ATOM   492  N NE    . ARG A 1 57  ? 10.367  7.566   -2.867  1.00 41.80  ? 443  ARG A NE    1 
ATOM   493  C CZ    . ARG A 1 57  ? 11.122  7.240   -1.823  1.00 37.39  ? 443  ARG A CZ    1 
ATOM   494  N NH1   . ARG A 1 57  ? 12.390  6.885   -1.965  1.00 51.56  ? 443  ARG A NH1   1 
ATOM   495  N NH2   . ARG A 1 57  ? 10.596  7.290   -0.602  1.00 41.01  ? 443  ARG A NH2   1 
ATOM   496  N N     . ASP A 1 58  ? 10.656  2.890   -6.463  1.00 15.78  ? 444  ASP A N     1 
ATOM   497  C CA    . ASP A 1 58  ? 11.274  2.410   -7.700  1.00 16.74  ? 444  ASP A CA    1 
ATOM   498  C C     . ASP A 1 58  ? 10.301  1.561   -8.517  1.00 19.29  ? 444  ASP A C     1 
ATOM   499  O O     . ASP A 1 58  ? 10.253  1.647   -9.752  1.00 17.85  ? 444  ASP A O     1 
ATOM   500  C CB    . ASP A 1 58  ? 12.511  1.563   -7.393  1.00 19.08  ? 444  ASP A CB    1 
ATOM   501  C CG    . ASP A 1 58  ? 13.681  2.368   -6.829  1.00 22.96  ? 444  ASP A CG    1 
ATOM   502  O OD1   . ASP A 1 58  ? 13.645  3.602   -6.861  1.00 26.94  ? 444  ASP A OD1   1 
ATOM   503  O OD2   . ASP A 1 58  ? 14.615  1.744   -6.293  1.00 29.73  ? 444  ASP A OD2   1 
ATOM   504  N N     . ALA A 1 59  ? 9.521   0.712   -7.839  1.00 16.71  ? 445  ALA A N     1 
ATOM   505  C CA    . ALA A 1 59  ? 8.576   -0.144  -8.544  1.00 14.39  ? 445  ALA A CA    1 
ATOM   506  C C     . ALA A 1 59  ? 7.494   0.672   -9.224  1.00 12.50  ? 445  ALA A C     1 
ATOM   507  O O     . ALA A 1 59  ? 7.014   0.312   -10.311 1.00 16.06  ? 445  ALA A O     1 
ATOM   508  C CB    . ALA A 1 59  ? 7.918   -1.128  -7.570  1.00 17.29  ? 445  ALA A CB    1 
ATOM   509  N N     A ILE A 1 60  ? 7.069   1.757   -8.575  0.47 13.66  ? 446  ILE A N     1 
ATOM   510  N N     C ILE A 1 60  ? 7.036   1.730   -8.568  0.53 13.60  ? 446  ILE A N     1 
ATOM   511  C CA    A ILE A 1 60  ? 6.069   2.645   -9.152  0.47 16.21  ? 446  ILE A CA    1 
ATOM   512  C CA    C ILE A 1 60  ? 6.059   2.597   -9.206  0.53 16.29  ? 446  ILE A CA    1 
ATOM   513  C C     A ILE A 1 60  ? 6.625   3.350   -10.381 0.47 15.46  ? 446  ILE A C     1 
ATOM   514  C C     C ILE A 1 60  ? 6.673   3.233   -10.444 0.53 15.06  ? 446  ILE A C     1 
ATOM   515  O O     A ILE A 1 60  ? 5.915   3.555   -11.373 0.47 12.05  ? 446  ILE A O     1 
ATOM   516  O O     C ILE A 1 60  ? 6.082   3.212   -11.530 0.53 13.48  ? 446  ILE A O     1 
ATOM   517  C CB    A ILE A 1 60  ? 5.621   3.649   -8.077  0.47 15.72  ? 446  ILE A CB    1 
ATOM   518  C CB    C ILE A 1 60  ? 5.546   3.643   -8.203  0.53 15.56  ? 446  ILE A CB    1 
ATOM   519  C CG1   A ILE A 1 60  ? 4.573   3.024   -7.150  0.47 11.93  ? 446  ILE A CG1   1 
ATOM   520  C CG1   C ILE A 1 60  ? 4.969   2.906   -6.982  0.53 14.98  ? 446  ILE A CG1   1 
ATOM   521  C CG2   A ILE A 1 60  ? 5.099   4.903   -8.704  0.47 11.90  ? 446  ILE A CG2   1 
ATOM   522  C CG2   C ILE A 1 60  ? 4.534   4.512   -8.859  0.53 15.19  ? 446  ILE A CG2   1 
ATOM   523  C CD1   A ILE A 1 60  ? 4.461   3.745   -5.776  0.47 8.86   ? 446  ILE A CD1   1 
ATOM   524  C CD1   C ILE A 1 60  ? 3.702   3.477   -6.417  0.53 25.98  ? 446  ILE A CD1   1 
ATOM   525  N N     . ARG A 1 61  ? 7.883   3.785   -10.296 1.00 14.32  ? 447  ARG A N     1 
ATOM   526  C CA    . ARG A 1 61  ? 8.573   4.429   -11.410 1.00 15.85  ? 447  ARG A CA    1 
ATOM   527  C C     . ARG A 1 61  ? 8.664   3.514   -12.619 1.00 15.33  ? 447  ARG A C     1 
ATOM   528  O O     . ARG A 1 61  ? 8.380   3.924   -13.751 1.00 18.45  ? 447  ARG A O     1 
ATOM   529  C CB    . ARG A 1 61  ? 9.985   4.811   -10.970 1.00 17.42  ? 447  ARG A CB    1 
ATOM   530  C CG    . ARG A 1 61  ? 10.845  5.476   -12.060 1.00 19.15  ? 447  ARG A CG    1 
ATOM   531  C CD    . ARG A 1 61  ? 12.320  5.453   -11.661 1.00 19.99  ? 447  ARG A CD    1 
ATOM   532  N NE    . ARG A 1 61  ? 12.838  4.091   -11.625 1.00 24.86  ? 447  ARG A NE    1 
ATOM   533  C CZ    . ARG A 1 61  ? 13.858  3.688   -10.881 1.00 31.20  ? 447  ARG A CZ    1 
ATOM   534  N NH1   . ARG A 1 61  ? 14.539  4.532   -10.125 1.00 39.14  ? 447  ARG A NH1   1 
ATOM   535  N NH2   . ARG A 1 61  ? 14.192  2.404   -10.882 1.00 28.42  ? 447  ARG A NH2   1 
ATOM   536  N N     . ASP A 1 62  ? 9.075   2.274   -12.394 1.00 13.30  ? 448  ASP A N     1 
ATOM   537  C CA    . ASP A 1 62  ? 9.272   1.319   -13.479 1.00 15.45  ? 448  ASP A CA    1 
ATOM   538  C C     . ASP A 1 62  ? 7.983   0.597   -13.865 1.00 14.29  ? 448  ASP A C     1 
ATOM   539  O O     . ASP A 1 62  ? 7.981   -0.198  -14.823 1.00 17.72  ? 448  ASP A O     1 
ATOM   540  C CB    . ASP A 1 62  ? 10.344  0.302   -13.089 1.00 18.98  ? 448  ASP A CB    1 
ATOM   541  C CG    . ASP A 1 62  ? 11.729  0.944   -12.903 1.00 24.69  ? 448  ASP A CG    1 
ATOM   542  O OD1   . ASP A 1 62  ? 11.952  2.016   -13.482 1.00 27.66  ? 448  ASP A OD1   1 
ATOM   543  O OD2   . ASP A 1 62  ? 12.570  0.385   -12.176 1.00 28.90  ? 448  ASP A OD2   1 
ATOM   544  N N     . GLN A 1 63  ? 6.902   0.844   -13.121 1.00 13.88  ? 449  GLN A N     1 
ATOM   545  C CA    . GLN A 1 63  ? 5.603   0.220   -13.306 1.00 11.39  ? 449  GLN A CA    1 
ATOM   546  C C     . GLN A 1 63  ? 5.724   -1.299  -13.317 1.00 18.25  ? 449  GLN A C     1 
ATOM   547  O O     . GLN A 1 63  ? 5.289   -1.978  -14.248 1.00 16.91  ? 449  GLN A O     1 
ATOM   548  C CB    . GLN A 1 63  ? 4.919   0.748   -14.569 1.00 13.83  ? 449  GLN A CB    1 
ATOM   549  C CG    . GLN A 1 63  ? 4.894   2.265   -14.553 1.00 16.82  ? 449  GLN A CG    1 
ATOM   550  C CD    . GLN A 1 63  ? 4.328   2.912   -15.813 1.00 14.89  ? 449  GLN A CD    1 
ATOM   551  O OE1   . GLN A 1 63  ? 3.993   2.257   -16.785 1.00 18.28  ? 449  GLN A OE1   1 
ATOM   552  N NE2   . GLN A 1 63  ? 4.331   4.215   -15.815 1.00 16.57  ? 449  GLN A NE2   1 
ATOM   553  N N     . ARG A 1 64  ? 6.316   -1.808  -12.229 1.00 13.83  ? 450  ARG A N     1 
ATOM   554  C CA    . ARG A 1 64  ? 6.510   -3.228  -12.075 1.00 15.44  ? 450  ARG A CA    1 
ATOM   555  C C     . ARG A 1 64  ? 5.845   -3.695  -10.796 1.00 18.34  ? 450  ARG A C     1 
ATOM   556  O O     . ARG A 1 64  ? 5.613   -2.913  -9.897  1.00 19.63  ? 450  ARG A O     1 
ATOM   557  C CB    . ARG A 1 64  ? 8.006   -3.511  -11.987 1.00 20.22  ? 450  ARG A CB    1 
ATOM   558  C CG    . ARG A 1 64  ? 8.769   -3.116  -13.233 1.00 36.39  ? 450  ARG A CG    1 
ATOM   559  C CD    . ARG A 1 64  ? 10.172  -3.698  -13.274 1.00 56.85  ? 450  ARG A CD    1 
ATOM   560  N NE    . ARG A 1 64  ? 10.189  -5.129  -13.591 1.00 63.11  ? 450  ARG A NE    1 
ATOM   561  C CZ    . ARG A 1 64  ? 10.060  -5.669  -14.810 1.00 54.94  ? 450  ARG A CZ    1 
ATOM   562  N NH1   . ARG A 1 64  ? 9.872   -4.918  -15.899 1.00 40.71  ? 450  ARG A NH1   1 
ATOM   563  N NH2   . ARG A 1 64  ? 10.107  -6.996  -14.945 1.00 41.99  ? 450  ARG A NH2   1 
ATOM   564  N N     . GLU A 1 65  ? 5.471   -4.968  -10.823 1.00 18.03  ? 451  GLU A N     1 
ATOM   565  C CA    A GLU A 1 65  ? 4.962   -5.531  -9.520  0.50 18.27  ? 451  GLU A CA    1 
ATOM   566  C CA    B GLU A 1 65  ? 4.849   -5.502  -9.497  0.50 18.27  ? 451  GLU A CA    1 
ATOM   567  C C     . GLU A 1 65  ? 6.004   -5.686  -8.417  1.00 18.52  ? 451  GLU A C     1 
ATOM   568  O O     . GLU A 1 65  ? 7.240   -5.816  -8.677  1.00 18.29  ? 451  GLU A O     1 
ATOM   569  C CB    A GLU A 1 65  ? 4.475   -6.965  -9.731  0.50 17.50  ? 451  GLU A CB    1 
ATOM   570  C CB    B GLU A 1 65  ? 4.171   -6.848  -9.742  0.50 17.26  ? 451  GLU A CB    1 
ATOM   571  C CG    A GLU A 1 65  ? 3.352   -7.205  -10.695 0.50 21.85  ? 451  GLU A CG    1 
ATOM   572  C CG    B GLU A 1 65  ? 5.083   -8.039  -9.985  0.50 33.26  ? 451  GLU A CG    1 
ATOM   573  C CD    A GLU A 1 65  ? 3.133   -8.694  -10.909 0.50 42.58  ? 451  GLU A CD    1 
ATOM   574  C CD    B GLU A 1 65  ? 4.313   -9.293  -10.362 0.50 42.05  ? 451  GLU A CD    1 
ATOM   575  O OE1   A GLU A 1 65  ? 3.416   -9.479  -9.982  0.50 43.39  ? 451  GLU A OE1   1 
ATOM   576  O OE1   B GLU A 1 65  ? 3.086   -9.342  -10.135 0.50 44.17  ? 451  GLU A OE1   1 
ATOM   577  O OE2   A GLU A 1 65  ? 2.651   -9.083  -11.988 0.50 50.96  ? 451  GLU A OE2   1 
ATOM   578  O OE2   B GLU A 1 65  ? 4.941   -10.239 -10.880 0.50 47.55  ? 451  GLU A OE2   1 
ATOM   579  N N     . ILE A 1 66  ? 5.573   -5.595  -7.188  1.00 15.93  ? 452  ILE A N     1 
ATOM   580  C CA    . ILE A 1 66  ? 6.495   -5.783  -6.096  1.00 14.57  ? 452  ILE A CA    1 
ATOM   581  C C     . ILE A 1 66  ? 5.777   -6.260  -4.838  1.00 17.67  ? 452  ILE A C     1 
ATOM   582  O O     . ILE A 1 66  ? 4.638   -5.938  -4.664  1.00 16.04  ? 452  ILE A O     1 
ATOM   583  C CB    . ILE A 1 66  ? 7.307   -4.501  -5.769  1.00 18.06  ? 452  ILE A CB    1 
ATOM   584  C CG1   . ILE A 1 66  ? 8.465   -4.810  -4.804  1.00 24.77  ? 452  ILE A CG1   1 
ATOM   585  C CG2   . ILE A 1 66  ? 6.417   -3.389  -5.215  1.00 23.09  ? 452  ILE A CG2   1 
ATOM   586  C CD1   . ILE A 1 66  ? 9.421   -3.664  -4.557  1.00 28.84  ? 452  ILE A CD1   1 
ATOM   587  N N     . THR A 1 67  ? 6.425   -7.082  -4.026  1.00 15.29  ? 453  THR A N     1 
ATOM   588  C CA    . THR A 1 67  ? 5.930   -7.482  -2.719  1.00 13.56  ? 453  THR A CA    1 
ATOM   589  C C     . THR A 1 67  ? 7.006   -7.185  -1.688  1.00 15.33  ? 453  THR A C     1 
ATOM   590  O O     . THR A 1 67  ? 8.162   -7.581  -1.855  1.00 16.97  ? 453  THR A O     1 
ATOM   591  C CB    . THR A 1 67  ? 5.563   -8.969  -2.685  1.00 17.99  ? 453  THR A CB    1 
ATOM   592  O OG1   . THR A 1 67  ? 4.583   -9.246  -3.698  1.00 20.58  ? 453  THR A OG1   1 
ATOM   593  C CG2   . THR A 1 67  ? 5.027   -9.289  -1.302  1.00 19.71  ? 453  THR A CG2   1 
ATOM   594  N N     . VAL A 1 68  ? 6.626   -6.463  -0.642  1.00 13.10  ? 454  VAL A N     1 
ATOM   595  C CA    . VAL A 1 68  ? 7.523   -6.125  0.454   1.00 12.69  ? 454  VAL A CA    1 
ATOM   596  C C     . VAL A 1 68  ? 6.739   -6.280  1.747   1.00 16.65  ? 454  VAL A C     1 
ATOM   597  O O     . VAL A 1 68  ? 5.511   -6.227  1.757   1.00 17.10  ? 454  VAL A O     1 
ATOM   598  C CB    . VAL A 1 68  ? 8.071   -4.683  0.368   1.00 16.77  ? 454  VAL A CB    1 
ATOM   599  C CG1   . VAL A 1 68  ? 8.988   -4.500  -0.821  1.00 21.04  ? 454  VAL A CG1   1 
ATOM   600  C CG2   . VAL A 1 68  ? 6.940   -3.701  0.373   1.00 20.10  ? 454  VAL A CG2   1 
ATOM   601  N N     . GLN A 1 69  ? 7.461   -6.455  2.854   1.00 15.16  ? 455  GLN A N     1 
ATOM   602  C CA    . GLN A 1 69  ? 6.847   -6.479  4.178   1.00 12.88  ? 455  GLN A CA    1 
ATOM   603  C C     . GLN A 1 69  ? 7.313   -5.262  4.951   1.00 15.64  ? 455  GLN A C     1 
ATOM   604  O O     . GLN A 1 69  ? 8.522   -5.008  5.042   1.00 16.10  ? 455  GLN A O     1 
ATOM   605  C CB    . GLN A 1 69  ? 7.205   -7.769  4.926   1.00 15.40  ? 455  GLN A CB    1 
ATOM   606  C CG    . GLN A 1 69  ? 6.446   -7.925  6.228   1.00 16.14  ? 455  GLN A CG    1 
ATOM   607  C CD    . GLN A 1 69  ? 6.753   -9.210  6.994   1.00 21.76  ? 455  GLN A CD    1 
ATOM   608  O OE1   . GLN A 1 69  ? 6.424   -10.307 6.552   1.00 20.20  ? 455  GLN A OE1   1 
ATOM   609  N NE2   . GLN A 1 69  ? 7.500   -9.081  8.081   1.00 21.58  ? 455  GLN A NE2   1 
ATOM   610  N N     . LEU A 1 70  ? 6.367   -4.515  5.518   1.00 12.40  ? 456  LEU A N     1 
ATOM   611  C CA    . LEU A 1 70  ? 6.764   -3.292  6.207   1.00 18.19  ? 456  LEU A CA    1 
ATOM   612  C C     . LEU A 1 70  ? 5.765   -2.949  7.296   1.00 16.60  ? 456  LEU A C     1 
ATOM   613  O O     . LEU A 1 70  ? 4.629   -3.422  7.304   1.00 15.87  ? 456  LEU A O     1 
ATOM   614  C CB    . LEU A 1 70  ? 6.929   -2.129  5.216   1.00 17.73  ? 456  LEU A CB    1 
ATOM   615  C CG    . LEU A 1 70  ? 5.697   -1.385  4.717   1.00 16.08  ? 456  LEU A CG    1 
ATOM   616  C CD1   . LEU A 1 70  ? 6.092   -0.206  3.830   1.00 18.14  ? 456  LEU A CD1   1 
ATOM   617  C CD2   . LEU A 1 70  ? 4.839   -2.356  3.972   1.00 20.25  ? 456  LEU A CD2   1 
ATOM   618  N N     . ILE A 1 71  ? 6.216   -2.135  8.239   1.00 13.60  ? 457  ILE A N     1 
ATOM   619  C CA    . ILE A 1 71  ? 5.373   -1.735  9.355   1.00 13.00  ? 457  ILE A CA    1 
ATOM   620  C C     . ILE A 1 71  ? 4.463   -0.610  8.892   1.00 14.28  ? 457  ILE A C     1 
ATOM   621  O O     . ILE A 1 71  ? 4.916   0.378   8.292   1.00 15.07  ? 457  ILE A O     1 
ATOM   622  C CB    . ILE A 1 71  ? 6.228   -1.307  10.561  1.00 15.06  ? 457  ILE A CB    1 
ATOM   623  C CG1   . ILE A 1 71  ? 6.850   -2.538  11.198  1.00 19.30  ? 457  ILE A CG1   1 
ATOM   624  C CG2   . ILE A 1 71  ? 5.405   -0.585  11.567  1.00 17.12  ? 457  ILE A CG2   1 
ATOM   625  C CD1   . ILE A 1 71  ? 8.031   -2.284  12.020  1.00 31.90  ? 457  ILE A CD1   1 
ATOM   626  N N     . ASN A 1 72  ? 3.178   -0.744  9.191   1.00 12.87  ? 458  ASN A N     1 
ATOM   627  C CA    . ASN A 1 72  ? 2.201   0.313   8.960   1.00 10.52  ? 458  ASN A CA    1 
ATOM   628  C C     . ASN A 1 72  ? 1.413   0.551   10.256  1.00 15.93  ? 458  ASN A C     1 
ATOM   629  O O     . ASN A 1 72  ? 1.553   -0.179  11.249  1.00 13.52  ? 458  ASN A O     1 
ATOM   630  C CB    . ASN A 1 72  ? 1.247   -0.069  7.811   1.00 12.25  ? 458  ASN A CB    1 
ATOM   631  C CG    . ASN A 1 72  ? 1.797   0.155   6.394   1.00 14.03  ? 458  ASN A CG    1 
ATOM   632  O OD1   . ASN A 1 72  ? 1.090   -0.186  5.434   1.00 15.38  ? 458  ASN A OD1   1 
ATOM   633  N ND2   . ASN A 1 72  ? 2.977   0.762   6.238   1.00 13.28  ? 458  ASN A ND2   1 
ATOM   634  N N     . TYR A 1 73  ? 0.586   1.603   10.256  1.00 14.47  ? 459  TYR A N     1 
ATOM   635  C CA    . TYR A 1 73  ? -0.083  2.106   11.447  1.00 15.43  ? 459  TYR A CA    1 
ATOM   636  C C     . TYR A 1 73  ? -1.562  2.323   11.169  1.00 15.05  ? 459  TYR A C     1 
ATOM   637  O O     . TYR A 1 73  ? -1.939  2.851   10.115  1.00 15.34  ? 459  TYR A O     1 
ATOM   638  C CB    . TYR A 1 73  ? 0.509   3.451   11.835  1.00 19.44  ? 459  TYR A CB    1 
ATOM   639  C CG    . TYR A 1 73  ? 1.894   3.397   12.375  1.00 16.40  ? 459  TYR A CG    1 
ATOM   640  C CD1   . TYR A 1 73  ? 2.988   3.275   11.530  1.00 16.10  ? 459  TYR A CD1   1 
ATOM   641  C CD2   . TYR A 1 73  ? 2.117   3.472   13.731  1.00 20.08  ? 459  TYR A CD2   1 
ATOM   642  C CE1   . TYR A 1 73  ? 4.304   3.238   12.017  1.00 14.33  ? 459  TYR A CE1   1 
ATOM   643  C CE2   . TYR A 1 73  ? 3.418   3.432   14.224  1.00 19.09  ? 459  TYR A CE2   1 
ATOM   644  C CZ    . TYR A 1 73  ? 4.509   3.311   13.378  1.00 23.66  ? 459  TYR A CZ    1 
ATOM   645  O OH    . TYR A 1 73  ? 5.804   3.297   13.923  1.00 21.63  ? 459  TYR A OH    1 
ATOM   646  N N     . THR A 1 74  ? -2.397  1.968   12.137  1.00 15.65  ? 460  THR A N     1 
ATOM   647  C CA    . THR A 1 74  ? -3.815  2.270   12.031  1.00 11.86  ? 460  THR A CA    1 
ATOM   648  C C     . THR A 1 74  ? -4.068  3.706   12.480  1.00 14.14  ? 460  THR A C     1 
ATOM   649  O O     . THR A 1 74  ? -3.173  4.400   12.989  1.00 18.17  ? 460  THR A O     1 
ATOM   650  C CB    . THR A 1 74  ? -4.643  1.323   12.897  1.00 17.21  ? 460  THR A CB    1 
ATOM   651  O OG1   . THR A 1 74  ? -4.407  1.665   14.261  1.00 18.74  ? 460  THR A OG1   1 
ATOM   652  C CG2   . THR A 1 74  ? -4.283  -0.133  12.673  1.00 17.80  ? 460  THR A CG2   1 
ATOM   653  N N     . LYS A 1 75  ? -5.312  4.149   12.283  1.00 16.30  ? 461  LYS A N     1 
ATOM   654  C CA    . LYS A 1 75  ? -5.682  5.497   12.676  1.00 17.62  ? 461  LYS A CA    1 
ATOM   655  C C     . LYS A 1 75  ? -5.377  5.739   14.152  1.00 16.12  ? 461  LYS A C     1 
ATOM   656  O O     . LYS A 1 75  ? -4.968  6.840   14.530  1.00 23.21  ? 461  LYS A O     1 
ATOM   657  C CB    . LYS A 1 75  ? -7.165  5.734   12.415  1.00 20.52  ? 461  LYS A CB    1 
ATOM   658  C CG    . LYS A 1 75  ? -7.606  7.150   12.714  1.00 24.55  ? 461  LYS A CG    1 
ATOM   659  C CD    . LYS A 1 75  ? -9.069  7.281   12.355  1.00 23.75  ? 461  LYS A CD    1 
ATOM   660  C CE    . LYS A 1 75  ? -9.669  8.597   12.820  1.00 42.70  ? 461  LYS A CE    1 
ATOM   661  N NZ    . LYS A 1 75  ? -11.072 8.675   12.329  1.00 55.36  ? 461  LYS A NZ    1 
ATOM   662  N N     . SER A 1 76  ? -5.555  4.720   14.984  1.00 19.44  ? 462  SER A N     1 
ATOM   663  C CA    . SER A 1 76  ? -5.357  4.827   16.430  1.00 25.08  ? 462  SER A CA    1 
ATOM   664  C C     . SER A 1 76  ? -3.910  4.579   16.835  1.00 31.54  ? 462  SER A C     1 
ATOM   665  O O     . SER A 1 76  ? -3.593  4.542   18.034  1.00 27.03  ? 462  SER A O     1 
ATOM   666  C CB    . SER A 1 76  ? -6.310  3.872   17.149  1.00 22.94  ? 462  SER A CB    1 
ATOM   667  O OG    . SER A 1 76  ? -5.965  2.511   17.055  1.00 24.10  ? 462  SER A OG    1 
ATOM   668  N N     . GLY A 1 77  ? -3.024  4.448   15.856  1.00 24.19  ? 463  GLY A N     1 
ATOM   669  C CA    . GLY A 1 77  ? -1.616  4.298   16.125  1.00 23.88  ? 463  GLY A CA    1 
ATOM   670  C C     . GLY A 1 77  ? -1.151  2.894   16.411  1.00 20.78  ? 463  GLY A C     1 
ATOM   671  O O     . GLY A 1 77  ? -0.004  2.708   16.840  1.00 25.40  ? 463  GLY A O     1 
ATOM   672  N N     . LYS A 1 78  ? -1.979  1.900   16.170  1.00 19.04  ? 464  LYS A N     1 
ATOM   673  C CA    . LYS A 1 78  ? -1.565  0.529   16.393  1.00 18.70  ? 464  LYS A CA    1 
ATOM   674  C C     . LYS A 1 78  ? -0.667  0.115   15.240  1.00 23.05  ? 464  LYS A C     1 
ATOM   675  O O     . LYS A 1 78  ? -1.003  0.348   14.073  1.00 18.77  ? 464  LYS A O     1 
ATOM   676  C CB    . LYS A 1 78  ? -2.782  -0.374  16.507  1.00 18.75  ? 464  LYS A CB    1 
ATOM   677  C CG    . LYS A 1 78  ? -2.469  -1.827  16.327  1.00 34.18  ? 464  LYS A CG    1 
ATOM   678  C CD    . LYS A 1 78  ? -3.537  -2.732  16.956  1.00 67.53  ? 464  LYS A CD    1 
ATOM   679  C CE    . LYS A 1 78  ? -3.095  -3.215  18.349  1.00 88.23  ? 464  LYS A CE    1 
ATOM   680  N NZ    . LYS A 1 78  ? -4.221  -3.754  19.181  1.00 94.05  ? 464  LYS A NZ    1 
ATOM   681  N N     . LYS A 1 79  ? 0.494   -0.429  15.612  1.00 18.32  ? 465  LYS A N     1 
ATOM   682  C CA    A LYS A 1 79  ? 1.402   -0.948  14.526  0.50 16.69  ? 465  LYS A CA    1 
ATOM   683  C CA    B LYS A 1 79  ? 1.440   -0.913  14.476  0.50 16.69  ? 465  LYS A CA    1 
ATOM   684  C C     . LYS A 1 79  ? 1.047   -2.385  14.041  1.00 22.38  ? 465  LYS A C     1 
ATOM   685  O O     . LYS A 1 79  ? 0.573   -3.263  14.812  1.00 19.60  ? 465  LYS A O     1 
ATOM   686  C CB    A LYS A 1 79  ? 2.861   -1.029  15.023  0.50 21.42  ? 465  LYS A CB    1 
ATOM   687  C CB    B LYS A 1 79  ? 2.857   -1.029  15.010  0.50 21.44  ? 465  LYS A CB    1 
ATOM   688  C CG    A LYS A 1 79  ? 3.551   0.276   15.385  0.50 30.84  ? 465  LYS A CG    1 
ATOM   689  C CG    B LYS A 1 79  ? 3.609   0.284   15.115  0.50 31.49  ? 465  LYS A CG    1 
ATOM   690  C CD    A LYS A 1 79  ? 4.956   0.049   15.993  0.50 32.31  ? 465  LYS A CD    1 
ATOM   691  C CD    B LYS A 1 79  ? 4.953   0.123   15.805  0.50 31.71  ? 465  LYS A CD    1 
ATOM   692  C CE    A LYS A 1 79  ? 4.885   -0.124  17.520  0.50 39.06  ? 465  LYS A CE    1 
ATOM   693  C CE    B LYS A 1 79  ? 4.828   0.134   17.321  0.50 39.44  ? 465  LYS A CE    1 
ATOM   694  N NZ    A LYS A 1 79  ? 5.608   0.948   18.290  0.50 40.49  ? 465  LYS A NZ    1 
ATOM   695  N NZ    B LYS A 1 79  ? 5.908   -0.642  17.984  0.50 40.86  ? 465  LYS A NZ    1 
ATOM   696  N N     . PHE A 1 80  ? 1.095   -2.569  12.727  1.00 18.28  ? 466  PHE A N     1 
ATOM   697  C CA    . PHE A 1 80  ? 0.903   -3.886  12.167  1.00 16.46  ? 466  PHE A CA    1 
ATOM   698  C C     . PHE A 1 80  ? 1.861   -4.159  11.038  1.00 19.86  ? 466  PHE A C     1 
ATOM   699  O O     . PHE A 1 80  ? 2.227   -3.255  10.332  1.00 18.42  ? 466  PHE A O     1 
ATOM   700  C CB    . PHE A 1 80  ? -0.550  -4.094  11.712  1.00 23.56  ? 466  PHE A CB    1 
ATOM   701  C CG    . PHE A 1 80  ? -0.976  -3.261  10.522  1.00 19.18  ? 466  PHE A CG    1 
ATOM   702  C CD1   . PHE A 1 80  ? -1.419  -1.959  10.687  1.00 18.85  ? 466  PHE A CD1   1 
ATOM   703  C CD2   . PHE A 1 80  ? -0.994  -3.804  9.246   1.00 18.22  ? 466  PHE A CD2   1 
ATOM   704  C CE1   . PHE A 1 80  ? -1.831  -1.209  9.605   1.00 23.18  ? 466  PHE A CE1   1 
ATOM   705  C CE2   . PHE A 1 80  ? -1.404  -3.057  8.161   1.00 17.26  ? 466  PHE A CE2   1 
ATOM   706  C CZ    . PHE A 1 80  ? -1.825  -1.759  8.340   1.00 18.31  ? 466  PHE A CZ    1 
ATOM   707  N N     . TRP A 1 81  ? 2.290   -5.404  10.908  1.00 18.30  ? 467  TRP A N     1 
ATOM   708  C CA    . TRP A 1 81  ? 3.133   -5.779  9.789   1.00 15.55  ? 467  TRP A CA    1 
ATOM   709  C C     . TRP A 1 81  ? 2.236   -5.930  8.595   1.00 18.49  ? 467  TRP A C     1 
ATOM   710  O O     . TRP A 1 81  ? 1.159   -6.482  8.721   1.00 17.85  ? 467  TRP A O     1 
ATOM   711  C CB    . TRP A 1 81  ? 3.899   -7.065  10.046  1.00 17.15  ? 467  TRP A CB    1 
ATOM   712  C CG    . TRP A 1 81  ? 5.118   -6.888  10.899  1.00 15.04  ? 467  TRP A CG    1 
ATOM   713  C CD1   . TRP A 1 81  ? 5.253   -7.203  12.211  1.00 22.55  ? 467  TRP A CD1   1 
ATOM   714  C CD2   . TRP A 1 81  ? 6.380   -6.364  10.480  1.00 16.29  ? 467  TRP A CD2   1 
ATOM   715  N NE1   . TRP A 1 81  ? 6.525   -6.913  12.641  1.00 24.52  ? 467  TRP A NE1   1 
ATOM   716  C CE2   . TRP A 1 81  ? 7.236   -6.393  11.593  1.00 24.51  ? 467  TRP A CE2   1 
ATOM   717  C CE3   . TRP A 1 81  ? 6.866   -5.866  9.274   1.00 18.50  ? 467  TRP A CE3   1 
ATOM   718  C CZ2   . TRP A 1 81  ? 8.549   -5.950  11.531  1.00 22.01  ? 467  TRP A CZ2   1 
ATOM   719  C CZ3   . TRP A 1 81  ? 8.163   -5.432  9.210   1.00 22.66  ? 467  TRP A CZ3   1 
ATOM   720  C CH2   . TRP A 1 81  ? 8.994   -5.472  10.333  1.00 24.28  ? 467  TRP A CH2   1 
ATOM   721  N N     . ASN A 1 82  ? 2.695   -5.480  7.430   1.00 15.97  ? 468  ASN A N     1 
ATOM   722  C CA    . ASN A 1 82  ? 1.887   -5.493  6.235   1.00 13.62  ? 468  ASN A CA    1 
ATOM   723  C C     . ASN A 1 82  ? 2.656   -6.120  5.105   1.00 14.71  ? 468  ASN A C     1 
ATOM   724  O O     . ASN A 1 82  ? 3.612   -5.541  4.640   1.00 17.32  ? 468  ASN A O     1 
ATOM   725  C CB    . ASN A 1 82  ? 1.502   -4.050  5.865   1.00 15.82  ? 468  ASN A CB    1 
ATOM   726  C CG    . ASN A 1 82  ? 0.714   -3.941  4.565   1.00 14.36  ? 468  ASN A CG    1 
ATOM   727  O OD1   . ASN A 1 82  ? 0.357   -4.927  3.937   1.00 17.91  ? 468  ASN A OD1   1 
ATOM   728  N ND2   . ASN A 1 82  ? 0.431   -2.711  4.171   1.00 15.74  ? 468  ASN A ND2   1 
ATOM   729  N N     . LEU A 1 83  ? 2.274   -7.325  4.698   1.00 12.55  ? 469  LEU A N     1 
ATOM   730  C CA    . LEU A 1 83  ? 2.844   -7.911  3.494   1.00 12.44  ? 469  LEU A CA    1 
ATOM   731  C C     . LEU A 1 83  ? 2.076   -7.289  2.333   1.00 14.67  ? 469  LEU A C     1 
ATOM   732  O O     . LEU A 1 83  ? 0.911   -7.629  2.074   1.00 15.93  ? 469  LEU A O     1 
ATOM   733  C CB    . LEU A 1 83  ? 2.750   -9.430  3.521   1.00 15.53  ? 469  LEU A CB    1 
ATOM   734  C CG    . LEU A 1 83  ? 3.377   -10.073 2.301   1.00 19.25  ? 469  LEU A CG    1 
ATOM   735  C CD1   . LEU A 1 83  ? 4.892   -9.985  2.371   1.00 21.19  ? 469  LEU A CD1   1 
ATOM   736  C CD2   . LEU A 1 83  ? 2.904   -11.505 2.200   1.00 22.97  ? 469  LEU A CD2   1 
ATOM   737  N N     . PHE A 1 84  ? 2.739   -6.366  1.647   1.00 12.23  ? 470  PHE A N     1 
ATOM   738  C CA    . PHE A 1 84  ? 2.125   -5.448  0.716   1.00 13.99  ? 470  PHE A CA    1 
ATOM   739  C C     . PHE A 1 84  ? 2.509   -5.820  -0.706  1.00 16.10  ? 470  PHE A C     1 
ATOM   740  O O     . PHE A 1 84  ? 3.696   -5.935  -1.016  1.00 15.80  ? 470  PHE A O     1 
ATOM   741  C CB    . PHE A 1 84  ? 2.582   -4.018  1.020   1.00 14.76  ? 470  PHE A CB    1 
ATOM   742  C CG    . PHE A 1 84  ? 2.238   -3.048  -0.051  1.00 11.81  ? 470  PHE A CG    1 
ATOM   743  C CD1   . PHE A 1 84  ? 0.920   -2.865  -0.399  1.00 13.56  ? 470  PHE A CD1   1 
ATOM   744  C CD2   . PHE A 1 84  ? 3.225   -2.350  -0.757  1.00 15.35  ? 470  PHE A CD2   1 
ATOM   745  C CE1   . PHE A 1 84  ? 0.573   -1.987  -1.386  1.00 15.81  ? 470  PHE A CE1   1 
ATOM   746  C CE2   . PHE A 1 84  ? 2.847   -1.477  -1.787  1.00 16.63  ? 470  PHE A CE2   1 
ATOM   747  C CZ    . PHE A 1 84  ? 1.530   -1.296  -2.057  1.00 14.77  ? 470  PHE A CZ    1 
ATOM   748  N N     . HIS A 1 85  ? 1.506   -5.991  -1.565  1.00 11.93  ? 471  HIS A N     1 
ATOM   749  C CA    . HIS A 1 85  ? 1.709   -6.353  -2.959  1.00 12.40  ? 471  HIS A CA    1 
ATOM   750  C C     . HIS A 1 85  ? 1.137   -5.293  -3.899  1.00 15.88  ? 471  HIS A C     1 
ATOM   751  O O     . HIS A 1 85  ? -0.041  -4.955  -3.816  1.00 16.07  ? 471  HIS A O     1 
ATOM   752  C CB    . HIS A 1 85  ? 1.062   -7.696  -3.266  1.00 19.00  ? 471  HIS A CB    1 
ATOM   753  C CG    . HIS A 1 85  ? 1.199   -8.073  -4.688  1.00 24.28  ? 471  HIS A CG    1 
ATOM   754  N ND1   . HIS A 1 85  ? 2.406   -8.435  -5.238  1.00 25.23  ? 471  HIS A ND1   1 
ATOM   755  C CD2   . HIS A 1 85  ? 0.324   -7.995  -5.715  1.00 30.35  ? 471  HIS A CD2   1 
ATOM   756  C CE1   . HIS A 1 85  ? 2.251   -8.638  -6.533  1.00 26.46  ? 471  HIS A CE1   1 
ATOM   757  N NE2   . HIS A 1 85  ? 0.996   -8.381  -6.846  1.00 25.95  ? 471  HIS A NE2   1 
ATOM   758  N N     . LEU A 1 86  ? 1.972   -4.777  -4.787  1.00 12.36  ? 472  LEU A N     1 
ATOM   759  C CA    . LEU A 1 86  ? 1.611   -3.706  -5.701  1.00 12.52  ? 472  LEU A CA    1 
ATOM   760  C C     . LEU A 1 86  ? 1.548   -4.281  -7.105  1.00 13.72  ? 472  LEU A C     1 
ATOM   761  O O     . LEU A 1 86  ? 2.457   -5.008  -7.521  1.00 16.82  ? 472  LEU A O     1 
ATOM   762  C CB    . LEU A 1 86  ? 2.645   -2.592  -5.655  1.00 17.05  ? 472  LEU A CB    1 
ATOM   763  C CG    . LEU A 1 86  ? 2.350   -1.379  -6.534  1.00 19.45  ? 472  LEU A CG    1 
ATOM   764  C CD1   . LEU A 1 86  ? 1.220   -0.602  -6.006  1.00 22.61  ? 472  LEU A CD1   1 
ATOM   765  C CD2   . LEU A 1 86  ? 3.605   -0.532  -6.600  1.00 28.60  ? 472  LEU A CD2   1 
ATOM   766  N N     . GLN A 1 87  ? 0.473   -3.934  -7.804  1.00 13.34  ? 473  GLN A N     1 
ATOM   767  C CA    A GLN A 1 87  ? 0.290   -4.434  -9.185  0.50 15.34  ? 473  GLN A CA    1 
ATOM   768  C CA    B GLN A 1 87  ? 0.326   -4.507  -9.251  0.50 15.42  ? 473  GLN A CA    1 
ATOM   769  C C     . GLN A 1 87  ? -0.188  -3.323  -10.211 1.00 14.74  ? 473  GLN A C     1 
ATOM   770  O O     . GLN A 1 87  ? -1.175  -2.596  -9.952  1.00 15.66  ? 473  GLN A O     1 
ATOM   771  C CB    A GLN A 1 87  ? -0.834  -5.469  -9.157  0.50 21.43  ? 473  GLN A CB    1 
ATOM   772  C CB    B GLN A 1 87  ? -0.765  -5.546  -9.235  0.50 21.62  ? 473  GLN A CB    1 
ATOM   773  C CG    A GLN A 1 87  ? -1.156  -6.104  -10.484 0.50 32.99  ? 473  GLN A CG    1 
ATOM   774  C CG    B GLN A 1 87  ? -0.988  -6.243  -10.569 0.50 33.75  ? 473  GLN A CG    1 
ATOM   775  C CD    A GLN A 1 87  ? -0.115  -7.128  -10.891 0.50 32.00  ? 473  GLN A CD    1 
ATOM   776  C CD    B GLN A 1 87  ? -0.706  -7.729  -10.504 0.50 42.66  ? 473  GLN A CD    1 
ATOM   777  O OE1   A GLN A 1 87  ? 0.532   -7.003  -11.937 0.50 35.91  ? 473  GLN A OE1   1 
ATOM   778  O OE1   B GLN A 1 87  ? -1.571  -8.546  -10.810 0.50 40.51  ? 473  GLN A OE1   1 
ATOM   779  N NE2   A GLN A 1 87  ? 0.073   -8.140  -10.045 0.50 46.54  ? 473  GLN A NE2   1 
ATOM   780  N NE2   B GLN A 1 87  ? 0.504   -8.089  -10.100 0.50 45.53  ? 473  GLN A NE2   1 
ATOM   781  N N     . PRO A 1 88  ? 0.661   -2.991  -11.170 1.00 15.65  ? 474  PRO A N     1 
ATOM   782  C CA    . PRO A 1 88  ? 0.159   -2.046  -12.171 1.00 13.43  ? 474  PRO A CA    1 
ATOM   783  C C     . PRO A 1 88  ? -0.954  -2.670  -12.980 1.00 16.51  ? 474  PRO A C     1 
ATOM   784  O O     . PRO A 1 88  ? -0.970  -3.886  -13.228 1.00 19.58  ? 474  PRO A O     1 
ATOM   785  C CB    . PRO A 1 88  ? 1.366   -1.763  -13.069 1.00 16.48  ? 474  PRO A CB    1 
ATOM   786  C CG    . PRO A 1 88  ? 2.276   -2.870  -12.835 1.00 26.03  ? 474  PRO A CG    1 
ATOM   787  C CD    . PRO A 1 88  ? 1.973   -3.539  -11.541 1.00 21.34  ? 474  PRO A CD    1 
ATOM   788  N N     . MET A 1 89  ? -1.872  -1.806  -13.412 1.00 13.56  ? 475  MET A N     1 
ATOM   789  C CA    A MET A 1 89  ? -2.997  -2.177  -14.277 0.60 12.95  ? 475  MET A CA    1 
ATOM   790  C CA    B MET A 1 89  ? -2.960  -2.195  -14.291 0.40 13.13  ? 475  MET A CA    1 
ATOM   791  C C     . MET A 1 89  ? -2.975  -1.326  -15.540 1.00 15.39  ? 475  MET A C     1 
ATOM   792  O O     . MET A 1 89  ? -3.030  -0.097  -15.453 1.00 15.78  ? 475  MET A O     1 
ATOM   793  C CB    A MET A 1 89  ? -4.341  -1.974  -13.577 0.60 15.80  ? 475  MET A CB    1 
ATOM   794  C CB    B MET A 1 89  ? -4.269  -2.130  -13.569 0.40 15.47  ? 475  MET A CB    1 
ATOM   795  C CG    A MET A 1 89  ? -4.554  -2.676  -12.235 0.60 17.03  ? 475  MET A CG    1 
ATOM   796  C CG    B MET A 1 89  ? -4.295  -3.258  -12.591 0.40 21.93  ? 475  MET A CG    1 
ATOM   797  S SD    A MET A 1 89  ? -4.880  -4.444  -12.382 0.60 25.30  ? 475  MET A SD    1 
ATOM   798  S SD    B MET A 1 89  ? -5.757  -3.179  -11.631 0.40 19.97  ? 475  MET A SD    1 
ATOM   799  C CE    A MET A 1 89  ? -6.557  -4.390  -12.996 0.60 17.74  ? 475  MET A CE    1 
ATOM   800  C CE    B MET A 1 89  ? -6.994  -3.469  -12.914 0.40 25.02  ? 475  MET A CE    1 
ATOM   801  N N     . ARG A 1 90  ? -2.962  -1.964  -16.704 1.00 17.03  ? 476  ARG A N     1 
ATOM   802  C CA    . ARG A 1 90  ? -2.898  -1.220  -17.951 1.00 16.85  ? 476  ARG A CA    1 
ATOM   803  C C     . ARG A 1 90  ? -4.188  -1.361  -18.729 1.00 25.33  ? 476  ARG A C     1 
ATOM   804  O O     . ARG A 1 90  ? -4.864  -2.384  -18.635 1.00 18.95  ? 476  ARG A O     1 
ATOM   805  C CB    . ARG A 1 90  ? -1.768  -1.730  -18.834 1.00 15.87  ? 476  ARG A CB    1 
ATOM   806  C CG    . ARG A 1 90  ? -0.418  -1.523  -18.229 1.00 17.65  ? 476  ARG A CG    1 
ATOM   807  C CD    . ARG A 1 90  ? 0.743   -1.928  -19.151 1.00 24.94  ? 476  ARG A CD    1 
ATOM   808  N NE    . ARG A 1 90  ? 1.971   -1.622  -18.432 1.00 25.86  ? 476  ARG A NE    1 
ATOM   809  C CZ    . ARG A 1 90  ? 2.456   -0.396  -18.283 1.00 29.40  ? 476  ARG A CZ    1 
ATOM   810  N NH1   . ARG A 1 90  ? 2.074   0.605   -19.067 1.00 22.43  ? 476  ARG A NH1   1 
ATOM   811  N NH2   . ARG A 1 90  ? 3.325   -0.157  -17.306 1.00 28.23  ? 476  ARG A NH2   1 
ATOM   812  N N     . ASP A 1 91  ? -4.495  -0.347  -19.534 1.00 17.65  ? 477  ASP A N     1 
ATOM   813  C CA    . ASP A 1 91  ? -5.673  -0.414  -20.391 1.00 21.60  ? 477  ASP A CA    1 
ATOM   814  C C     . ASP A 1 91  ? -5.387  -1.245  -21.644 1.00 20.87  ? 477  ASP A C     1 
ATOM   815  O O     . ASP A 1 91  ? -4.324  -1.861  -21.806 1.00 20.91  ? 477  ASP A O     1 
ATOM   816  C CB    . ASP A 1 91  ? -6.181  0.979   -20.736 1.00 22.32  ? 477  ASP A CB    1 
ATOM   817  C CG    . ASP A 1 91  ? -5.218  1.799   -21.600 1.00 22.05  ? 477  ASP A CG    1 
ATOM   818  O OD1   . ASP A 1 91  ? -4.346  1.239   -22.297 1.00 18.62  ? 477  ASP A OD1   1 
ATOM   819  O OD2   . ASP A 1 91  ? -5.346  3.034   -21.531 1.00 24.07  ? 477  ASP A OD2   1 
ATOM   820  N N     . GLN A 1 92  ? -6.370  -1.261  -22.551 1.00 28.77  ? 478  GLN A N     1 
ATOM   821  C CA    . GLN A 1 92  ? -6.311  -2.120  -23.722 1.00 32.85  ? 478  GLN A CA    1 
ATOM   822  C C     . GLN A 1 92  ? -5.207  -1.693  -24.676 1.00 27.95  ? 478  GLN A C     1 
ATOM   823  O O     . GLN A 1 92  ? -4.713  -2.509  -25.463 1.00 33.47  ? 478  GLN A O     1 
ATOM   824  C CB    . GLN A 1 92  ? -7.648  -2.072  -24.461 1.00 45.72  ? 478  GLN A CB    1 
ATOM   825  C CG    . GLN A 1 92  ? -8.766  -2.878  -23.817 1.00 94.23  ? 478  GLN A CG    1 
ATOM   826  C CD    . GLN A 1 92  ? -9.727  -2.001  -22.998 1.00 120.98 ? 478  GLN A CD    1 
ATOM   827  O OE1   . GLN A 1 92  ? -9.297  -1.141  -22.209 1.00 81.47  ? 478  GLN A OE1   1 
ATOM   828  N NE2   . GLN A 1 92  ? -11.033 -2.220  -23.179 1.00 114.25 ? 478  GLN A NE2   1 
ATOM   829  N N     . LYS A 1 93  ? -4.846  -0.415  -24.636 1.00 24.45  ? 479  LYS A N     1 
ATOM   830  C CA    . LYS A 1 93  ? -3.788  0.157   -25.448 1.00 24.68  ? 479  LYS A CA    1 
ATOM   831  C C     . LYS A 1 93  ? -2.418  0.010   -24.808 1.00 23.32  ? 479  LYS A C     1 
ATOM   832  O O     . LYS A 1 93  ? -1.432  0.502   -25.364 1.00 26.99  ? 479  LYS A O     1 
ATOM   833  C CB    . LYS A 1 93  ? -4.096  1.629   -25.689 1.00 22.53  ? 479  LYS A CB    1 
ATOM   834  C CG    . LYS A 1 93  ? -5.264  1.875   -26.649 1.00 41.78  ? 479  LYS A CG    1 
ATOM   835  C CD    . LYS A 1 93  ? -5.885  3.271   -26.459 1.00 51.04  ? 479  LYS A CD    1 
ATOM   836  C CE    . LYS A 1 93  ? -7.094  3.555   -27.399 1.00 72.48  ? 479  LYS A CE    1 
ATOM   837  N NZ    . LYS A 1 93  ? -7.345  2.493   -28.445 1.00 59.79  ? 479  LYS A NZ    1 
ATOM   838  N N     . GLY A 1 94  ? -2.322  -0.645  -23.657 1.00 21.03  ? 480  GLY A N     1 
ATOM   839  C CA    . GLY A 1 94  ? -1.034  -0.806  -23.025 1.00 15.51  ? 480  GLY A CA    1 
ATOM   840  C C     . GLY A 1 94  ? -0.589  0.359   -22.162 1.00 15.38  ? 480  GLY A C     1 
ATOM   841  O O     . GLY A 1 94  ? 0.560   0.371   -21.711 1.00 19.31  ? 480  GLY A O     1 
ATOM   842  N N     . GLU A 1 95  ? -1.455  1.319   -21.902 1.00 14.75  ? 481  GLU A N     1 
ATOM   843  C CA    . GLU A 1 95  ? -1.102  2.497   -21.125 1.00 12.81  ? 481  GLU A CA    1 
ATOM   844  C C     . GLU A 1 95  ? -1.482  2.272   -19.668 1.00 15.64  ? 481  GLU A C     1 
ATOM   845  O O     . GLU A 1 95  ? -2.541  1.709   -19.375 1.00 16.44  ? 481  GLU A O     1 
ATOM   846  C CB    . GLU A 1 95  ? -1.839  3.701   -21.682 1.00 11.16  ? 481  GLU A CB    1 
ATOM   847  C CG    . GLU A 1 95  ? -1.546  4.023   -23.170 1.00 17.08  ? 481  GLU A CG    1 
ATOM   848  C CD    . GLU A 1 95  ? -0.219  4.722   -23.500 1.00 23.60  ? 481  GLU A CD    1 
ATOM   849  O OE1   . GLU A 1 95  ? 0.287   5.508   -22.682 1.00 18.23  ? 481  GLU A OE1   1 
ATOM   850  O OE2   . GLU A 1 95  ? 0.292   4.548   -24.649 1.00 21.95  ? 481  GLU A OE2   1 
ATOM   851  N N     . LEU A 1 96  ? -0.612  2.681   -18.751 1.00 12.19  ? 482  LEU A N     1 
ATOM   852  C CA    . LEU A 1 96  ? -0.932  2.544   -17.339 1.00 11.74  ? 482  LEU A CA    1 
ATOM   853  C C     . LEU A 1 96  ? -2.229  3.271   -16.986 1.00 14.60  ? 482  LEU A C     1 
ATOM   854  O O     . LEU A 1 96  ? -2.457  4.411   -17.402 1.00 14.14  ? 482  LEU A O     1 
ATOM   855  C CB    . LEU A 1 96  ? 0.225   3.090   -16.501 1.00 14.65  ? 482  LEU A CB    1 
ATOM   856  C CG    . LEU A 1 96  ? 0.076   2.924   -14.981 1.00 14.70  ? 482  LEU A CG    1 
ATOM   857  C CD1   . LEU A 1 96  ? 0.204   1.472   -14.566 1.00 19.36  ? 482  LEU A CD1   1 
ATOM   858  C CD2   . LEU A 1 96  ? 1.056   3.857   -14.262 1.00 15.93  ? 482  LEU A CD2   1 
ATOM   859  N N     . GLN A 1 97  ? -3.114  2.578   -16.248 1.00 13.31  ? 483  GLN A N     1 
ATOM   860  C CA    . GLN A 1 97  ? -4.427  3.109   -15.889 1.00 13.38  ? 483  GLN A CA    1 
ATOM   861  C C     . GLN A 1 97  ? -4.604  3.248   -14.383 1.00 16.84  ? 483  GLN A C     1 
ATOM   862  O O     . GLN A 1 97  ? -5.029  4.308   -13.908 1.00 15.03  ? 483  GLN A O     1 
ATOM   863  C CB    . GLN A 1 97  ? -5.538  2.219   -16.476 1.00 16.58  ? 483  GLN A CB    1 
ATOM   864  C CG    . GLN A 1 97  ? -6.950  2.731   -16.313 1.00 27.18  ? 483  GLN A CG    1 
ATOM   865  C CD    . GLN A 1 97  ? -7.954  1.908   -17.117 1.00 21.77  ? 483  GLN A CD    1 
ATOM   866  O OE1   . GLN A 1 97  ? -7.759  0.707   -17.342 1.00 26.29  ? 483  GLN A OE1   1 
ATOM   867  N NE2   . GLN A 1 97  ? -9.036  2.537   -17.508 1.00 37.94  ? 483  GLN A NE2   1 
ATOM   868  N N     . TYR A 1 98  ? -4.252  2.217   -13.619 1.00 12.36  ? 484  TYR A N     1 
ATOM   869  C CA    . TYR A 1 98  ? -4.437  2.193   -12.175 1.00 13.84  ? 484  TYR A CA    1 
ATOM   870  C C     . TYR A 1 98  ? -3.270  1.455   -11.563 1.00 13.03  ? 484  TYR A C     1 
ATOM   871  O O     . TYR A 1 98  ? -2.568  0.696   -12.234 1.00 12.66  ? 484  TYR A O     1 
ATOM   872  C CB    . TYR A 1 98  ? -5.681  1.419   -11.755 1.00 13.27  ? 484  TYR A CB    1 
ATOM   873  C CG    . TYR A 1 98  ? -6.936  1.914   -12.312 1.00 18.70  ? 484  TYR A CG    1 
ATOM   874  C CD1   . TYR A 1 98  ? -7.388  3.177   -12.036 1.00 22.36  ? 484  TYR A CD1   1 
ATOM   875  C CD2   . TYR A 1 98  ? -7.661  1.113   -13.173 1.00 29.67  ? 484  TYR A CD2   1 
ATOM   876  C CE1   . TYR A 1 98  ? -8.561  3.623   -12.564 1.00 24.74  ? 484  TYR A CE1   1 
ATOM   877  C CE2   . TYR A 1 98  ? -8.833  1.547   -13.721 1.00 22.11  ? 484  TYR A CE2   1 
ATOM   878  C CZ    . TYR A 1 98  ? -9.276  2.796   -13.423 1.00 21.46  ? 484  TYR A CZ    1 
ATOM   879  O OH    . TYR A 1 98  ? -10.451 3.221   -14.000 1.00 40.28  ? 484  TYR A OH    1 
ATOM   880  N N     . PHE A 1 99  ? -3.116  1.601   -10.255 1.00 13.33  ? 485  PHE A N     1 
ATOM   881  C CA    . PHE A 1 99  ? -2.372  0.649   -9.455  1.00 11.57  ? 485  PHE A CA    1 
ATOM   882  C C     . PHE A 1 99  ? -3.353  0.038   -8.466  1.00 11.91  ? 485  PHE A C     1 
ATOM   883  O O     . PHE A 1 99  ? -4.247  0.739   -7.968  1.00 13.67  ? 485  PHE A O     1 
ATOM   884  C CB    . PHE A 1 99  ? -1.247  1.300   -8.684  1.00 13.16  ? 485  PHE A CB    1 
ATOM   885  C CG    . PHE A 1 99  ? -0.012  1.650   -9.487  1.00 10.52  ? 485  PHE A CG    1 
ATOM   886  C CD1   . PHE A 1 99  ? 0.948   0.701   -9.791  1.00 12.11  ? 485  PHE A CD1   1 
ATOM   887  C CD2   . PHE A 1 99  ? 0.234   2.962   -9.839  1.00 14.18  ? 485  PHE A CD2   1 
ATOM   888  C CE1   . PHE A 1 99  ? 2.122   1.081   -10.459 1.00 14.50  ? 485  PHE A CE1   1 
ATOM   889  C CE2   . PHE A 1 99  ? 1.393   3.322   -10.486 1.00 15.20  ? 485  PHE A CE2   1 
ATOM   890  C CZ    . PHE A 1 99  ? 2.327   2.401   -10.800 1.00 18.30  ? 485  PHE A CZ    1 
ATOM   891  N N     . ILE A 1 100 ? -3.180  -1.260  -8.167  1.00 11.11  ? 486  ILE A N     1 
ATOM   892  C CA    . ILE A 1 100 ? -3.898  -1.917  -7.078  1.00 11.61  ? 486  ILE A CA    1 
ATOM   893  C C     . ILE A 1 100 ? -2.861  -2.353  -6.046  1.00 11.23  ? 486  ILE A C     1 
ATOM   894  O O     . ILE A 1 100 ? -1.769  -2.809  -6.401  1.00 14.63  ? 486  ILE A O     1 
ATOM   895  C CB    . ILE A 1 100 ? -4.786  -3.097  -7.548  1.00 15.60  ? 486  ILE A CB    1 
ATOM   896  C CG1   . ILE A 1 100 ? -5.562  -3.637  -6.334  1.00 20.48  ? 486  ILE A CG1   1 
ATOM   897  C CG2   . ILE A 1 100 ? -4.013  -4.109  -8.177  1.00 19.53  ? 486  ILE A CG2   1 
ATOM   898  C CD1   . ILE A 1 100 ? -6.620  -4.638  -6.663  1.00 27.17  ? 486  ILE A CD1   1 
ATOM   899  N N     . GLY A 1 101 ? -3.169  -2.126  -4.774  1.00 11.38  ? 487  GLY A N     1 
ATOM   900  C CA    . GLY A 1 101 ? -2.296  -2.569  -3.712  1.00 10.63  ? 487  GLY A CA    1 
ATOM   901  C C     . GLY A 1 101 ? -3.108  -3.453  -2.804  1.00 14.89  ? 487  GLY A C     1 
ATOM   902  O O     . GLY A 1 101 ? -4.230  -3.098  -2.459  1.00 15.11  ? 487  GLY A O     1 
ATOM   903  N N     . VAL A 1 102 ? -2.569  -4.609  -2.427  1.00 12.46  ? 488  VAL A N     1 
ATOM   904  C CA    . VAL A 1 102 ? -3.260  -5.560  -1.572  1.00 12.20  ? 488  VAL A CA    1 
ATOM   905  C C     . VAL A 1 102 ? -2.445  -5.752  -0.313  1.00 13.08  ? 488  VAL A C     1 
ATOM   906  O O     . VAL A 1 102 ? -1.234  -5.980  -0.385  1.00 15.25  ? 488  VAL A O     1 
ATOM   907  C CB    . VAL A 1 102 ? -3.474  -6.907  -2.281  1.00 15.73  ? 488  VAL A CB    1 
ATOM   908  C CG1   . VAL A 1 102 ? -4.174  -7.912  -1.358  1.00 18.85  ? 488  VAL A CG1   1 
ATOM   909  C CG2   . VAL A 1 102 ? -4.234  -6.661  -3.578  1.00 18.48  ? 488  VAL A CG2   1 
ATOM   910  N N     . GLN A 1 103 ? -3.110  -5.712  0.831   1.00 14.35  ? 489  GLN A N     1 
ATOM   911  C CA    . GLN A 1 103 ? -2.441  -5.775  2.110   1.00 13.72  ? 489  GLN A CA    1 
ATOM   912  C C     . GLN A 1 103 ? -2.823  -7.053  2.834   1.00 16.97  ? 489  GLN A C     1 
ATOM   913  O O     . GLN A 1 103 ? -4.010  -7.377  2.942   1.00 17.63  ? 489  GLN A O     1 
ATOM   914  C CB    . GLN A 1 103 ? -2.793  -4.565  2.974   1.00 16.11  ? 489  GLN A CB    1 
ATOM   915  C CG    . GLN A 1 103 ? -2.415  -3.169  2.398   1.00 15.68  ? 489  GLN A CG    1 
ATOM   916  C CD    . GLN A 1 103 ? -3.386  -2.669  1.349   1.00 18.23  ? 489  GLN A CD    1 
ATOM   917  O OE1   . GLN A 1 103 ? -4.534  -3.108  1.302   1.00 16.29  ? 489  GLN A OE1   1 
ATOM   918  N NE2   . GLN A 1 103 ? -2.954  -1.693  0.547   1.00 16.83  ? 489  GLN A NE2   1 
ATOM   919  N N     . LEU A 1 104 ? -1.820  -7.764  3.337   1.00 13.20  ? 490  LEU A N     1 
ATOM   920  C CA    . LEU A 1 104 ? -2.017  -8.909  4.221   1.00 16.18  ? 490  LEU A CA    1 
ATOM   921  C C     . LEU A 1 104 ? -1.359  -8.586  5.555   1.00 17.23  ? 490  LEU A C     1 
ATOM   922  O O     . LEU A 1 104 ? -0.153  -8.315  5.601   1.00 17.94  ? 490  LEU A O     1 
ATOM   923  C CB    . LEU A 1 104 ? -1.425  -10.191 3.637   1.00 15.28  ? 490  LEU A CB    1 
ATOM   924  C CG    . LEU A 1 104 ? -2.034  -10.862 2.409   1.00 25.79  ? 490  LEU A CG    1 
ATOM   925  C CD1   . LEU A 1 104 ? -1.216  -12.070 1.959   1.00 26.71  ? 490  LEU A CD1   1 
ATOM   926  C CD2   . LEU A 1 104 ? -3.431  -11.327 2.729   1.00 28.04  ? 490  LEU A CD2   1 
ATOM   927  N N     . ASP A 1 105 ? -2.136  -8.661  6.634   1.00 18.30  ? 491  ASP A N     1 
ATOM   928  C CA    A ASP A 1 105 ? -1.659  -8.293  7.957   0.70 19.77  ? 491  ASP A CA    1 
ATOM   929  C CA    B ASP A 1 105 ? -1.676  -8.294  7.972   0.30 19.79  ? 491  ASP A CA    1 
ATOM   930  C C     . ASP A 1 105 ? -1.052  -9.512  8.639   1.00 20.82  ? 491  ASP A C     1 
ATOM   931  O O     . ASP A 1 105 ? -1.715  -10.540 8.831   1.00 21.55  ? 491  ASP A O     1 
ATOM   932  C CB    A ASP A 1 105 ? -2.809  -7.668  8.747   0.70 28.15  ? 491  ASP A CB    1 
ATOM   933  C CB    B ASP A 1 105 ? -2.862  -7.785  8.803   0.30 27.73  ? 491  ASP A CB    1 
ATOM   934  C CG    A ASP A 1 105 ? -4.067  -8.503  8.739   0.70 25.75  ? 491  ASP A CG    1 
ATOM   935  C CG    B ASP A 1 105 ? -2.495  -7.445  10.250  0.30 23.53  ? 491  ASP A CG    1 
ATOM   936  O OD1   A ASP A 1 105 ? -4.476  -9.035  7.663   0.70 32.35  ? 491  ASP A OD1   1 
ATOM   937  O OD1   B ASP A 1 105 ? -1.332  -7.634  10.645  0.30 18.60  ? 491  ASP A OD1   1 
ATOM   938  O OD2   A ASP A 1 105 ? -4.681  -8.548  9.827   0.70 42.09  ? 491  ASP A OD2   1 
ATOM   939  O OD2   B ASP A 1 105 ? -3.375  -6.950  10.985  0.30 33.02  ? 491  ASP A OD2   1 
ATOM   940  N N     . GLY A 1 106 ? 0.229   -9.400  8.963   1.00 19.98  ? 492  GLY A N     1 
ATOM   941  C CA    . GLY A 1 106 ? 0.923   -10.427 9.698   1.00 21.00  ? 492  GLY A CA    1 
ATOM   942  C C     . GLY A 1 106 ? 2.425   -10.345 9.551   1.00 19.84  ? 492  GLY A C     1 
ATOM   943  O O     . GLY A 1 106 ? 2.958   -9.922  8.521   1.00 16.94  ? 492  GLY A O     1 
ATOM   944  N N     . GLU A 1 107 ? 3.120   -10.774 10.599  1.00 17.72  ? 493  GLU A N     1 
ATOM   945  C CA    . GLU A 1 107 ? 4.570   -10.861 10.556  1.00 16.98  ? 493  GLU A CA    1 
ATOM   946  C C     . GLU A 1 107 ? 4.956   -12.188 9.894   1.00 20.33  ? 493  GLU A C     1 
ATOM   947  O O     . GLU A 1 107 ? 5.386   -13.151 10.534  1.00 23.05  ? 493  GLU A O     1 
ATOM   948  C CB    . GLU A 1 107 ? 5.172   -10.738 11.949  1.00 19.36  ? 493  GLU A CB    1 
ATOM   949  C CG    . GLU A 1 107 ? 6.697   -10.587 11.839  1.00 20.47  ? 493  GLU A CG    1 
ATOM   950  C CD    . GLU A 1 107 ? 7.433   -10.523 13.188  1.00 34.66  ? 493  GLU A CD    1 
ATOM   951  O OE1   . GLU A 1 107 ? 6.754   -10.551 14.236  1.00 32.53  ? 493  GLU A OE1   1 
ATOM   952  O OE2   . GLU A 1 107 ? 8.695   -10.463 13.189  1.00 30.09  ? 493  GLU A OE2   1 
ATOM   953  N N     . PHE A 1 108 ? 4.772   -12.253 8.573   1.00 18.92  ? 494  PHE A N     1 
ATOM   954  C CA    . PHE A 1 108 ? 5.013   -13.505 7.857   1.00 18.97  ? 494  PHE A CA    1 
ATOM   955  C C     . PHE A 1 108 ? 6.488   -13.848 7.826   1.00 28.79  ? 494  PHE A C     1 
ATOM   956  O O     . PHE A 1 108 ? 6.853   -14.997 8.049   1.00 25.83  ? 494  PHE A O     1 
ATOM   957  C CB    . PHE A 1 108 ? 4.434   -13.435 6.440   1.00 20.19  ? 494  PHE A CB    1 
ATOM   958  C CG    . PHE A 1 108 ? 2.943   -13.219 6.400   1.00 17.90  ? 494  PHE A CG    1 
ATOM   959  C CD1   . PHE A 1 108 ? 2.072   -14.282 6.546   1.00 20.09  ? 494  PHE A CD1   1 
ATOM   960  C CD2   . PHE A 1 108 ? 2.417   -11.954 6.219   1.00 17.46  ? 494  PHE A CD2   1 
ATOM   961  C CE1   . PHE A 1 108 ? 0.706   -14.083 6.509   1.00 20.87  ? 494  PHE A CE1   1 
ATOM   962  C CE2   . PHE A 1 108 ? 1.054   -11.749 6.187   1.00 20.76  ? 494  PHE A CE2   1 
ATOM   963  C CZ    . PHE A 1 108 ? 0.196   -12.815 6.331   1.00 20.99  ? 494  PHE A CZ    1 
ATOM   964  N N     . ILE A 1 109 ? 7.324   -12.855 7.566   1.00 23.20  ? 495  ILE A N     1 
ATOM   965  C CA    . ILE A 1 109 ? 8.763   -13.056 7.567   1.00 26.23  ? 495  ILE A CA    1 
ATOM   966  C C     . ILE A 1 109 ? 9.275   -12.544 8.909   1.00 23.58  ? 495  ILE A C     1 
ATOM   967  O O     . ILE A 1 109 ? 9.020   -11.406 9.263   1.00 22.25  ? 495  ILE A O     1 
ATOM   968  C CB    . ILE A 1 109 ? 9.471   -12.290 6.435   1.00 26.31  ? 495  ILE A CB    1 
ATOM   969  C CG1   . ILE A 1 109 ? 8.884   -12.652 5.058   1.00 35.22  ? 495  ILE A CG1   1 
ATOM   970  C CG2   . ILE A 1 109 ? 10.987  -12.505 6.498   1.00 30.53  ? 495  ILE A CG2   1 
ATOM   971  C CD1   . ILE A 1 109 ? 8.770   -14.131 4.752   1.00 40.60  ? 495  ILE A CD1   1 
ATOM   972  N N     . PRO A 1 110 ? 9.989   -13.394 9.661   1.00 22.30  ? 496  PRO A N     1 
ATOM   973  C CA    . PRO A 1 110 ? 10.422  -12.933 10.974  1.00 24.69  ? 496  PRO A CA    1 
ATOM   974  C C     . PRO A 1 110 ? 11.273  -11.691 10.862  1.00 29.33  ? 496  PRO A C     1 
ATOM   975  O O     . PRO A 1 110 ? 12.105  -11.628 9.985   1.00 25.15  ? 496  PRO A O     1 
ATOM   976  C CB    . PRO A 1 110 ? 11.286  -14.084 11.495  1.00 31.36  ? 496  PRO A CB    1 
ATOM   977  C CG    . PRO A 1 110 ? 10.808  -15.278 10.773  1.00 39.56  ? 496  PRO A CG    1 
ATOM   978  C CD    . PRO A 1 110 ? 10.410  -14.788 9.417   1.00 39.41  ? 496  PRO A CD    1 
ATOM   979  N N     . ASN A 1 111 ? 11.070  -10.728 11.754  1.00 30.58  ? 497  ASN A N     1 
ATOM   980  C CA    . ASN A 1 111 ? 11.811  -9.481  11.647  1.00 27.00  ? 497  ASN A CA    1 
ATOM   981  C C     . ASN A 1 111 ? 13.327  -9.670  11.709  1.00 24.92  ? 497  ASN A C     1 
ATOM   982  O O     . ASN A 1 111 ? 14.031  -8.946  10.981  1.00 31.81  ? 497  ASN A O     1 
ATOM   983  C CB    . ASN A 1 111 ? 11.342  -8.496  12.725  1.00 39.38  ? 497  ASN A CB    1 
ATOM   984  C CG    . ASN A 1 111 ? 12.109  -7.177  12.677  1.00 66.85  ? 497  ASN A CG    1 
ATOM   985  O OD1   . ASN A 1 111 ? 12.083  -6.461  11.669  1.00 51.13  ? 497  ASN A OD1   1 
ATOM   986  N ND2   . ASN A 1 111 ? 12.807  -6.862  13.760  1.00 59.96  ? 497  ASN A ND2   1 
ATOM   987  N N     . PRO A 1 112 ? 13.892  -10.595 12.508  1.00 29.27  ? 498  PRO A N     1 
ATOM   988  C CA    . PRO A 1 112 ? 15.360  -10.785 12.445  1.00 38.30  ? 498  PRO A CA    1 
ATOM   989  C C     . PRO A 1 112 ? 15.870  -11.121 11.051  1.00 31.47  ? 498  PRO A C     1 
ATOM   990  O O     . PRO A 1 112 ? 16.951  -10.661 10.664  1.00 45.67  ? 498  PRO A O     1 
ATOM   991  C CB    . PRO A 1 112 ? 15.643  -11.929 13.435  1.00 35.66  ? 498  PRO A CB    1 
ATOM   992  C CG    . PRO A 1 112 ? 14.344  -12.345 14.027  1.00 40.98  ? 498  PRO A CG    1 
ATOM   993  C CD    . PRO A 1 112 ? 13.245  -11.433 13.538  1.00 35.58  ? 498  PRO A CD    1 
ATOM   994  N N     . LEU A 1 113 ? 15.111  -11.916 10.286  1.00 37.06  ? 499  LEU A N     1 
ATOM   995  C CA    . LEU A 1 113 ? 15.514  -12.311 8.938   1.00 36.38  ? 499  LEU A CA    1 
ATOM   996  C C     . LEU A 1 113 ? 15.240  -11.192 7.937   1.00 45.58  ? 499  LEU A C     1 
ATOM   997  O O     . LEU A 1 113 ? 16.013  -10.981 6.993   1.00 40.47  ? 499  LEU A O     1 
ATOM   998  C CB    . LEU A 1 113 ? 14.775  -13.591 8.546   1.00 44.55  ? 499  LEU A CB    1 
ATOM   999  C CG    . LEU A 1 113 ? 15.140  -14.825 9.381   1.00 47.61  ? 499  LEU A CG    1 
ATOM   1000 C CD1   . LEU A 1 113 ? 14.389  -16.064 8.878   1.00 51.14  ? 499  LEU A CD1   1 
ATOM   1001 C CD2   . LEU A 1 113 ? 16.656  -15.033 9.406   1.00 41.10  ? 499  LEU A CD2   1 
ATOM   1002 N N     . LEU A 1 114 ? 14.140  -10.466 8.137   1.00 41.75  ? 500  LEU A N     1 
ATOM   1003 C CA    . LEU A 1 114 ? 13.862  -9.294  7.319   1.00 38.86  ? 500  LEU A CA    1 
ATOM   1004 C C     . LEU A 1 114 ? 14.985  -8.273  7.443   1.00 45.21  ? 500  LEU A C     1 
ATOM   1005 O O     . LEU A 1 114 ? 15.368  -7.637  6.454   1.00 42.17  ? 500  LEU A O     1 
ATOM   1006 C CB    . LEU A 1 114 ? 12.530  -8.679  7.747   1.00 45.02  ? 500  LEU A CB    1 
ATOM   1007 C CG    . LEU A 1 114 ? 11.751  -7.806  6.766   1.00 40.46  ? 500  LEU A CG    1 
ATOM   1008 C CD1   . LEU A 1 114 ? 11.385  -8.610  5.512   1.00 33.27  ? 500  LEU A CD1   1 
ATOM   1009 C CD2   . LEU A 1 114 ? 10.540  -7.227  7.450   1.00 36.60  ? 500  LEU A CD2   1 
ATOM   1010 N N     . GLY A 1 115 ? 15.531  -8.112  8.654   1.00 44.14  ? 501  GLY A N     1 
ATOM   1011 C CA    . GLY A 1 115 ? 16.638  -7.197  8.883   1.00 44.46  ? 501  GLY A CA    1 
ATOM   1012 C C     . GLY A 1 115 ? 17.864  -7.491  8.043   1.00 65.35  ? 501  GLY A C     1 
ATOM   1013 O O     . GLY A 1 115 ? 18.682  -6.592  7.820   1.00 56.52  ? 501  GLY A O     1 
ATOM   1014 N N     . LEU A 1 116 ? 18.007  -8.732  7.574   1.00 67.44  ? 502  LEU A N     1 
ATOM   1015 C CA    . LEU A 1 116 ? 19.081  -9.130  6.663   1.00 71.82  ? 502  LEU A CA    1 
ATOM   1016 C C     . LEU A 1 116 ? 18.711  -8.771  5.216   1.00 73.69  ? 502  LEU A C     1 
ATOM   1017 O O     . LEU A 1 116 ? 19.275  -7.855  4.607   1.00 86.17  ? 502  LEU A O     1 
ATOM   1018 C CB    . LEU A 1 116 ? 19.339  -10.636 6.769   1.00 49.04  ? 502  LEU A CB    1 
ATOM   1019 C CG    . LEU A 1 116 ? 19.605  -11.231 8.151   1.00 36.16  ? 502  LEU A CG    1 
ATOM   1020 C CD1   . LEU A 1 116 ? 19.454  -12.772 8.139   1.00 43.44  ? 502  LEU A CD1   1 
ATOM   1021 C CD2   . LEU A 1 116 ? 20.988  -10.818 8.624   1.00 46.26  ? 502  LEU A CD2   1 
HETATM 1022 N N1    . FMN B 2 .   ? 2.492   2.077   1.269   1.00 12.38  ? 1001 FMN A N1    1 
HETATM 1023 C C2    . FMN B 2 .   ? 2.321   1.493   2.463   1.00 19.13  ? 1001 FMN A C2    1 
HETATM 1024 O O2    . FMN B 2 .   ? 3.123   1.665   3.368   1.00 15.08  ? 1001 FMN A O2    1 
HETATM 1025 N N3    . FMN B 2 .   ? 1.272   0.681   2.716   1.00 13.98  ? 1001 FMN A N3    1 
HETATM 1026 C C4    . FMN B 2 .   ? 0.298   0.433   1.788   1.00 12.31  ? 1001 FMN A C4    1 
HETATM 1027 O O4    . FMN B 2 .   ? -0.614  -0.321  2.067   1.00 13.92  ? 1001 FMN A O4    1 
HETATM 1028 C C4A   . FMN B 2 .   ? 0.434   1.033   0.528   1.00 11.99  ? 1001 FMN A C4A   1 
HETATM 1029 N N5    . FMN B 2 .   ? -0.481  0.810   -0.374  1.00 11.03  ? 1001 FMN A N5    1 
HETATM 1030 C C5A   . FMN B 2 .   ? -0.320  1.403   -1.593  1.00 12.70  ? 1001 FMN A C5A   1 
HETATM 1031 C C6    . FMN B 2 .   ? -1.291  1.162   -2.578  1.00 13.39  ? 1001 FMN A C6    1 
HETATM 1032 C C7    . FMN B 2 .   ? -1.191  1.710   -3.830  1.00 13.27  ? 1001 FMN A C7    1 
HETATM 1033 C C7M   . FMN B 2 .   ? -2.252  1.426   -4.859  1.00 15.16  ? 1001 FMN A C7M   1 
HETATM 1034 C C8    . FMN B 2 .   ? -0.088  2.539   -4.134  1.00 12.34  ? 1001 FMN A C8    1 
HETATM 1035 C C8M   . FMN B 2 .   ? 0.055   3.161   -5.496  1.00 15.48  ? 1001 FMN A C8M   1 
HETATM 1036 C C9    . FMN B 2 .   ? 0.873   2.777   -3.182  1.00 12.19  ? 1001 FMN A C9    1 
HETATM 1037 C C9A   . FMN B 2 .   ? 0.784   2.223   -1.898  1.00 11.28  ? 1001 FMN A C9A   1 
HETATM 1038 N N10   . FMN B 2 .   ? 1.729   2.457   -0.900  1.00 11.07  ? 1001 FMN A N10   1 
HETATM 1039 C C10   . FMN B 2 .   ? 1.592   1.864   0.336   1.00 11.76  ? 1001 FMN A C10   1 
HETATM 1040 C "C1'" . FMN B 2 .   ? 2.932   3.260   -1.191  1.00 12.10  ? 1001 FMN A "C1'" 1 
HETATM 1041 C "C2'" . FMN B 2 .   ? 2.821   4.747   -0.935  1.00 13.04  ? 1001 FMN A "C2'" 1 
HETATM 1042 O "O2'" . FMN B 2 .   ? 1.604   5.254   -1.434  1.00 14.92  ? 1001 FMN A "O2'" 1 
HETATM 1043 C "C3'" . FMN B 2 .   ? 3.981   5.430   -1.665  1.00 13.31  ? 1001 FMN A "C3'" 1 
HETATM 1044 O "O3'" . FMN B 2 .   ? 3.953   5.086   -3.036  1.00 17.60  ? 1001 FMN A "O3'" 1 
HETATM 1045 C "C4'" . FMN B 2 .   ? 5.349   5.052   -1.092  1.00 15.48  ? 1001 FMN A "C4'" 1 
HETATM 1046 O "O4'" . FMN B 2 .   ? 5.417   5.530   0.249   1.00 19.88  ? 1001 FMN A "O4'" 1 
HETATM 1047 C "C5'" . FMN B 2 .   ? 6.511   5.620   -1.875  1.00 17.23  ? 1001 FMN A "C5'" 1 
HETATM 1048 O "O5'" . FMN B 2 .   ? 6.211   6.948   -2.370  1.00 23.62  ? 1001 FMN A "O5'" 1 
HETATM 1049 P P     . FMN B 2 .   ? 6.697   8.236   -1.546  1.00 27.49  ? 1001 FMN A P     1 
HETATM 1050 O O1P   . FMN B 2 .   ? 6.309   9.406   -2.398  1.00 27.99  ? 1001 FMN A O1P   1 
HETATM 1051 O O2P   . FMN B 2 .   ? 5.992   8.217   -0.229  1.00 23.16  ? 1001 FMN A O2P   1 
HETATM 1052 O O3P   . FMN B 2 .   ? 8.172   8.117   -1.388  1.00 30.23  ? 1001 FMN A O3P   1 
HETATM 1053 O O1    . MES C 3 .   ? -15.249 -8.029  -5.038  0.50 42.07  ? 1002 MES A O1    1 
HETATM 1054 C C2    . MES C 3 .   ? -14.563 -9.195  -4.580  0.50 37.92  ? 1002 MES A C2    1 
HETATM 1055 C C3    . MES C 3 .   ? -14.755 -9.353  -3.081  0.50 42.20  ? 1002 MES A C3    1 
HETATM 1056 N N4    . MES C 3 .   ? -14.124 -8.213  -2.435  0.50 35.14  ? 1002 MES A N4    1 
HETATM 1057 C C5    . MES C 3 .   ? -14.085 -6.962  -3.163  0.50 34.61  ? 1002 MES A C5    1 
HETATM 1058 C C6    . MES C 3 .   ? -15.270 -6.933  -4.117  0.50 33.03  ? 1002 MES A C6    1 
HETATM 1059 C C7    . MES C 3 .   ? -14.588 -8.047  -1.056  0.50 50.88  ? 1002 MES A C7    1 
HETATM 1060 C C8    . MES C 3 .   ? -13.428 -7.538  -0.217  0.50 26.75  ? 1002 MES A C8    1 
HETATM 1061 S S     . MES C 3 .   ? -13.965 -7.188  1.323   0.50 34.23  ? 1002 MES A S     1 
HETATM 1062 O O1S   . MES C 3 .   ? -13.635 -5.783  1.560   0.50 17.69  ? 1002 MES A O1S   1 
HETATM 1063 O O2S   . MES C 3 .   ? -13.319 -8.094  2.296   0.50 22.95  ? 1002 MES A O2S   1 
HETATM 1064 O O3S   . MES C 3 .   ? -15.439 -7.291  1.440   0.50 34.05  ? 1002 MES A O3S   1 
HETATM 1065 O O     . HOH D 4 .   ? -4.903  -9.550  6.321   0.30 12.16  ? 1101 HOH A O     1 
HETATM 1066 O O     . HOH D 4 .   ? 9.941   -0.896  18.018  1.00 34.50  ? 1102 HOH A O     1 
HETATM 1067 O O     . HOH D 4 .   ? 12.034  1.197   17.118  1.00 24.47  ? 1103 HOH A O     1 
HETATM 1068 O O     . HOH D 4 .   ? 7.909   2.774   18.726  1.00 32.38  ? 1104 HOH A O     1 
HETATM 1069 O O     . HOH D 4 .   ? -9.441  6.071   -15.855 1.00 45.81  ? 1105 HOH A O     1 
HETATM 1070 O O     . HOH D 4 .   ? 5.265   -11.205 -5.146  1.00 38.31  ? 1106 HOH A O     1 
HETATM 1071 O O     . HOH D 4 .   ? 0.764   -7.640  12.097  1.00 32.30  ? 1107 HOH A O     1 
HETATM 1072 O O     . HOH D 4 .   ? 9.453   8.624   3.310   1.00 45.12  ? 1108 HOH A O     1 
HETATM 1073 O O     . HOH D 4 .   ? 16.666  1.460   6.860   1.00 43.67  ? 1109 HOH A O     1 
HETATM 1074 O O     . HOH D 4 .   ? 4.743   5.343   -12.853 1.00 27.54  ? 1110 HOH A O     1 
HETATM 1075 O O     . HOH D 4 .   ? 6.341   3.915   16.443  1.00 30.32  ? 1111 HOH A O     1 
HETATM 1076 O O     . HOH D 4 .   ? 6.751   7.979   2.322   1.00 25.84  ? 1112 HOH A O     1 
HETATM 1077 O O     . HOH D 4 .   ? -5.187  4.777   -23.560 1.00 39.96  ? 1113 HOH A O     1 
HETATM 1078 O O     . HOH D 4 .   ? 7.992   11.490  -2.494  1.00 43.61  ? 1114 HOH A O     1 
HETATM 1079 O O     . HOH D 4 .   ? 7.769   6.880   5.537   1.00 39.39  ? 1115 HOH A O     1 
HETATM 1080 O O     . HOH D 4 .   ? -4.422  -10.182 11.938  1.00 38.48  ? 1116 HOH A O     1 
HETATM 1081 O O     . HOH D 4 .   ? -2.127  5.662   9.686   1.00 20.08  ? 1117 HOH A O     1 
HETATM 1082 O O     . HOH D 4 .   ? 12.131  6.775   1.679   1.00 47.52  ? 1118 HOH A O     1 
HETATM 1083 O O     . HOH D 4 .   ? -11.006 12.681  1.560   1.00 23.58  ? 1119 HOH A O     1 
HETATM 1084 O O     . HOH D 4 .   ? -8.418  12.027  9.181   1.00 29.25  ? 1120 HOH A O     1 
HETATM 1085 O O     . HOH D 4 .   ? -14.164 3.056   -1.930  1.00 25.06  ? 1121 HOH A O     1 
HETATM 1086 O O     . HOH D 4 .   ? -7.174  -8.748  7.616   1.00 34.49  ? 1122 HOH A O     1 
HETATM 1087 O O     . HOH D 4 .   ? -7.670  -2.432  14.787  1.00 49.23  ? 1123 HOH A O     1 
HETATM 1088 O O     . HOH D 4 .   ? 10.344  -3.233  6.040   1.00 19.70  ? 1124 HOH A O     1 
HETATM 1089 O O     . HOH D 4 .   ? -1.990  -12.690 10.510  1.00 36.28  ? 1125 HOH A O     1 
HETATM 1090 O O     . HOH D 4 .   ? -6.331  -3.378  -16.530 1.00 32.02  ? 1126 HOH A O     1 
HETATM 1091 O O     . HOH D 4 .   ? 2.907   9.523   -5.875  1.00 24.97  ? 1127 HOH A O     1 
HETATM 1092 O O     . HOH D 4 .   ? 7.675   6.543   -14.229 1.00 30.71  ? 1128 HOH A O     1 
HETATM 1093 O O     . HOH D 4 .   ? 12.989  -4.103  6.808   1.00 27.92  ? 1129 HOH A O     1 
HETATM 1094 O O     . HOH D 4 .   ? 3.210   -2.834  -16.261 1.00 36.70  ? 1130 HOH A O     1 
HETATM 1095 O O     . HOH D 4 .   ? 16.070  0.241   -1.026  1.00 39.63  ? 1131 HOH A O     1 
HETATM 1096 O O     . HOH D 4 .   ? 11.915  -1.937  -6.485  1.00 26.69  ? 1132 HOH A O     1 
HETATM 1097 O O     . HOH D 4 .   ? 2.088   6.369   -4.675  1.00 42.09  ? 1133 HOH A O     1 
HETATM 1098 O O     . HOH D 4 .   ? 2.418   15.296  -2.527  1.00 45.16  ? 1134 HOH A O     1 
HETATM 1099 O O     . HOH D 4 .   ? -10.078 8.188   -12.487 1.00 41.93  ? 1135 HOH A O     1 
HETATM 1100 O O     . HOH D 4 .   ? 10.031  -5.465  -8.720  1.00 38.26  ? 1136 HOH A O     1 
HETATM 1101 O O     . HOH D 4 .   ? -0.390  9.263   9.097   1.00 49.60  ? 1137 HOH A O     1 
HETATM 1102 O O     . HOH D 4 .   ? 12.707  6.071   -7.846  1.00 48.27  ? 1138 HOH A O     1 
HETATM 1103 O O     . HOH D 4 .   ? -4.432  4.972   -19.348 1.00 30.25  ? 1139 HOH A O     1 
HETATM 1104 O O     . HOH D 4 .   ? -1.315  5.927   -3.111  1.00 17.13  ? 1140 HOH A O     1 
HETATM 1105 O O     . HOH D 4 .   ? -2.996  -4.798  -16.766 1.00 34.03  ? 1141 HOH A O     1 
HETATM 1106 O O     . HOH D 4 .   ? -4.299  -10.767 -4.864  1.00 37.62  ? 1142 HOH A O     1 
HETATM 1107 O O     . HOH D 4 .   ? -0.388  -8.762  -0.188  1.00 22.18  ? 1143 HOH A O     1 
HETATM 1108 O O     . HOH D 4 .   ? -13.274 1.882   9.500   1.00 31.58  ? 1144 HOH A O     1 
HETATM 1109 O O     . HOH D 4 .   ? 16.275  4.726   -7.085  1.00 48.71  ? 1145 HOH A O     1 
HETATM 1110 O O     . HOH D 4 .   ? -14.062 5.226   -7.646  1.00 33.91  ? 1146 HOH A O     1 
HETATM 1111 O O     . HOH D 4 .   ? 9.577   -2.019  -16.387 1.00 41.55  ? 1147 HOH A O     1 
HETATM 1112 O O     . HOH D 4 .   ? 11.663  5.686   9.631   1.00 35.22  ? 1148 HOH A O     1 
HETATM 1113 O O     . HOH D 4 .   ? 5.432   -6.402  -13.331 1.00 45.32  ? 1149 HOH A O     1 
HETATM 1114 O O     . HOH D 4 .   ? 1.809   -11.702 13.014  1.00 32.68  ? 1150 HOH A O     1 
HETATM 1115 O O     . HOH D 4 .   ? 6.973   -2.675  -16.522 1.00 42.26  ? 1151 HOH A O     1 
HETATM 1116 O O     . HOH D 4 .   ? 8.047   6.741   -8.276  1.00 30.03  ? 1152 HOH A O     1 
HETATM 1117 O O     . HOH D 4 .   ? -14.755 5.006   -4.100  1.00 29.29  ? 1153 HOH A O     1 
HETATM 1118 O O     . HOH D 4 .   ? 0.596   9.887   -9.679  1.00 36.86  ? 1154 HOH A O     1 
HETATM 1119 O O     . HOH D 4 .   ? 18.265  -8.275  11.741  1.00 47.15  ? 1155 HOH A O     1 
HETATM 1120 O O     . HOH D 4 .   ? 10.800  -1.785  10.367  1.00 31.49  ? 1156 HOH A O     1 
HETATM 1121 O O     . HOH D 4 .   ? -5.991  -9.081  1.597   1.00 23.46  ? 1157 HOH A O     1 
HETATM 1122 O O     . HOH D 4 .   ? -15.428 -3.494  -0.514  1.00 22.66  ? 1158 HOH A O     1 
HETATM 1123 O O     . HOH D 4 .   ? -9.544  -6.829  7.507   1.00 38.28  ? 1159 HOH A O     1 
HETATM 1124 O O     . HOH D 4 .   ? 10.402  -6.625  2.465   1.00 32.59  ? 1160 HOH A O     1 
HETATM 1125 O O     . HOH D 4 .   ? -16.547 4.567   5.930   1.00 26.40  ? 1161 HOH A O     1 
HETATM 1126 O O     . HOH D 4 .   ? 9.142   -1.584  8.022   1.00 16.60  ? 1162 HOH A O     1 
HETATM 1127 O O     . HOH D 4 .   ? -9.570  4.502   15.585  1.00 41.02  ? 1163 HOH A O     1 
HETATM 1128 O O     . HOH D 4 .   ? 1.536   7.396   11.366  1.00 48.21  ? 1164 HOH A O     1 
HETATM 1129 O O     . HOH D 4 .   ? 11.357  -1.039  14.320  1.00 43.58  ? 1165 HOH A O     1 
HETATM 1130 O O     . HOH D 4 .   ? -12.065 -0.961  12.548  1.00 45.82  ? 1166 HOH A O     1 
HETATM 1131 O O     . HOH D 4 .   ? 1.286   -0.718  18.562  1.00 42.17  ? 1167 HOH A O     1 
HETATM 1132 O O     . HOH D 4 .   ? 15.292  -0.165  -13.535 1.00 50.87  ? 1168 HOH A O     1 
HETATM 1133 O O     . HOH D 4 .   ? 19.575  -5.035  3.358   1.00 54.01  ? 1169 HOH A O     1 
HETATM 1134 O O     . HOH D 4 .   ? 8.767   -8.611  -5.364  1.00 33.65  ? 1170 HOH A O     1 
HETATM 1135 O O     . HOH D 4 .   ? -10.871 11.503  13.653  1.00 41.23  ? 1171 HOH A O     1 
HETATM 1136 O O     . HOH D 4 .   ? -2.884  12.354  -3.685  1.00 40.37  ? 1172 HOH A O     1 
HETATM 1137 O O     . HOH D 4 .   ? -5.743  11.489  9.215   1.00 39.80  ? 1173 HOH A O     1 
HETATM 1138 O O     . HOH D 4 .   ? -15.685 -0.911  6.656   1.00 37.02  ? 1174 HOH A O     1 
HETATM 1139 O O     . HOH D 4 .   ? 3.624   7.364   -7.014  1.00 47.74  ? 1175 HOH A O     1 
HETATM 1140 O O     . HOH D 4 .   ? 11.284  -7.892  -2.442  1.00 43.17  ? 1176 HOH A O     1 
HETATM 1141 O O     . HOH D 4 .   ? -1.076  5.231   19.896  1.00 38.04  ? 1177 HOH A O     1 
HETATM 1142 O O     . HOH D 4 .   ? 6.080   -9.678  -6.575  1.00 48.17  ? 1178 HOH A O     1 
HETATM 1143 O O     . HOH D 4 .   ? 4.132   3.836   19.204  1.00 45.26  ? 1179 HOH A O     1 
HETATM 1144 O O     . HOH D 4 .   ? -15.268 13.498  2.506   1.00 45.86  ? 1180 HOH A O     1 
HETATM 1145 O O     . HOH D 4 .   ? 7.520   9.272   10.326  1.00 37.20  ? 1181 HOH A O     1 
HETATM 1146 O O     . HOH D 4 .   ? -5.648  -11.480 -0.225  1.00 40.94  ? 1182 HOH A O     1 
HETATM 1147 O O     . HOH D 4 .   ? 0.755   11.217  5.018   1.00 45.11  ? 1183 HOH A O     1 
HETATM 1148 O O     . HOH D 4 .   ? 11.370  -2.623  -9.267  1.00 35.76  ? 1184 HOH A O     1 
HETATM 1149 O O     . HOH D 4 .   ? 3.044   7.166   -10.637 1.00 30.55  ? 1185 HOH A O     1 
HETATM 1150 O O     . HOH D 4 .   ? 4.878   14.308  1.180   1.00 51.89  ? 1186 HOH A O     1 
HETATM 1151 O O     . HOH D 4 .   ? -7.178  7.166   -21.859 0.50 50.71  ? 1187 HOH A O     1 
HETATM 1152 O O     . HOH D 4 .   ? 10.844  8.192   -8.585  1.00 46.32  ? 1188 HOH A O     1 
HETATM 1153 O O     . HOH D 4 .   ? -15.822 3.055   -7.263  1.00 31.06  ? 1189 HOH A O     1 
HETATM 1154 O O     . HOH D 4 .   ? -0.293  -5.943  -19.079 1.00 48.08  ? 1190 HOH A O     1 
# 
